data_1WI2
#
_entry.id   1WI2
#
_entity_poly.entity_id   1
_entity_poly.type   'polypeptide(L)'
_entity_poly.pdbx_seq_one_letter_code
;GSSGSSGNNELTQFLPRIVTLKKPPGAQLGFNIRGGKASQLGIFISKVIPDSDAHRAGLQEGDQVLAVNDVDFQDIEHSK
AVEILKTAREISMRVRFFSGPSSG
;
_entity_poly.pdbx_strand_id   A
#
# COMPACT_ATOMS: atom_id res chain seq x y z
N GLY A 1 -3.73 -10.94 -15.51
CA GLY A 1 -2.40 -11.49 -15.30
C GLY A 1 -1.62 -10.65 -14.29
N SER A 2 -0.39 -11.07 -14.05
CA SER A 2 0.48 -10.38 -13.11
C SER A 2 1.94 -10.71 -13.38
N SER A 3 2.75 -9.67 -13.46
CA SER A 3 4.17 -9.83 -13.72
C SER A 3 4.99 -8.98 -12.75
N GLY A 4 6.18 -9.48 -12.44
CA GLY A 4 7.06 -8.77 -11.53
C GLY A 4 8.52 -8.92 -11.95
N SER A 5 9.41 -8.45 -11.09
CA SER A 5 10.83 -8.53 -11.36
C SER A 5 11.52 -9.38 -10.28
N SER A 6 12.33 -10.32 -10.75
CA SER A 6 13.06 -11.20 -9.85
C SER A 6 14.55 -10.91 -9.91
N GLY A 7 15.24 -11.23 -8.82
CA GLY A 7 16.67 -11.01 -8.75
C GLY A 7 17.05 -10.39 -7.40
N ASN A 8 17.67 -9.22 -7.47
CA ASN A 8 18.08 -8.51 -6.27
C ASN A 8 18.34 -7.04 -6.61
N ASN A 9 17.74 -6.17 -5.82
CA ASN A 9 17.90 -4.74 -6.02
C ASN A 9 17.71 -4.01 -4.69
N GLU A 10 18.48 -2.95 -4.52
CA GLU A 10 18.41 -2.16 -3.29
C GLU A 10 18.99 -0.77 -3.53
N LEU A 11 18.15 0.11 -4.04
CA LEU A 11 18.56 1.47 -4.32
C LEU A 11 17.43 2.44 -3.93
N THR A 12 17.28 2.62 -2.63
CA THR A 12 16.24 3.51 -2.13
C THR A 12 16.60 4.97 -2.41
N GLN A 13 15.73 5.62 -3.17
CA GLN A 13 15.94 7.01 -3.54
C GLN A 13 14.60 7.73 -3.67
N PHE A 14 13.81 7.29 -4.62
CA PHE A 14 12.50 7.87 -4.86
C PHE A 14 11.61 6.93 -5.66
N LEU A 15 11.90 5.65 -5.54
CA LEU A 15 11.13 4.63 -6.25
C LEU A 15 10.07 4.05 -5.31
N PRO A 16 8.92 3.66 -5.91
CA PRO A 16 7.83 3.09 -5.15
C PRO A 16 8.13 1.65 -4.75
N ARG A 17 7.94 1.37 -3.47
CA ARG A 17 8.18 0.04 -2.95
C ARG A 17 6.91 -0.80 -3.00
N ILE A 18 7.07 -2.10 -2.79
CA ILE A 18 5.94 -3.02 -2.81
C ILE A 18 5.78 -3.64 -1.43
N VAL A 19 4.69 -3.29 -0.77
CA VAL A 19 4.40 -3.82 0.55
C VAL A 19 3.45 -5.01 0.43
N THR A 20 4.04 -6.19 0.42
CA THR A 20 3.26 -7.41 0.31
C THR A 20 3.02 -8.01 1.70
N LEU A 21 1.77 -8.43 1.92
CA LEU A 21 1.41 -9.02 3.19
C LEU A 21 0.99 -10.48 2.97
N LYS A 22 1.25 -11.30 3.98
CA LYS A 22 0.90 -12.71 3.91
C LYS A 22 -0.45 -12.93 4.60
N LYS A 23 -0.66 -12.17 5.67
CA LYS A 23 -1.89 -12.28 6.43
C LYS A 23 -2.05 -13.72 6.92
N PRO A 24 -1.95 -13.88 8.27
CA PRO A 24 -2.08 -15.19 8.88
C PRO A 24 -3.54 -15.63 8.91
N PRO A 25 -3.74 -16.94 9.25
CA PRO A 25 -5.07 -17.50 9.32
C PRO A 25 -5.80 -17.03 10.58
N GLY A 26 -6.70 -16.07 10.38
CA GLY A 26 -7.46 -15.52 11.48
C GLY A 26 -7.02 -14.09 11.81
N ALA A 27 -6.48 -13.42 10.80
CA ALA A 27 -6.02 -12.06 10.96
C ALA A 27 -7.06 -11.11 10.36
N GLN A 28 -6.73 -9.82 10.43
CA GLN A 28 -7.62 -8.79 9.89
C GLN A 28 -6.80 -7.59 9.44
N LEU A 29 -6.12 -7.75 8.32
CA LEU A 29 -5.30 -6.69 7.77
C LEU A 29 -4.24 -6.28 8.79
N GLY A 30 -4.65 -5.44 9.72
CA GLY A 30 -3.74 -4.97 10.75
C GLY A 30 -3.48 -3.47 10.62
N PHE A 31 -4.36 -2.82 9.87
CA PHE A 31 -4.24 -1.39 9.65
C PHE A 31 -5.50 -0.83 8.99
N ASN A 32 -5.65 0.48 9.09
CA ASN A 32 -6.80 1.16 8.51
C ASN A 32 -6.34 2.03 7.34
N ILE A 33 -7.32 2.53 6.59
CA ILE A 33 -7.02 3.37 5.45
C ILE A 33 -7.91 4.61 5.50
N ARG A 34 -7.31 5.75 5.16
CA ARG A 34 -8.03 7.00 5.16
C ARG A 34 -7.95 7.66 3.78
N GLY A 35 -8.70 8.75 3.63
CA GLY A 35 -8.73 9.48 2.38
C GLY A 35 -9.60 8.77 1.34
N GLY A 36 -10.67 9.44 0.94
CA GLY A 36 -11.58 8.89 -0.04
C GLY A 36 -13.03 9.01 0.43
N LYS A 37 -13.81 9.75 -0.35
CA LYS A 37 -15.21 9.95 -0.03
C LYS A 37 -16.02 10.03 -1.32
N ALA A 38 -15.63 10.96 -2.18
CA ALA A 38 -16.31 11.15 -3.45
C ALA A 38 -15.40 11.94 -4.40
N SER A 39 -14.83 13.01 -3.86
CA SER A 39 -13.94 13.86 -4.64
C SER A 39 -12.89 13.00 -5.35
N GLN A 40 -11.95 12.51 -4.56
CA GLN A 40 -10.88 11.67 -5.09
C GLN A 40 -9.89 11.30 -3.99
N LEU A 41 -9.31 12.33 -3.39
CA LEU A 41 -8.35 12.12 -2.32
C LEU A 41 -7.44 10.94 -2.68
N GLY A 42 -6.84 10.36 -1.65
CA GLY A 42 -5.95 9.23 -1.83
C GLY A 42 -6.07 8.25 -0.67
N ILE A 43 -5.58 7.04 -0.92
CA ILE A 43 -5.63 6.00 0.10
C ILE A 43 -4.26 5.91 0.79
N PHE A 44 -4.25 6.32 2.05
CA PHE A 44 -3.02 6.29 2.83
C PHE A 44 -3.18 5.41 4.07
N ILE A 45 -2.05 5.07 4.67
CA ILE A 45 -2.05 4.24 5.86
C ILE A 45 -2.57 5.06 7.04
N SER A 46 -3.87 5.00 7.24
CA SER A 46 -4.50 5.73 8.33
C SER A 46 -3.86 5.33 9.66
N LYS A 47 -3.96 4.04 9.97
CA LYS A 47 -3.40 3.51 11.19
C LYS A 47 -2.87 2.10 10.95
N VAL A 48 -1.86 1.74 11.73
CA VAL A 48 -1.26 0.42 11.61
C VAL A 48 -1.22 -0.25 12.98
N ILE A 49 -1.67 -1.50 13.01
CA ILE A 49 -1.69 -2.25 14.25
C ILE A 49 -0.25 -2.50 14.72
N PRO A 50 0.01 -2.13 16.00
CA PRO A 50 1.32 -2.30 16.59
C PRO A 50 1.59 -3.78 16.92
N ASP A 51 1.46 -4.61 15.89
CA ASP A 51 1.69 -6.04 16.05
C ASP A 51 0.96 -6.79 14.94
N SER A 52 1.19 -6.34 13.71
CA SER A 52 0.56 -6.96 12.55
C SER A 52 1.61 -7.23 11.48
N ASP A 53 1.14 -7.72 10.34
CA ASP A 53 2.02 -8.03 9.23
C ASP A 53 2.57 -6.73 8.65
N ALA A 54 1.70 -5.73 8.57
CA ALA A 54 2.07 -4.44 8.04
C ALA A 54 3.18 -3.84 8.91
N HIS A 55 2.90 -3.77 10.20
CA HIS A 55 3.87 -3.22 11.15
C HIS A 55 5.24 -3.84 10.89
N ARG A 56 5.22 -5.10 10.48
CA ARG A 56 6.46 -5.82 10.20
C ARG A 56 6.92 -5.53 8.77
N ALA A 57 5.95 -5.54 7.86
CA ALA A 57 6.24 -5.30 6.46
C ALA A 57 7.03 -3.98 6.33
N GLY A 58 6.88 -3.13 7.34
CA GLY A 58 7.56 -1.85 7.35
C GLY A 58 6.59 -0.72 6.99
N LEU A 59 5.35 -0.90 7.38
CA LEU A 59 4.32 0.09 7.11
C LEU A 59 4.41 1.21 8.15
N GLN A 60 4.15 2.42 7.69
CA GLN A 60 4.20 3.58 8.57
C GLN A 60 3.13 4.61 8.16
N GLU A 61 2.41 5.09 9.16
CA GLU A 61 1.36 6.08 8.92
C GLU A 61 1.87 7.17 7.98
N GLY A 62 1.50 7.04 6.72
CA GLY A 62 1.90 8.01 5.72
C GLY A 62 2.15 7.34 4.37
N ASP A 63 2.64 6.11 4.42
CA ASP A 63 2.92 5.35 3.23
C ASP A 63 1.68 5.34 2.34
N GLN A 64 1.67 6.23 1.36
CA GLN A 64 0.55 6.32 0.44
C GLN A 64 0.44 5.05 -0.40
N VAL A 65 -0.80 4.65 -0.65
CA VAL A 65 -1.06 3.46 -1.44
C VAL A 65 -1.41 3.86 -2.87
N LEU A 66 -0.41 3.81 -3.73
CA LEU A 66 -0.59 4.16 -5.13
C LEU A 66 -1.66 3.25 -5.74
N ALA A 67 -1.33 1.96 -5.81
CA ALA A 67 -2.24 0.98 -6.36
C ALA A 67 -2.25 -0.27 -5.49
N VAL A 68 -3.33 -1.02 -5.57
CA VAL A 68 -3.47 -2.23 -4.79
C VAL A 68 -3.88 -3.39 -5.72
N ASN A 69 -2.96 -4.33 -5.87
CA ASN A 69 -3.22 -5.49 -6.73
C ASN A 69 -3.54 -5.01 -8.15
N ASP A 70 -2.69 -4.11 -8.63
CA ASP A 70 -2.88 -3.56 -9.96
C ASP A 70 -3.88 -2.41 -9.91
N VAL A 71 -5.02 -2.69 -9.29
CA VAL A 71 -6.06 -1.69 -9.16
C VAL A 71 -5.48 -0.43 -8.54
N ASP A 72 -5.78 0.71 -9.17
CA ASP A 72 -5.30 1.99 -8.69
C ASP A 72 -6.12 2.42 -7.49
N PHE A 73 -5.45 3.07 -6.54
CA PHE A 73 -6.12 3.54 -5.35
C PHE A 73 -6.07 5.07 -5.26
N GLN A 74 -6.05 5.69 -6.43
CA GLN A 74 -6.01 7.15 -6.50
C GLN A 74 -7.42 7.72 -6.45
N ASP A 75 -8.35 6.96 -7.00
CA ASP A 75 -9.74 7.38 -7.02
C ASP A 75 -10.64 6.17 -6.74
N ILE A 76 -10.67 5.77 -5.48
CA ILE A 76 -11.48 4.63 -5.07
C ILE A 76 -12.12 4.94 -3.71
N GLU A 77 -13.24 4.26 -3.46
CA GLU A 77 -13.95 4.44 -2.21
C GLU A 77 -13.17 3.84 -1.05
N HIS A 78 -13.42 4.36 0.14
CA HIS A 78 -12.76 3.88 1.33
C HIS A 78 -13.13 2.42 1.58
N SER A 79 -14.43 2.16 1.55
CA SER A 79 -14.93 0.82 1.76
C SER A 79 -14.27 -0.15 0.78
N LYS A 80 -14.16 0.30 -0.46
CA LYS A 80 -13.56 -0.52 -1.51
C LYS A 80 -12.10 -0.81 -1.13
N ALA A 81 -11.40 0.23 -0.71
CA ALA A 81 -10.01 0.10 -0.32
C ALA A 81 -9.91 -0.91 0.83
N VAL A 82 -10.88 -0.85 1.72
CA VAL A 82 -10.90 -1.75 2.86
C VAL A 82 -11.31 -3.15 2.40
N GLU A 83 -12.33 -3.18 1.55
CA GLU A 83 -12.82 -4.45 1.03
C GLU A 83 -11.73 -5.15 0.21
N ILE A 84 -11.29 -4.46 -0.83
CA ILE A 84 -10.26 -4.99 -1.70
C ILE A 84 -9.19 -5.68 -0.84
N LEU A 85 -8.47 -4.87 -0.08
CA LEU A 85 -7.43 -5.38 0.78
C LEU A 85 -7.91 -6.69 1.44
N LYS A 86 -9.02 -6.58 2.15
CA LYS A 86 -9.59 -7.73 2.83
C LYS A 86 -9.77 -8.87 1.82
N THR A 87 -10.79 -8.72 0.99
CA THR A 87 -11.08 -9.73 -0.03
C THR A 87 -9.79 -10.29 -0.61
N ALA A 88 -9.02 -9.41 -1.22
CA ALA A 88 -7.75 -9.80 -1.82
C ALA A 88 -7.02 -10.76 -0.87
N ARG A 89 -6.89 -12.00 -1.31
CA ARG A 89 -6.21 -13.02 -0.52
C ARG A 89 -4.81 -12.54 -0.14
N GLU A 90 -4.10 -12.03 -1.13
CA GLU A 90 -2.75 -11.53 -0.91
C GLU A 90 -2.67 -10.04 -1.21
N ILE A 91 -2.13 -9.30 -0.26
CA ILE A 91 -2.00 -7.87 -0.41
C ILE A 91 -0.68 -7.56 -1.12
N SER A 92 -0.78 -6.71 -2.14
CA SER A 92 0.40 -6.33 -2.90
C SER A 92 0.16 -4.96 -3.57
N MET A 93 0.19 -3.93 -2.74
CA MET A 93 -0.01 -2.57 -3.23
C MET A 93 1.32 -1.85 -3.41
N ARG A 94 1.26 -0.75 -4.16
CA ARG A 94 2.46 0.04 -4.41
C ARG A 94 2.46 1.29 -3.54
N VAL A 95 3.48 1.38 -2.70
CA VAL A 95 3.61 2.53 -1.81
C VAL A 95 4.89 3.27 -2.14
N ARG A 96 4.96 4.51 -1.67
CA ARG A 96 6.13 5.34 -1.90
C ARG A 96 6.20 6.47 -0.87
N PHE A 97 7.41 6.96 -0.65
CA PHE A 97 7.63 8.03 0.30
C PHE A 97 6.79 9.27 -0.07
N PHE A 98 5.95 9.67 0.86
CA PHE A 98 5.09 10.83 0.66
C PHE A 98 5.40 11.92 1.67
N SER A 99 6.69 12.20 1.85
CA SER A 99 7.11 13.23 2.79
C SER A 99 8.54 13.67 2.46
N GLY A 100 8.70 14.97 2.34
CA GLY A 100 10.01 15.53 2.03
C GLY A 100 10.90 15.57 3.27
N PRO A 101 12.17 15.99 3.06
CA PRO A 101 13.12 16.08 4.15
C PRO A 101 12.84 17.28 5.05
N SER A 102 11.64 17.30 5.61
CA SER A 102 11.24 18.38 6.48
C SER A 102 11.43 19.72 5.77
N SER A 103 10.35 20.20 5.18
CA SER A 103 10.39 21.46 4.47
C SER A 103 10.89 22.57 5.40
N GLY A 104 11.19 23.71 4.80
CA GLY A 104 11.67 24.86 5.56
C GLY A 104 13.05 25.30 5.07
N GLY A 1 5.06 -15.03 -29.93
CA GLY A 1 6.31 -15.36 -29.26
C GLY A 1 6.78 -14.19 -28.39
N SER A 2 6.66 -14.39 -27.09
CA SER A 2 7.08 -13.36 -26.13
C SER A 2 7.18 -13.97 -24.73
N SER A 3 8.40 -14.11 -24.27
CA SER A 3 8.66 -14.67 -22.95
C SER A 3 10.09 -14.38 -22.51
N GLY A 4 10.25 -14.17 -21.22
CA GLY A 4 11.57 -13.89 -20.67
C GLY A 4 11.71 -12.41 -20.30
N SER A 5 11.76 -12.16 -19.00
CA SER A 5 11.89 -10.80 -18.50
C SER A 5 12.34 -10.82 -17.04
N SER A 6 13.35 -10.00 -16.76
CA SER A 6 13.89 -9.92 -15.42
C SER A 6 14.23 -8.46 -15.08
N GLY A 7 14.50 -8.22 -13.80
CA GLY A 7 14.83 -6.89 -13.34
C GLY A 7 14.98 -6.85 -11.83
N ASN A 8 16.16 -7.25 -11.36
CA ASN A 8 16.43 -7.27 -9.94
C ASN A 8 17.74 -6.51 -9.67
N ASN A 9 17.64 -5.51 -8.81
CA ASN A 9 18.79 -4.70 -8.46
C ASN A 9 18.49 -3.91 -7.19
N GLU A 10 19.52 -3.75 -6.37
CA GLU A 10 19.39 -3.01 -5.13
C GLU A 10 19.84 -1.57 -5.31
N LEU A 11 18.98 -0.78 -5.92
CA LEU A 11 19.28 0.62 -6.17
C LEU A 11 18.05 1.47 -5.85
N THR A 12 17.73 1.54 -4.56
CA THR A 12 16.58 2.30 -4.11
C THR A 12 16.97 3.76 -3.90
N GLN A 13 16.19 4.65 -4.51
CA GLN A 13 16.45 6.07 -4.40
C GLN A 13 15.16 6.86 -4.68
N PHE A 14 14.48 6.46 -5.75
CA PHE A 14 13.25 7.11 -6.14
C PHE A 14 12.30 6.13 -6.85
N LEU A 15 12.35 4.89 -6.38
CA LEU A 15 11.50 3.85 -6.95
C LEU A 15 10.41 3.48 -5.95
N PRO A 16 9.22 3.13 -6.50
CA PRO A 16 8.09 2.75 -5.66
C PRO A 16 8.28 1.33 -5.11
N ARG A 17 8.01 1.20 -3.81
CA ARG A 17 8.15 -0.09 -3.15
C ARG A 17 6.81 -0.84 -3.17
N ILE A 18 6.91 -2.15 -3.01
CA ILE A 18 5.72 -2.99 -3.01
C ILE A 18 5.57 -3.65 -1.64
N VAL A 19 4.49 -3.30 -0.96
CA VAL A 19 4.22 -3.84 0.36
C VAL A 19 3.34 -5.09 0.22
N THR A 20 4.00 -6.24 0.20
CA THR A 20 3.29 -7.51 0.08
C THR A 20 3.03 -8.11 1.46
N LEU A 21 1.79 -8.55 1.65
CA LEU A 21 1.39 -9.15 2.91
C LEU A 21 0.67 -10.47 2.65
N LYS A 22 0.76 -11.36 3.60
CA LYS A 22 0.10 -12.66 3.49
C LYS A 22 -0.84 -12.87 4.67
N LYS A 23 -2.13 -12.72 4.39
CA LYS A 23 -3.15 -12.90 5.42
C LYS A 23 -3.41 -14.38 5.62
N PRO A 24 -3.06 -14.86 6.84
CA PRO A 24 -3.26 -16.26 7.18
C PRO A 24 -4.73 -16.56 7.45
N PRO A 25 -5.05 -17.88 7.54
CA PRO A 25 -6.42 -18.31 7.79
C PRO A 25 -6.80 -18.08 9.25
N GLY A 26 -7.51 -16.99 9.48
CA GLY A 26 -7.95 -16.66 10.82
C GLY A 26 -7.21 -15.42 11.34
N ALA A 27 -6.82 -14.56 10.41
CA ALA A 27 -6.10 -13.35 10.77
C ALA A 27 -6.93 -12.13 10.36
N GLN A 28 -6.30 -10.97 10.43
CA GLN A 28 -6.97 -9.74 10.07
C GLN A 28 -5.99 -8.77 9.39
N LEU A 29 -6.55 -7.79 8.71
CA LEU A 29 -5.74 -6.80 8.02
C LEU A 29 -4.52 -6.46 8.88
N GLY A 30 -4.75 -5.59 9.85
CA GLY A 30 -3.68 -5.17 10.74
C GLY A 30 -3.42 -3.67 10.62
N PHE A 31 -4.28 -3.01 9.85
CA PHE A 31 -4.15 -1.58 9.63
C PHE A 31 -5.45 -1.00 9.08
N ASN A 32 -5.62 0.30 9.30
CA ASN A 32 -6.80 0.99 8.82
C ASN A 32 -6.43 1.89 7.64
N ILE A 33 -7.34 1.98 6.69
CA ILE A 33 -7.12 2.80 5.51
C ILE A 33 -8.01 4.03 5.58
N ARG A 34 -7.49 5.12 5.03
CA ARG A 34 -8.22 6.38 5.03
C ARG A 34 -8.04 7.10 3.69
N GLY A 35 -8.71 8.24 3.57
CA GLY A 35 -8.63 9.03 2.35
C GLY A 35 -9.77 8.68 1.40
N GLY A 36 -9.66 9.19 0.18
CA GLY A 36 -10.67 8.94 -0.83
C GLY A 36 -12.08 8.93 -0.22
N LYS A 37 -12.65 10.12 -0.12
CA LYS A 37 -13.98 10.26 0.45
C LYS A 37 -15.01 10.19 -0.67
N ALA A 38 -14.87 11.09 -1.63
CA ALA A 38 -15.78 11.14 -2.76
C ALA A 38 -15.09 11.80 -3.95
N SER A 39 -14.77 13.07 -3.78
CA SER A 39 -14.10 13.82 -4.83
C SER A 39 -13.06 12.94 -5.53
N GLN A 40 -11.85 12.98 -5.01
CA GLN A 40 -10.77 12.19 -5.56
C GLN A 40 -9.79 11.78 -4.47
N LEU A 41 -9.06 12.76 -3.97
CA LEU A 41 -8.09 12.51 -2.92
C LEU A 41 -7.33 11.22 -3.22
N GLY A 42 -6.70 10.68 -2.19
CA GLY A 42 -5.95 9.45 -2.34
C GLY A 42 -6.10 8.56 -1.10
N ILE A 43 -5.55 7.36 -1.20
CA ILE A 43 -5.61 6.40 -0.10
C ILE A 43 -4.28 6.39 0.63
N PHE A 44 -4.36 6.32 1.96
CA PHE A 44 -3.17 6.30 2.79
C PHE A 44 -3.38 5.41 4.02
N ILE A 45 -2.26 5.01 4.62
CA ILE A 45 -2.31 4.17 5.81
C ILE A 45 -2.80 5.00 6.99
N SER A 46 -4.06 4.80 7.33
CA SER A 46 -4.67 5.51 8.45
C SER A 46 -3.98 5.11 9.75
N LYS A 47 -4.04 3.81 10.04
CA LYS A 47 -3.44 3.29 11.25
C LYS A 47 -2.88 1.89 10.98
N VAL A 48 -1.89 1.52 11.76
CA VAL A 48 -1.27 0.20 11.61
C VAL A 48 -1.14 -0.45 12.99
N ILE A 49 -1.43 -1.74 13.02
CA ILE A 49 -1.36 -2.49 14.25
C ILE A 49 0.10 -2.57 14.72
N PRO A 50 0.33 -2.12 15.98
CA PRO A 50 1.66 -2.14 16.55
C PRO A 50 2.08 -3.56 16.94
N ASP A 51 2.03 -4.45 15.96
CA ASP A 51 2.40 -5.84 16.18
C ASP A 51 1.71 -6.72 15.15
N SER A 52 1.78 -6.27 13.89
CA SER A 52 1.18 -7.00 12.80
C SER A 52 2.20 -7.24 11.69
N ASP A 53 1.72 -7.78 10.58
CA ASP A 53 2.59 -8.05 9.45
C ASP A 53 2.87 -6.75 8.70
N ALA A 54 1.88 -5.87 8.69
CA ALA A 54 2.01 -4.59 8.01
C ALA A 54 3.12 -3.79 8.68
N HIS A 55 3.07 -3.74 10.01
CA HIS A 55 4.06 -3.01 10.78
C HIS A 55 5.46 -3.47 10.38
N ARG A 56 5.59 -4.78 10.21
CA ARG A 56 6.86 -5.37 9.84
C ARG A 56 7.12 -5.15 8.34
N ALA A 57 6.08 -5.39 7.55
CA ALA A 57 6.17 -5.23 6.11
C ALA A 57 6.89 -3.92 5.80
N GLY A 58 6.73 -2.96 6.69
CA GLY A 58 7.35 -1.66 6.52
C GLY A 58 6.29 -0.57 6.32
N LEU A 59 5.11 -0.84 6.84
CA LEU A 59 4.00 0.12 6.73
C LEU A 59 4.14 1.17 7.83
N GLN A 60 3.78 2.39 7.47
CA GLN A 60 3.85 3.50 8.42
C GLN A 60 2.66 4.45 8.22
N GLU A 61 2.21 5.03 9.31
CA GLU A 61 1.09 5.96 9.27
C GLU A 61 1.45 7.18 8.43
N GLY A 62 0.92 7.20 7.22
CA GLY A 62 1.18 8.30 6.30
C GLY A 62 1.87 7.81 5.03
N ASP A 63 1.50 6.62 4.61
CA ASP A 63 2.07 6.03 3.41
C ASP A 63 1.02 6.05 2.29
N GLN A 64 1.37 6.76 1.22
CA GLN A 64 0.48 6.86 0.08
C GLN A 64 0.41 5.52 -0.68
N VAL A 65 -0.81 5.05 -0.88
CA VAL A 65 -1.01 3.79 -1.57
C VAL A 65 -1.32 4.07 -3.05
N LEU A 66 -0.28 3.95 -3.86
CA LEU A 66 -0.42 4.18 -5.30
C LEU A 66 -1.51 3.25 -5.85
N ALA A 67 -1.20 1.96 -5.80
CA ALA A 67 -2.13 0.96 -6.31
C ALA A 67 -2.17 -0.22 -5.33
N VAL A 68 -3.29 -0.92 -5.35
CA VAL A 68 -3.47 -2.08 -4.49
C VAL A 68 -3.87 -3.29 -5.32
N ASN A 69 -3.03 -4.31 -5.26
CA ASN A 69 -3.29 -5.54 -6.01
C ASN A 69 -3.34 -5.21 -7.50
N ASP A 70 -2.63 -4.16 -7.87
CA ASP A 70 -2.60 -3.73 -9.26
C ASP A 70 -3.88 -2.98 -9.59
N VAL A 71 -4.50 -2.43 -8.55
CA VAL A 71 -5.73 -1.68 -8.71
C VAL A 71 -5.48 -0.21 -8.36
N ASP A 72 -5.77 0.65 -9.32
CA ASP A 72 -5.58 2.08 -9.13
C ASP A 72 -6.37 2.53 -7.90
N PHE A 73 -5.63 2.90 -6.87
CA PHE A 73 -6.24 3.35 -5.63
C PHE A 73 -6.29 4.89 -5.58
N GLN A 74 -5.37 5.50 -6.31
CA GLN A 74 -5.30 6.95 -6.34
C GLN A 74 -6.70 7.56 -6.40
N ASP A 75 -7.62 6.80 -6.98
CA ASP A 75 -9.00 7.24 -7.10
C ASP A 75 -9.93 6.07 -6.80
N ILE A 76 -10.01 5.73 -5.51
CA ILE A 76 -10.86 4.64 -5.08
C ILE A 76 -11.61 5.06 -3.81
N GLU A 77 -12.67 4.33 -3.51
CA GLU A 77 -13.48 4.61 -2.34
C GLU A 77 -12.95 3.84 -1.14
N HIS A 78 -12.96 4.51 0.01
CA HIS A 78 -12.49 3.90 1.24
C HIS A 78 -13.10 2.51 1.39
N SER A 79 -14.42 2.47 1.43
CA SER A 79 -15.14 1.21 1.58
C SER A 79 -14.56 0.18 0.60
N LYS A 80 -14.42 0.60 -0.65
CA LYS A 80 -13.89 -0.27 -1.68
C LYS A 80 -12.48 -0.72 -1.28
N ALA A 81 -11.69 0.25 -0.85
CA ALA A 81 -10.32 -0.04 -0.45
C ALA A 81 -10.32 -1.13 0.63
N VAL A 82 -11.12 -0.87 1.67
CA VAL A 82 -11.22 -1.81 2.77
C VAL A 82 -11.61 -3.19 2.22
N GLU A 83 -12.65 -3.18 1.39
CA GLU A 83 -13.14 -4.42 0.81
C GLU A 83 -12.03 -5.09 -0.01
N ILE A 84 -11.58 -4.38 -1.03
CA ILE A 84 -10.52 -4.91 -1.90
C ILE A 84 -9.48 -5.62 -1.03
N LEU A 85 -8.87 -4.84 -0.14
CA LEU A 85 -7.85 -5.37 0.75
C LEU A 85 -8.33 -6.70 1.33
N LYS A 86 -9.44 -6.63 2.05
CA LYS A 86 -10.01 -7.82 2.67
C LYS A 86 -10.09 -8.94 1.63
N THR A 87 -11.03 -8.78 0.71
CA THR A 87 -11.21 -9.77 -0.35
C THR A 87 -9.86 -10.30 -0.82
N ALA A 88 -9.08 -9.41 -1.39
CA ALA A 88 -7.76 -9.77 -1.89
C ALA A 88 -7.07 -10.68 -0.89
N ARG A 89 -7.01 -11.96 -1.23
CA ARG A 89 -6.37 -12.95 -0.37
C ARG A 89 -4.96 -12.49 0.01
N GLU A 90 -4.29 -11.89 -0.96
CA GLU A 90 -2.93 -11.41 -0.74
C GLU A 90 -2.84 -9.92 -1.06
N ILE A 91 -2.34 -9.17 -0.09
CA ILE A 91 -2.19 -7.73 -0.26
C ILE A 91 -0.86 -7.43 -0.95
N SER A 92 -0.95 -6.72 -2.06
CA SER A 92 0.24 -6.36 -2.82
C SER A 92 0.06 -4.98 -3.46
N MET A 93 0.07 -3.97 -2.61
CA MET A 93 -0.09 -2.60 -3.08
C MET A 93 1.27 -1.91 -3.24
N ARG A 94 1.24 -0.77 -3.90
CA ARG A 94 2.46 0.00 -4.12
C ARG A 94 2.40 1.31 -3.33
N VAL A 95 3.36 1.45 -2.43
CA VAL A 95 3.44 2.65 -1.60
C VAL A 95 4.72 3.41 -1.92
N ARG A 96 4.79 4.64 -1.44
CA ARG A 96 5.96 5.47 -1.67
C ARG A 96 5.95 6.67 -0.72
N PHE A 97 7.08 6.87 -0.06
CA PHE A 97 7.22 7.97 0.87
C PHE A 97 6.73 9.28 0.25
N PHE A 98 5.66 9.81 0.84
CA PHE A 98 5.08 11.06 0.36
C PHE A 98 5.35 12.21 1.34
N SER A 99 6.63 12.47 1.57
CA SER A 99 7.03 13.53 2.47
C SER A 99 8.55 13.62 2.54
N GLY A 100 9.18 12.45 2.48
CA GLY A 100 10.63 12.39 2.54
C GLY A 100 11.09 11.20 3.40
N PRO A 101 12.24 11.43 4.11
CA PRO A 101 12.80 10.40 4.96
C PRO A 101 11.98 10.27 6.26
N SER A 102 12.31 9.23 7.01
CA SER A 102 11.62 8.98 8.27
C SER A 102 12.49 8.11 9.19
N SER A 103 12.66 8.60 10.40
CA SER A 103 13.47 7.88 11.39
C SER A 103 13.27 8.47 12.78
N GLY A 104 13.76 7.76 13.77
CA GLY A 104 13.63 8.21 15.15
C GLY A 104 13.08 7.09 16.04
N GLY A 1 12.63 -11.35 -39.70
CA GLY A 1 13.29 -11.93 -38.55
C GLY A 1 12.94 -11.15 -37.27
N SER A 2 13.59 -11.55 -36.19
CA SER A 2 13.36 -10.90 -34.90
C SER A 2 14.62 -10.20 -34.43
N SER A 3 14.55 -8.87 -34.38
CA SER A 3 15.67 -8.07 -33.95
C SER A 3 15.80 -8.11 -32.43
N GLY A 4 16.94 -7.63 -31.95
CA GLY A 4 17.20 -7.62 -30.52
C GLY A 4 17.12 -6.19 -29.96
N SER A 5 18.28 -5.63 -29.68
CA SER A 5 18.35 -4.28 -29.15
C SER A 5 17.56 -4.20 -27.83
N SER A 6 18.31 -4.13 -26.74
CA SER A 6 17.69 -4.05 -25.43
C SER A 6 17.12 -2.65 -25.20
N GLY A 7 15.90 -2.62 -24.70
CA GLY A 7 15.23 -1.36 -24.43
C GLY A 7 15.55 -0.85 -23.02
N ASN A 8 15.88 0.43 -22.95
CA ASN A 8 16.21 1.05 -21.67
C ASN A 8 15.47 2.38 -21.55
N ASN A 9 15.15 2.73 -20.31
CA ASN A 9 14.44 3.98 -20.05
C ASN A 9 15.18 4.75 -18.96
N GLU A 10 14.97 6.06 -18.96
CA GLU A 10 15.61 6.93 -17.98
C GLU A 10 14.62 7.28 -16.86
N LEU A 11 14.37 6.32 -15.99
CA LEU A 11 13.45 6.52 -14.88
C LEU A 11 13.94 5.72 -13.68
N THR A 12 14.99 6.24 -13.05
CA THR A 12 15.56 5.60 -11.88
C THR A 12 16.15 6.63 -10.92
N GLN A 13 15.44 6.88 -9.84
CA GLN A 13 15.87 7.85 -8.85
C GLN A 13 15.27 7.53 -7.48
N PHE A 14 13.98 7.23 -7.50
CA PHE A 14 13.27 6.90 -6.27
C PHE A 14 12.03 6.05 -6.57
N LEU A 15 12.26 4.99 -7.34
CA LEU A 15 11.18 4.09 -7.69
C LEU A 15 10.37 3.74 -6.44
N PRO A 16 9.10 3.31 -6.68
CA PRO A 16 8.22 2.94 -5.57
C PRO A 16 8.61 1.58 -4.99
N ARG A 17 7.72 1.05 -4.17
CA ARG A 17 7.97 -0.25 -3.54
C ARG A 17 6.67 -1.05 -3.47
N ILE A 18 6.82 -2.37 -3.48
CA ILE A 18 5.68 -3.25 -3.42
C ILE A 18 5.64 -3.94 -2.05
N VAL A 19 4.76 -3.42 -1.19
CA VAL A 19 4.62 -3.96 0.15
C VAL A 19 3.51 -5.02 0.15
N THR A 20 3.94 -6.27 0.03
CA THR A 20 3.00 -7.38 0.02
C THR A 20 2.87 -7.99 1.41
N LEU A 21 1.64 -8.33 1.76
CA LEU A 21 1.36 -8.93 3.06
C LEU A 21 1.03 -10.41 2.88
N LYS A 22 1.24 -11.16 3.95
CA LYS A 22 0.95 -12.59 3.92
C LYS A 22 -0.44 -12.84 4.50
N LYS A 23 -0.76 -12.08 5.54
CA LYS A 23 -2.05 -12.21 6.19
C LYS A 23 -2.24 -13.65 6.67
N PRO A 24 -2.21 -13.82 8.01
CA PRO A 24 -2.38 -15.13 8.60
C PRO A 24 -3.83 -15.59 8.54
N PRO A 25 -4.05 -16.89 8.87
CA PRO A 25 -5.38 -17.46 8.87
C PRO A 25 -6.19 -16.98 10.06
N GLY A 26 -7.14 -16.09 9.79
CA GLY A 26 -7.99 -15.55 10.83
C GLY A 26 -7.50 -14.17 11.27
N ALA A 27 -6.89 -13.46 10.33
CA ALA A 27 -6.38 -12.13 10.61
C ALA A 27 -7.40 -11.08 10.13
N GLN A 28 -6.97 -9.83 10.18
CA GLN A 28 -7.83 -8.74 9.76
C GLN A 28 -6.99 -7.54 9.31
N LEU A 29 -6.32 -7.73 8.18
CA LEU A 29 -5.48 -6.68 7.63
C LEU A 29 -4.37 -6.34 8.63
N GLY A 30 -4.72 -5.52 9.61
CA GLY A 30 -3.77 -5.13 10.63
C GLY A 30 -3.48 -3.63 10.56
N PHE A 31 -4.31 -2.94 9.79
CA PHE A 31 -4.16 -1.50 9.63
C PHE A 31 -5.44 -0.87 9.06
N ASN A 32 -5.55 0.43 9.24
CA ASN A 32 -6.70 1.16 8.76
C ASN A 32 -6.32 1.94 7.50
N ILE A 33 -7.34 2.24 6.69
CA ILE A 33 -7.12 2.98 5.46
C ILE A 33 -8.00 4.23 5.46
N ARG A 34 -7.38 5.35 5.13
CA ARG A 34 -8.08 6.61 5.09
C ARG A 34 -7.93 7.27 3.72
N GLY A 35 -8.63 8.38 3.53
CA GLY A 35 -8.56 9.10 2.28
C GLY A 35 -9.54 8.52 1.26
N GLY A 36 -10.11 9.40 0.45
CA GLY A 36 -11.06 8.99 -0.57
C GLY A 36 -12.49 8.98 -0.02
N LYS A 37 -13.42 9.41 -0.86
CA LYS A 37 -14.81 9.46 -0.47
C LYS A 37 -15.67 9.67 -1.72
N ALA A 38 -15.65 10.90 -2.21
CA ALA A 38 -16.42 11.25 -3.39
C ALA A 38 -15.49 11.83 -4.46
N SER A 39 -14.85 12.93 -4.10
CA SER A 39 -13.92 13.59 -5.00
C SER A 39 -12.98 12.56 -5.63
N GLN A 40 -11.91 12.27 -4.90
CA GLN A 40 -10.93 11.32 -5.37
C GLN A 40 -9.85 11.09 -4.29
N LEU A 41 -9.15 12.15 -3.98
CA LEU A 41 -8.10 12.10 -2.97
C LEU A 41 -7.24 10.84 -3.21
N GLY A 42 -6.61 10.39 -2.15
CA GLY A 42 -5.76 9.21 -2.23
C GLY A 42 -5.86 8.38 -0.96
N ILE A 43 -5.47 7.12 -1.08
CA ILE A 43 -5.51 6.20 0.05
C ILE A 43 -4.16 6.25 0.78
N PHE A 44 -4.25 6.34 2.11
CA PHE A 44 -3.06 6.40 2.94
C PHE A 44 -3.20 5.50 4.16
N ILE A 45 -2.06 5.09 4.70
CA ILE A 45 -2.05 4.23 5.87
C ILE A 45 -2.52 5.02 7.08
N SER A 46 -3.83 4.98 7.31
CA SER A 46 -4.42 5.69 8.42
C SER A 46 -3.75 5.27 9.73
N LYS A 47 -3.83 3.97 10.00
CA LYS A 47 -3.24 3.42 11.21
C LYS A 47 -2.71 2.03 10.92
N VAL A 48 -1.78 1.59 11.76
CA VAL A 48 -1.18 0.28 11.60
C VAL A 48 -1.13 -0.42 12.96
N ILE A 49 -1.59 -1.66 12.96
CA ILE A 49 -1.61 -2.46 14.18
C ILE A 49 -0.17 -2.75 14.63
N PRO A 50 0.12 -2.40 15.90
CA PRO A 50 1.44 -2.61 16.46
C PRO A 50 1.67 -4.08 16.78
N ASP A 51 1.46 -4.91 15.77
CA ASP A 51 1.64 -6.36 15.93
C ASP A 51 0.97 -7.08 14.77
N SER A 52 1.17 -6.53 13.57
CA SER A 52 0.58 -7.11 12.37
C SER A 52 1.68 -7.36 11.34
N ASP A 53 1.25 -7.74 10.14
CA ASP A 53 2.17 -8.01 9.05
C ASP A 53 2.68 -6.69 8.48
N ALA A 54 1.77 -5.73 8.38
CA ALA A 54 2.13 -4.42 7.86
C ALA A 54 3.19 -3.78 8.75
N HIS A 55 2.98 -3.90 10.05
CA HIS A 55 3.90 -3.34 11.02
C HIS A 55 5.31 -3.88 10.75
N ARG A 56 5.36 -5.12 10.27
CA ARG A 56 6.63 -5.76 9.97
C ARG A 56 7.04 -5.48 8.52
N ALA A 57 6.03 -5.40 7.67
CA ALA A 57 6.27 -5.13 6.26
C ALA A 57 7.04 -3.81 6.12
N GLY A 58 7.00 -3.02 7.17
CA GLY A 58 7.69 -1.75 7.18
C GLY A 58 6.71 -0.59 6.90
N LEU A 59 5.47 -0.81 7.30
CA LEU A 59 4.44 0.20 7.11
C LEU A 59 4.52 1.24 8.23
N GLN A 60 4.26 2.48 7.85
CA GLN A 60 4.30 3.58 8.81
C GLN A 60 3.24 4.62 8.46
N GLU A 61 2.57 5.10 9.50
CA GLU A 61 1.53 6.11 9.32
C GLU A 61 2.07 7.26 8.47
N GLY A 62 1.69 7.24 7.20
CA GLY A 62 2.11 8.28 6.27
C GLY A 62 2.69 7.66 4.99
N ASP A 63 1.98 6.66 4.48
CA ASP A 63 2.40 5.99 3.26
C ASP A 63 1.26 6.02 2.25
N GLN A 64 1.44 6.84 1.22
CA GLN A 64 0.44 6.96 0.18
C GLN A 64 0.34 5.66 -0.63
N VAL A 65 -0.87 5.14 -0.72
CA VAL A 65 -1.10 3.91 -1.45
C VAL A 65 -1.45 4.24 -2.90
N LEU A 66 -0.46 4.09 -3.77
CA LEU A 66 -0.64 4.38 -5.18
C LEU A 66 -1.69 3.41 -5.75
N ALA A 67 -1.34 2.14 -5.74
CA ALA A 67 -2.23 1.11 -6.26
C ALA A 67 -2.29 -0.05 -5.27
N VAL A 68 -3.26 -0.92 -5.49
CA VAL A 68 -3.44 -2.08 -4.63
C VAL A 68 -3.81 -3.30 -5.48
N ASN A 69 -3.05 -4.37 -5.30
CA ASN A 69 -3.29 -5.59 -6.04
C ASN A 69 -3.55 -5.25 -7.51
N ASP A 70 -2.68 -4.42 -8.05
CA ASP A 70 -2.80 -4.00 -9.44
C ASP A 70 -3.81 -2.86 -9.54
N VAL A 71 -4.98 -3.09 -8.96
CA VAL A 71 -6.04 -2.09 -8.98
C VAL A 71 -5.49 -0.77 -8.45
N ASP A 72 -5.82 0.30 -9.15
CA ASP A 72 -5.37 1.62 -8.76
C ASP A 72 -6.20 2.11 -7.57
N PHE A 73 -5.54 2.85 -6.70
CA PHE A 73 -6.20 3.39 -5.52
C PHE A 73 -6.20 4.91 -5.53
N GLN A 74 -5.46 5.47 -6.48
CA GLN A 74 -5.37 6.91 -6.62
C GLN A 74 -6.77 7.53 -6.62
N ASP A 75 -7.75 6.72 -6.98
CA ASP A 75 -9.12 7.18 -7.02
C ASP A 75 -10.06 6.00 -6.73
N ILE A 76 -10.00 5.54 -5.49
CA ILE A 76 -10.84 4.42 -5.07
C ILE A 76 -11.59 4.81 -3.80
N GLU A 77 -12.70 4.13 -3.58
CA GLU A 77 -13.53 4.39 -2.41
C GLU A 77 -12.92 3.72 -1.18
N HIS A 78 -13.05 4.41 -0.05
CA HIS A 78 -12.53 3.91 1.20
C HIS A 78 -13.01 2.48 1.42
N SER A 79 -14.33 2.33 1.44
CA SER A 79 -14.95 1.03 1.65
C SER A 79 -14.41 0.04 0.61
N LYS A 80 -14.27 0.52 -0.62
CA LYS A 80 -13.78 -0.31 -1.69
C LYS A 80 -12.36 -0.79 -1.36
N ALA A 81 -11.56 0.15 -0.86
CA ALA A 81 -10.19 -0.16 -0.49
C ALA A 81 -10.19 -1.16 0.66
N VAL A 82 -11.14 -0.99 1.56
CA VAL A 82 -11.26 -1.88 2.71
C VAL A 82 -11.64 -3.27 2.23
N GLU A 83 -12.62 -3.31 1.33
CA GLU A 83 -13.10 -4.57 0.79
C GLU A 83 -11.98 -5.27 0.02
N ILE A 84 -11.53 -4.61 -1.04
CA ILE A 84 -10.47 -5.15 -1.87
C ILE A 84 -9.41 -5.79 -0.98
N LEU A 85 -8.72 -4.94 -0.23
CA LEU A 85 -7.68 -5.41 0.67
C LEU A 85 -8.15 -6.70 1.37
N LYS A 86 -9.17 -6.54 2.19
CA LYS A 86 -9.71 -7.68 2.93
C LYS A 86 -9.86 -8.87 1.97
N THR A 87 -10.87 -8.78 1.12
CA THR A 87 -11.12 -9.84 0.15
C THR A 87 -9.81 -10.41 -0.38
N ALA A 88 -9.03 -9.52 -0.99
CA ALA A 88 -7.74 -9.91 -1.55
C ALA A 88 -6.94 -10.68 -0.49
N ARG A 89 -6.83 -11.98 -0.71
CA ARG A 89 -6.09 -12.83 0.21
C ARG A 89 -4.69 -12.26 0.46
N GLU A 90 -4.10 -11.74 -0.60
CA GLU A 90 -2.77 -11.16 -0.50
C GLU A 90 -2.80 -9.70 -0.94
N ILE A 91 -2.30 -8.84 -0.07
CA ILE A 91 -2.26 -7.41 -0.35
C ILE A 91 -1.02 -7.10 -1.19
N SER A 92 -1.20 -6.21 -2.15
CA SER A 92 -0.11 -5.81 -3.02
C SER A 92 -0.28 -4.35 -3.44
N MET A 93 0.07 -3.46 -2.53
CA MET A 93 -0.05 -2.03 -2.80
C MET A 93 1.33 -1.40 -2.97
N ARG A 94 1.38 -0.38 -3.80
CA ARG A 94 2.62 0.32 -4.06
C ARG A 94 2.65 1.66 -3.33
N VAL A 95 3.49 1.72 -2.29
CA VAL A 95 3.60 2.93 -1.50
C VAL A 95 4.86 3.69 -1.93
N ARG A 96 4.90 4.96 -1.54
CA ARG A 96 6.03 5.81 -1.88
C ARG A 96 6.11 6.99 -0.91
N PHE A 97 7.34 7.28 -0.49
CA PHE A 97 7.56 8.38 0.44
C PHE A 97 6.81 9.63 0.00
N PHE A 98 5.63 9.80 0.56
CA PHE A 98 4.80 10.94 0.23
C PHE A 98 5.14 12.14 1.12
N SER A 99 6.38 12.57 1.00
CA SER A 99 6.87 13.71 1.78
C SER A 99 8.28 14.09 1.34
N GLY A 100 8.37 15.25 0.69
CA GLY A 100 9.65 15.73 0.22
C GLY A 100 10.54 16.17 1.38
N PRO A 101 11.33 17.25 1.14
CA PRO A 101 12.23 17.76 2.16
C PRO A 101 11.45 18.54 3.23
N SER A 102 10.99 17.80 4.23
CA SER A 102 10.24 18.40 5.32
C SER A 102 8.82 18.74 4.85
N SER A 103 7.87 17.93 5.28
CA SER A 103 6.48 18.13 4.91
C SER A 103 5.91 19.35 5.65
N GLY A 104 5.79 20.44 4.92
CA GLY A 104 5.28 21.67 5.49
C GLY A 104 6.14 22.14 6.67
N GLY A 1 16.30 -8.15 -37.38
CA GLY A 1 16.73 -6.94 -36.68
C GLY A 1 16.94 -7.22 -35.19
N SER A 2 18.02 -6.66 -34.67
CA SER A 2 18.35 -6.84 -33.26
C SER A 2 19.59 -6.00 -32.90
N SER A 3 19.53 -5.40 -31.72
CA SER A 3 20.63 -4.58 -31.25
C SER A 3 20.39 -4.15 -29.80
N GLY A 4 21.46 -3.76 -29.14
CA GLY A 4 21.38 -3.33 -27.75
C GLY A 4 21.97 -4.39 -26.82
N SER A 5 22.47 -3.92 -25.69
CA SER A 5 23.06 -4.81 -24.71
C SER A 5 23.07 -4.14 -23.33
N SER A 6 22.21 -4.65 -22.46
CA SER A 6 22.09 -4.12 -21.12
C SER A 6 21.07 -4.92 -20.31
N GLY A 7 21.11 -4.72 -19.01
CA GLY A 7 20.19 -5.43 -18.12
C GLY A 7 20.64 -5.31 -16.66
N ASN A 8 19.67 -5.19 -15.77
CA ASN A 8 19.95 -5.07 -14.36
C ASN A 8 20.76 -3.79 -14.11
N ASN A 9 20.12 -2.84 -13.45
CA ASN A 9 20.76 -1.58 -13.15
C ASN A 9 20.58 -1.27 -11.66
N GLU A 10 19.33 -1.09 -11.27
CA GLU A 10 19.01 -0.79 -9.89
C GLU A 10 19.47 0.63 -9.53
N LEU A 11 18.98 1.58 -10.31
CA LEU A 11 19.32 2.97 -10.09
C LEU A 11 18.27 3.62 -9.18
N THR A 12 18.02 2.95 -8.05
CA THR A 12 17.05 3.44 -7.09
C THR A 12 17.45 4.84 -6.59
N GLN A 13 16.43 5.61 -6.23
CA GLN A 13 16.67 6.96 -5.74
C GLN A 13 15.34 7.61 -5.35
N PHE A 14 14.31 7.30 -6.12
CA PHE A 14 12.99 7.84 -5.87
C PHE A 14 11.90 6.97 -6.49
N LEU A 15 12.18 5.67 -6.51
CA LEU A 15 11.23 4.72 -7.07
C LEU A 15 10.31 4.21 -5.97
N PRO A 16 9.12 3.71 -6.40
CA PRO A 16 8.14 3.19 -5.46
C PRO A 16 8.57 1.81 -4.94
N ARG A 17 7.74 1.27 -4.05
CA ARG A 17 8.01 -0.04 -3.48
C ARG A 17 6.73 -0.84 -3.34
N ILE A 18 6.88 -2.16 -3.34
CA ILE A 18 5.74 -3.05 -3.21
C ILE A 18 5.70 -3.64 -1.80
N VAL A 19 4.51 -3.65 -1.22
CA VAL A 19 4.33 -4.19 0.12
C VAL A 19 3.32 -5.33 0.07
N THR A 20 3.86 -6.54 0.00
CA THR A 20 3.01 -7.72 -0.06
C THR A 20 2.82 -8.30 1.36
N LEU A 21 1.55 -8.50 1.71
CA LEU A 21 1.23 -9.05 3.01
C LEU A 21 0.68 -10.46 2.84
N LYS A 22 0.56 -11.16 3.97
CA LYS A 22 0.06 -12.51 3.97
C LYS A 22 -1.32 -12.54 4.63
N LYS A 23 -1.39 -11.96 5.81
CA LYS A 23 -2.64 -11.91 6.56
C LYS A 23 -3.10 -13.34 6.85
N PRO A 24 -3.19 -13.65 8.18
CA PRO A 24 -3.62 -14.97 8.61
C PRO A 24 -5.13 -15.14 8.43
N PRO A 25 -5.59 -16.40 8.64
CA PRO A 25 -7.00 -16.71 8.50
C PRO A 25 -7.79 -16.19 9.71
N GLY A 26 -8.53 -15.12 9.47
CA GLY A 26 -9.33 -14.52 10.52
C GLY A 26 -8.67 -13.25 11.05
N ALA A 27 -7.87 -12.64 10.21
CA ALA A 27 -7.17 -11.42 10.59
C ALA A 27 -8.03 -10.20 10.23
N GLN A 28 -7.66 -9.07 10.81
CA GLN A 28 -8.39 -7.83 10.55
C GLN A 28 -7.49 -6.82 9.86
N LEU A 29 -6.96 -7.23 8.71
CA LEU A 29 -6.07 -6.37 7.94
C LEU A 29 -4.81 -6.07 8.76
N GLY A 30 -4.96 -5.15 9.69
CA GLY A 30 -3.85 -4.77 10.55
C GLY A 30 -3.57 -3.27 10.44
N PHE A 31 -4.43 -2.59 9.70
CA PHE A 31 -4.28 -1.17 9.50
C PHE A 31 -5.57 -0.55 8.94
N ASN A 32 -5.63 0.77 8.99
CA ASN A 32 -6.79 1.49 8.48
C ASN A 32 -6.37 2.41 7.33
N ILE A 33 -7.26 2.56 6.37
CA ILE A 33 -7.00 3.41 5.23
C ILE A 33 -7.77 4.72 5.37
N ARG A 34 -7.27 5.74 4.71
CA ARG A 34 -7.90 7.06 4.75
C ARG A 34 -7.55 7.86 3.50
N GLY A 35 -8.37 8.86 3.22
CA GLY A 35 -8.17 9.70 2.06
C GLY A 35 -8.52 8.95 0.78
N GLY A 36 -8.84 9.73 -0.25
CA GLY A 36 -9.20 9.16 -1.54
C GLY A 36 -10.31 9.97 -2.22
N LYS A 37 -10.03 11.25 -2.39
CA LYS A 37 -10.99 12.15 -3.02
C LYS A 37 -10.33 12.83 -4.21
N ALA A 38 -11.16 13.46 -5.03
CA ALA A 38 -10.68 14.15 -6.22
C ALA A 38 -10.24 15.57 -5.83
N SER A 39 -9.15 15.63 -5.08
CA SER A 39 -8.62 16.91 -4.64
C SER A 39 -7.12 16.78 -4.35
N GLN A 40 -6.42 16.12 -5.27
CA GLN A 40 -4.99 15.93 -5.12
C GLN A 40 -4.70 15.14 -3.84
N LEU A 41 -5.27 13.94 -3.77
CA LEU A 41 -5.08 13.09 -2.61
C LEU A 41 -5.16 11.62 -3.05
N GLY A 42 -5.44 10.77 -2.08
CA GLY A 42 -5.55 9.35 -2.35
C GLY A 42 -5.67 8.55 -1.05
N ILE A 43 -5.37 7.26 -1.15
CA ILE A 43 -5.43 6.38 0.00
C ILE A 43 -4.09 6.43 0.75
N PHE A 44 -4.18 6.48 2.06
CA PHE A 44 -2.99 6.52 2.90
C PHE A 44 -3.17 5.68 4.17
N ILE A 45 -2.06 5.15 4.64
CA ILE A 45 -2.08 4.32 5.84
C ILE A 45 -2.56 5.17 7.03
N SER A 46 -3.85 5.10 7.28
CA SER A 46 -4.45 5.85 8.38
C SER A 46 -3.82 5.41 9.71
N LYS A 47 -3.97 4.12 9.98
CA LYS A 47 -3.43 3.56 11.21
C LYS A 47 -2.94 2.14 10.96
N VAL A 48 -1.96 1.73 11.73
CA VAL A 48 -1.40 0.39 11.60
C VAL A 48 -1.33 -0.27 12.97
N ILE A 49 -1.77 -1.52 13.03
CA ILE A 49 -1.76 -2.27 14.27
C ILE A 49 -0.31 -2.52 14.70
N PRO A 50 -0.01 -2.06 15.95
CA PRO A 50 1.33 -2.23 16.49
C PRO A 50 1.58 -3.68 16.90
N ASP A 51 1.46 -4.57 15.93
CA ASP A 51 1.67 -5.98 16.19
C ASP A 51 0.91 -6.80 15.12
N SER A 52 1.05 -6.37 13.88
CA SER A 52 0.38 -7.05 12.78
C SER A 52 1.41 -7.39 11.69
N ASP A 53 0.89 -7.87 10.56
CA ASP A 53 1.73 -8.23 9.45
C ASP A 53 2.20 -6.96 8.73
N ALA A 54 1.35 -5.95 8.75
CA ALA A 54 1.66 -4.69 8.11
C ALA A 54 2.79 -4.01 8.87
N HIS A 55 2.66 -3.98 10.19
CA HIS A 55 3.66 -3.37 11.04
C HIS A 55 5.03 -3.96 10.72
N ARG A 56 5.01 -5.18 10.22
CA ARG A 56 6.25 -5.87 9.87
C ARG A 56 6.50 -5.75 8.37
N ALA A 57 5.42 -5.71 7.61
CA ALA A 57 5.53 -5.60 6.17
C ALA A 57 6.32 -4.34 5.81
N GLY A 58 6.37 -3.42 6.76
CA GLY A 58 7.08 -2.17 6.57
C GLY A 58 6.11 -1.01 6.32
N LEU A 59 4.96 -1.10 6.97
CA LEU A 59 3.94 -0.07 6.83
C LEU A 59 4.15 0.99 7.92
N GLN A 60 3.88 2.23 7.54
CA GLN A 60 4.03 3.35 8.46
C GLN A 60 2.94 4.40 8.21
N GLU A 61 2.42 4.93 9.31
CA GLU A 61 1.38 5.94 9.22
C GLU A 61 1.85 7.13 8.38
N GLY A 62 1.34 7.18 7.15
CA GLY A 62 1.70 8.24 6.23
C GLY A 62 2.36 7.68 4.98
N ASP A 63 1.83 6.56 4.52
CA ASP A 63 2.35 5.91 3.32
C ASP A 63 1.29 5.93 2.22
N GLN A 64 1.58 6.71 1.19
CA GLN A 64 0.66 6.84 0.07
C GLN A 64 0.57 5.51 -0.69
N VAL A 65 -0.66 5.03 -0.83
CA VAL A 65 -0.90 3.78 -1.52
C VAL A 65 -1.24 4.06 -2.99
N LEU A 66 -0.21 4.01 -3.82
CA LEU A 66 -0.38 4.26 -5.25
C LEU A 66 -1.50 3.36 -5.78
N ALA A 67 -1.22 2.06 -5.77
CA ALA A 67 -2.19 1.08 -6.26
C ALA A 67 -2.24 -0.10 -5.29
N VAL A 68 -3.28 -0.91 -5.46
CA VAL A 68 -3.45 -2.08 -4.61
C VAL A 68 -3.89 -3.26 -5.47
N ASN A 69 -2.97 -4.20 -5.64
CA ASN A 69 -3.25 -5.38 -6.44
C ASN A 69 -3.63 -4.96 -7.86
N ASP A 70 -2.84 -4.05 -8.41
CA ASP A 70 -3.09 -3.56 -9.75
C ASP A 70 -4.13 -2.43 -9.69
N VAL A 71 -5.22 -2.71 -9.00
CA VAL A 71 -6.29 -1.74 -8.86
C VAL A 71 -5.71 -0.43 -8.31
N ASP A 72 -5.91 0.64 -9.06
CA ASP A 72 -5.42 1.95 -8.65
C ASP A 72 -6.26 2.46 -7.48
N PHE A 73 -5.57 2.90 -6.45
CA PHE A 73 -6.23 3.43 -5.27
C PHE A 73 -6.30 4.95 -5.31
N GLN A 74 -5.59 5.52 -6.26
CA GLN A 74 -5.56 6.96 -6.42
C GLN A 74 -6.98 7.53 -6.38
N ASP A 75 -7.93 6.69 -6.75
CA ASP A 75 -9.33 7.10 -6.74
C ASP A 75 -10.21 5.87 -6.48
N ILE A 76 -10.34 5.55 -5.20
CA ILE A 76 -11.16 4.41 -4.79
C ILE A 76 -11.89 4.75 -3.49
N GLU A 77 -12.93 3.97 -3.21
CA GLU A 77 -13.71 4.18 -2.01
C GLU A 77 -13.00 3.54 -0.81
N HIS A 78 -13.18 4.17 0.34
CA HIS A 78 -12.59 3.68 1.56
C HIS A 78 -12.99 2.22 1.79
N SER A 79 -14.30 2.02 1.95
CA SER A 79 -14.82 0.68 2.17
C SER A 79 -14.29 -0.27 1.11
N LYS A 80 -14.21 0.23 -0.11
CA LYS A 80 -13.71 -0.56 -1.22
C LYS A 80 -12.26 -0.92 -0.97
N ALA A 81 -11.47 0.09 -0.66
CA ALA A 81 -10.05 -0.10 -0.41
C ALA A 81 -9.88 -1.13 0.71
N VAL A 82 -10.72 -1.01 1.72
CA VAL A 82 -10.67 -1.92 2.86
C VAL A 82 -11.06 -3.33 2.39
N GLU A 83 -12.17 -3.38 1.64
CA GLU A 83 -12.66 -4.65 1.14
C GLU A 83 -11.62 -5.28 0.20
N ILE A 84 -11.25 -4.52 -0.82
CA ILE A 84 -10.28 -5.00 -1.78
C ILE A 84 -9.15 -5.74 -1.05
N LEU A 85 -8.52 -5.02 -0.13
CA LEU A 85 -7.42 -5.59 0.65
C LEU A 85 -7.86 -6.95 1.21
N LYS A 86 -8.88 -6.90 2.06
CA LYS A 86 -9.40 -8.11 2.67
C LYS A 86 -9.69 -9.14 1.58
N THR A 87 -10.72 -8.84 0.79
CA THR A 87 -11.12 -9.74 -0.29
C THR A 87 -9.88 -10.33 -0.97
N ALA A 88 -8.90 -9.46 -1.19
CA ALA A 88 -7.66 -9.89 -1.82
C ALA A 88 -6.87 -10.78 -0.86
N ARG A 89 -6.86 -12.06 -1.16
CA ARG A 89 -6.15 -13.02 -0.33
C ARG A 89 -4.75 -12.49 0.01
N GLU A 90 -4.05 -12.06 -1.02
CA GLU A 90 -2.71 -11.53 -0.84
C GLU A 90 -2.66 -10.07 -1.29
N ILE A 91 -2.11 -9.24 -0.41
CA ILE A 91 -1.99 -7.82 -0.70
C ILE A 91 -0.73 -7.57 -1.53
N SER A 92 -0.79 -6.56 -2.37
CA SER A 92 0.33 -6.21 -3.22
C SER A 92 0.16 -4.78 -3.74
N MET A 93 0.18 -3.84 -2.82
CA MET A 93 0.03 -2.44 -3.17
C MET A 93 1.41 -1.77 -3.34
N ARG A 94 1.40 -0.65 -4.04
CA ARG A 94 2.63 0.10 -4.28
C ARG A 94 2.62 1.41 -3.48
N VAL A 95 3.50 1.47 -2.50
CA VAL A 95 3.61 2.65 -1.66
C VAL A 95 4.91 3.38 -1.98
N ARG A 96 5.06 4.55 -1.38
CA ARG A 96 6.25 5.35 -1.59
C ARG A 96 6.39 6.41 -0.48
N PHE A 97 7.63 6.81 -0.24
CA PHE A 97 7.90 7.80 0.78
C PHE A 97 7.39 9.19 0.36
N PHE A 98 6.13 9.44 0.65
CA PHE A 98 5.51 10.71 0.31
C PHE A 98 5.66 11.72 1.44
N SER A 99 6.92 12.08 1.70
CA SER A 99 7.22 13.04 2.75
C SER A 99 8.72 13.33 2.78
N GLY A 100 9.12 14.28 1.95
CA GLY A 100 10.52 14.66 1.87
C GLY A 100 10.81 15.86 2.78
N PRO A 101 12.11 15.99 3.17
CA PRO A 101 12.53 17.08 4.03
C PRO A 101 12.59 18.39 3.25
N SER A 102 12.88 18.27 1.96
CA SER A 102 12.97 19.44 1.11
C SER A 102 11.57 19.99 0.82
N SER A 103 11.44 21.31 0.98
CA SER A 103 10.17 21.95 0.73
C SER A 103 9.07 21.33 1.61
N GLY A 104 7.97 22.03 1.71
CA GLY A 104 6.84 21.56 2.51
C GLY A 104 5.51 21.86 1.82
N GLY A 1 22.98 -26.55 -17.71
CA GLY A 1 22.14 -25.41 -17.38
C GLY A 1 21.64 -25.49 -15.93
N SER A 2 20.42 -25.05 -15.73
CA SER A 2 19.82 -25.07 -14.41
C SER A 2 20.66 -24.26 -13.43
N SER A 3 20.39 -22.96 -13.41
CA SER A 3 21.13 -22.07 -12.52
C SER A 3 20.56 -20.64 -12.64
N GLY A 4 21.01 -19.79 -11.73
CA GLY A 4 20.56 -18.41 -11.72
C GLY A 4 20.61 -17.83 -10.31
N SER A 5 21.48 -16.85 -10.12
CA SER A 5 21.64 -16.21 -8.84
C SER A 5 22.76 -15.16 -8.91
N SER A 6 22.37 -13.93 -9.21
CA SER A 6 23.31 -12.84 -9.31
C SER A 6 22.58 -11.51 -9.47
N GLY A 7 23.23 -10.45 -9.04
CA GLY A 7 22.65 -9.12 -9.12
C GLY A 7 22.42 -8.72 -10.58
N ASN A 8 22.25 -7.42 -10.78
CA ASN A 8 22.01 -6.89 -12.11
C ASN A 8 22.65 -5.51 -12.23
N ASN A 9 22.12 -4.58 -11.43
CA ASN A 9 22.62 -3.22 -11.43
C ASN A 9 21.97 -2.44 -10.29
N GLU A 10 20.64 -2.46 -10.29
CA GLU A 10 19.89 -1.76 -9.26
C GLU A 10 20.16 -0.26 -9.33
N LEU A 11 19.31 0.44 -10.06
CA LEU A 11 19.45 1.88 -10.21
C LEU A 11 18.28 2.58 -9.53
N THR A 12 18.03 2.17 -8.29
CA THR A 12 16.95 2.75 -7.52
C THR A 12 17.41 4.02 -6.81
N GLN A 13 16.44 4.86 -6.49
CA GLN A 13 16.74 6.12 -5.82
C GLN A 13 15.47 6.72 -5.22
N PHE A 14 14.41 6.71 -6.04
CA PHE A 14 13.13 7.25 -5.61
C PHE A 14 11.98 6.35 -6.07
N LEU A 15 12.33 5.15 -6.48
CA LEU A 15 11.35 4.19 -6.96
C LEU A 15 10.45 3.77 -5.78
N PRO A 16 9.22 3.33 -6.14
CA PRO A 16 8.26 2.89 -5.14
C PRO A 16 8.65 1.52 -4.58
N ARG A 17 7.75 0.96 -3.77
CA ARG A 17 7.97 -0.33 -3.17
C ARG A 17 6.67 -1.15 -3.15
N ILE A 18 6.84 -2.46 -3.12
CA ILE A 18 5.68 -3.35 -3.10
C ILE A 18 5.56 -3.99 -1.70
N VAL A 19 4.54 -3.56 -0.99
CA VAL A 19 4.30 -4.08 0.34
C VAL A 19 3.35 -5.27 0.26
N THR A 20 3.93 -6.46 0.27
CA THR A 20 3.13 -7.68 0.20
C THR A 20 2.87 -8.22 1.59
N LEU A 21 1.61 -8.59 1.83
CA LEU A 21 1.21 -9.12 3.12
C LEU A 21 0.57 -10.50 2.92
N LYS A 22 0.37 -11.19 4.03
CA LYS A 22 -0.24 -12.52 3.99
C LYS A 22 -1.63 -12.45 4.60
N LYS A 23 -2.03 -11.24 4.99
CA LYS A 23 -3.33 -11.04 5.59
C LYS A 23 -4.34 -11.99 4.93
N PRO A 24 -4.98 -12.82 5.79
CA PRO A 24 -5.97 -13.77 5.31
C PRO A 24 -7.29 -13.08 4.95
N PRO A 25 -8.22 -13.87 4.38
CA PRO A 25 -9.51 -13.34 3.99
C PRO A 25 -10.41 -13.11 5.21
N GLY A 26 -10.05 -13.77 6.30
CA GLY A 26 -10.81 -13.66 7.53
C GLY A 26 -10.06 -12.79 8.55
N ALA A 27 -9.36 -11.80 8.03
CA ALA A 27 -8.60 -10.90 8.88
C ALA A 27 -9.25 -9.52 8.87
N GLN A 28 -9.02 -8.78 9.94
CA GLN A 28 -9.58 -7.44 10.06
C GLN A 28 -8.54 -6.39 9.66
N LEU A 29 -7.49 -6.86 9.02
CA LEU A 29 -6.42 -5.97 8.58
C LEU A 29 -5.72 -5.39 9.80
N GLY A 30 -4.40 -5.35 9.73
CA GLY A 30 -3.61 -4.81 10.82
C GLY A 30 -3.42 -3.30 10.68
N PHE A 31 -4.30 -2.71 9.89
CA PHE A 31 -4.25 -1.27 9.65
C PHE A 31 -5.53 -0.77 8.99
N ASN A 32 -5.72 0.53 9.06
CA ASN A 32 -6.89 1.15 8.47
C ASN A 32 -6.47 2.10 7.35
N ILE A 33 -7.39 2.36 6.44
CA ILE A 33 -7.13 3.25 5.33
C ILE A 33 -7.99 4.51 5.46
N ARG A 34 -7.48 5.60 4.92
CA ARG A 34 -8.18 6.87 4.97
C ARG A 34 -7.85 7.71 3.74
N GLY A 35 -8.74 8.65 3.45
CA GLY A 35 -8.56 9.54 2.30
C GLY A 35 -9.07 8.86 1.02
N GLY A 36 -9.17 9.67 -0.03
CA GLY A 36 -9.62 9.17 -1.30
C GLY A 36 -11.13 9.42 -1.48
N LYS A 37 -11.50 9.75 -2.71
CA LYS A 37 -12.89 10.02 -3.02
C LYS A 37 -13.08 10.03 -4.54
N ALA A 38 -12.30 10.88 -5.19
CA ALA A 38 -12.37 11.00 -6.64
C ALA A 38 -11.69 12.29 -7.08
N SER A 39 -12.00 13.36 -6.36
CA SER A 39 -11.43 14.66 -6.66
C SER A 39 -9.95 14.51 -7.05
N GLN A 40 -9.15 14.19 -6.05
CA GLN A 40 -7.72 14.02 -6.26
C GLN A 40 -7.12 13.14 -5.15
N LEU A 41 -7.52 13.44 -3.93
CA LEU A 41 -7.03 12.70 -2.78
C LEU A 41 -6.98 11.21 -3.13
N GLY A 42 -6.17 10.49 -2.37
CA GLY A 42 -6.00 9.06 -2.59
C GLY A 42 -6.13 8.29 -1.28
N ILE A 43 -5.46 7.15 -1.23
CA ILE A 43 -5.49 6.31 -0.03
C ILE A 43 -4.21 6.54 0.77
N PHE A 44 -4.36 6.44 2.09
CA PHE A 44 -3.22 6.62 2.97
C PHE A 44 -3.39 5.79 4.26
N ILE A 45 -2.28 5.22 4.70
CA ILE A 45 -2.29 4.41 5.90
C ILE A 45 -2.83 5.23 7.07
N SER A 46 -4.08 4.96 7.43
CA SER A 46 -4.71 5.66 8.52
C SER A 46 -4.10 5.24 9.86
N LYS A 47 -4.23 3.95 10.16
CA LYS A 47 -3.69 3.42 11.40
C LYS A 47 -3.10 2.02 11.13
N VAL A 48 -2.04 1.72 11.86
CA VAL A 48 -1.38 0.43 11.70
C VAL A 48 -1.17 -0.19 13.09
N ILE A 49 -1.59 -1.45 13.21
CA ILE A 49 -1.46 -2.16 14.46
C ILE A 49 0.03 -2.37 14.77
N PRO A 50 0.42 -2.01 16.02
CA PRO A 50 1.79 -2.16 16.45
C PRO A 50 2.13 -3.62 16.73
N ASP A 51 1.86 -4.45 15.73
CA ASP A 51 2.14 -5.88 15.86
C ASP A 51 1.37 -6.64 14.76
N SER A 52 1.40 -6.07 13.57
CA SER A 52 0.72 -6.68 12.44
C SER A 52 1.73 -7.00 11.33
N ASP A 53 1.21 -7.55 10.24
CA ASP A 53 2.04 -7.90 9.11
C ASP A 53 2.52 -6.63 8.41
N ALA A 54 1.63 -5.64 8.38
CA ALA A 54 1.96 -4.38 7.74
C ALA A 54 3.04 -3.66 8.55
N HIS A 55 2.86 -3.68 9.87
CA HIS A 55 3.82 -3.04 10.76
C HIS A 55 5.22 -3.60 10.49
N ARG A 56 5.25 -4.85 10.07
CA ARG A 56 6.51 -5.51 9.79
C ARG A 56 6.87 -5.33 8.31
N ALA A 57 5.84 -5.23 7.48
CA ALA A 57 6.04 -5.06 6.06
C ALA A 57 6.78 -3.74 5.80
N GLY A 58 6.53 -2.77 6.67
CA GLY A 58 7.17 -1.47 6.56
C GLY A 58 6.13 -0.38 6.35
N LEU A 59 4.97 -0.56 6.97
CA LEU A 59 3.89 0.40 6.86
C LEU A 59 4.01 1.43 7.99
N GLN A 60 3.73 2.67 7.64
CA GLN A 60 3.81 3.76 8.61
C GLN A 60 2.78 4.84 8.28
N GLU A 61 2.13 5.35 9.32
CA GLU A 61 1.13 6.38 9.15
C GLU A 61 1.67 7.51 8.26
N GLY A 62 1.23 7.51 7.02
CA GLY A 62 1.66 8.53 6.08
C GLY A 62 2.02 7.90 4.72
N ASP A 63 2.25 6.59 4.76
CA ASP A 63 2.59 5.86 3.55
C ASP A 63 1.39 5.85 2.61
N GLN A 64 1.57 6.47 1.46
CA GLN A 64 0.51 6.54 0.47
C GLN A 64 0.40 5.20 -0.28
N VAL A 65 -0.83 4.88 -0.67
CA VAL A 65 -1.08 3.64 -1.38
C VAL A 65 -1.40 3.96 -2.84
N LEU A 66 -0.37 3.83 -3.68
CA LEU A 66 -0.53 4.10 -5.10
C LEU A 66 -1.57 3.14 -5.68
N ALA A 67 -1.23 1.87 -5.68
CA ALA A 67 -2.13 0.85 -6.21
C ALA A 67 -2.17 -0.33 -5.23
N VAL A 68 -3.23 -1.12 -5.36
CA VAL A 68 -3.41 -2.28 -4.50
C VAL A 68 -3.87 -3.46 -5.34
N ASN A 69 -2.95 -4.40 -5.54
CA ASN A 69 -3.24 -5.58 -6.33
C ASN A 69 -3.67 -5.16 -7.74
N ASP A 70 -2.82 -4.33 -8.35
CA ASP A 70 -3.10 -3.85 -9.69
C ASP A 70 -4.08 -2.68 -9.62
N VAL A 71 -5.19 -2.91 -8.94
CA VAL A 71 -6.21 -1.89 -8.79
C VAL A 71 -5.58 -0.62 -8.21
N ASP A 72 -5.79 0.48 -8.91
CA ASP A 72 -5.24 1.76 -8.47
C ASP A 72 -5.99 2.23 -7.22
N PHE A 73 -5.28 3.01 -6.42
CA PHE A 73 -5.86 3.53 -5.19
C PHE A 73 -5.77 5.06 -5.15
N GLN A 74 -5.67 5.65 -6.32
CA GLN A 74 -5.56 7.09 -6.43
C GLN A 74 -6.96 7.73 -6.36
N ASP A 75 -7.94 6.96 -6.81
CA ASP A 75 -9.32 7.43 -6.80
C ASP A 75 -10.26 6.25 -6.63
N ILE A 76 -10.47 5.87 -5.38
CA ILE A 76 -11.35 4.76 -5.06
C ILE A 76 -12.00 4.99 -3.70
N GLU A 77 -13.13 4.33 -3.50
CA GLU A 77 -13.86 4.45 -2.25
C GLU A 77 -13.07 3.83 -1.11
N HIS A 78 -13.20 4.43 0.06
CA HIS A 78 -12.50 3.95 1.24
C HIS A 78 -12.96 2.52 1.56
N SER A 79 -14.27 2.36 1.62
CA SER A 79 -14.85 1.06 1.91
C SER A 79 -14.35 0.02 0.90
N LYS A 80 -14.13 0.49 -0.32
CA LYS A 80 -13.66 -0.38 -1.39
C LYS A 80 -12.22 -0.80 -1.09
N ALA A 81 -11.38 0.19 -0.84
CA ALA A 81 -9.98 -0.06 -0.54
C ALA A 81 -9.89 -1.15 0.53
N VAL A 82 -10.71 -0.99 1.56
CA VAL A 82 -10.73 -1.94 2.65
C VAL A 82 -11.13 -3.32 2.13
N GLU A 83 -12.36 -3.39 1.62
CA GLU A 83 -12.87 -4.64 1.07
C GLU A 83 -11.86 -5.25 0.11
N ILE A 84 -11.40 -4.43 -0.82
CA ILE A 84 -10.43 -4.88 -1.81
C ILE A 84 -9.36 -5.72 -1.11
N LEU A 85 -8.76 -5.12 -0.09
CA LEU A 85 -7.71 -5.80 0.66
C LEU A 85 -8.25 -7.13 1.19
N LYS A 86 -9.37 -7.03 1.89
CA LYS A 86 -10.00 -8.21 2.46
C LYS A 86 -10.19 -9.26 1.36
N THR A 87 -10.97 -8.89 0.35
CA THR A 87 -11.24 -9.79 -0.76
C THR A 87 -9.92 -10.22 -1.43
N ALA A 88 -8.90 -9.41 -1.21
CA ALA A 88 -7.59 -9.69 -1.79
C ALA A 88 -6.84 -10.66 -0.88
N ARG A 89 -6.97 -11.94 -1.20
CA ARG A 89 -6.31 -12.98 -0.42
C ARG A 89 -4.86 -12.59 -0.12
N GLU A 90 -4.23 -12.00 -1.13
CA GLU A 90 -2.85 -11.57 -0.99
C GLU A 90 -2.72 -10.08 -1.33
N ILE A 91 -2.14 -9.34 -0.39
CA ILE A 91 -1.95 -7.91 -0.58
C ILE A 91 -0.66 -7.67 -1.38
N SER A 92 -0.74 -6.68 -2.25
CA SER A 92 0.41 -6.33 -3.08
C SER A 92 0.26 -4.91 -3.62
N MET A 93 0.20 -3.97 -2.69
CA MET A 93 0.06 -2.57 -3.06
C MET A 93 1.43 -1.90 -3.19
N ARG A 94 1.43 -0.77 -3.88
CA ARG A 94 2.66 -0.02 -4.09
C ARG A 94 2.61 1.31 -3.34
N VAL A 95 3.41 1.41 -2.31
CA VAL A 95 3.47 2.62 -1.50
C VAL A 95 4.76 3.38 -1.83
N ARG A 96 4.79 4.63 -1.39
CA ARG A 96 5.95 5.48 -1.63
C ARG A 96 5.90 6.69 -0.71
N PHE A 97 7.01 6.89 0.00
CA PHE A 97 7.12 8.02 0.92
C PHE A 97 6.45 9.26 0.35
N PHE A 98 5.45 9.76 1.07
CA PHE A 98 4.73 10.94 0.65
C PHE A 98 4.65 11.98 1.77
N SER A 99 5.82 12.30 2.31
CA SER A 99 5.90 13.26 3.40
C SER A 99 4.84 12.95 4.46
N GLY A 100 5.26 12.22 5.49
CA GLY A 100 4.37 11.85 6.56
C GLY A 100 4.74 12.58 7.86
N PRO A 101 3.71 12.76 8.74
CA PRO A 101 3.92 13.43 10.00
C PRO A 101 4.66 12.53 11.00
N SER A 102 4.83 13.04 12.20
CA SER A 102 5.52 12.30 13.24
C SER A 102 4.51 11.84 14.30
N SER A 103 3.86 12.81 14.90
CA SER A 103 2.87 12.54 15.94
C SER A 103 1.52 13.14 15.56
N GLY A 104 1.48 13.70 14.36
CA GLY A 104 0.26 14.31 13.86
C GLY A 104 0.15 15.78 14.31
N GLY A 1 -1.46 -5.21 -18.63
CA GLY A 1 -1.77 -6.29 -17.71
C GLY A 1 -1.50 -7.65 -18.35
N SER A 2 -0.26 -8.07 -18.28
CA SER A 2 0.14 -9.35 -18.85
C SER A 2 1.47 -9.79 -18.26
N SER A 3 1.58 -11.09 -18.04
CA SER A 3 2.79 -11.66 -17.47
C SER A 3 3.90 -11.67 -18.52
N GLY A 4 4.61 -10.55 -18.58
CA GLY A 4 5.70 -10.41 -19.54
C GLY A 4 5.21 -9.87 -20.87
N SER A 5 5.59 -8.63 -21.15
CA SER A 5 5.19 -7.98 -22.38
C SER A 5 6.30 -7.03 -22.86
N SER A 6 6.55 -7.08 -24.16
CA SER A 6 7.57 -6.23 -24.75
C SER A 6 7.18 -4.76 -24.63
N GLY A 7 7.90 -4.05 -23.79
CA GLY A 7 7.64 -2.64 -23.56
C GLY A 7 8.03 -2.22 -22.15
N ASN A 8 7.33 -2.79 -21.18
CA ASN A 8 7.59 -2.48 -19.78
C ASN A 8 8.06 -3.75 -19.07
N ASN A 9 9.19 -3.62 -18.37
CA ASN A 9 9.75 -4.73 -17.64
C ASN A 9 10.40 -4.23 -16.36
N GLU A 10 11.32 -3.29 -16.54
CA GLU A 10 12.03 -2.71 -15.40
C GLU A 10 12.66 -1.37 -15.80
N LEU A 11 12.19 -0.32 -15.14
CA LEU A 11 12.68 1.02 -15.41
C LEU A 11 12.69 1.83 -14.11
N THR A 12 13.68 1.54 -13.28
CA THR A 12 13.81 2.24 -12.00
C THR A 12 14.18 3.70 -12.24
N GLN A 13 13.24 4.57 -11.90
CA GLN A 13 13.46 6.00 -12.06
C GLN A 13 12.44 6.79 -11.22
N PHE A 14 11.20 6.32 -11.26
CA PHE A 14 10.14 6.98 -10.51
C PHE A 14 8.97 6.01 -10.28
N LEU A 15 9.31 4.82 -9.83
CA LEU A 15 8.30 3.80 -9.56
C LEU A 15 8.18 3.60 -8.05
N PRO A 16 6.92 3.37 -7.61
CA PRO A 16 6.65 3.16 -6.20
C PRO A 16 7.10 1.77 -5.76
N ARG A 17 7.34 1.64 -4.46
CA ARG A 17 7.78 0.38 -3.90
C ARG A 17 6.58 -0.54 -3.68
N ILE A 18 6.89 -1.81 -3.44
CA ILE A 18 5.85 -2.81 -3.21
C ILE A 18 5.88 -3.24 -1.75
N VAL A 19 4.69 -3.50 -1.22
CA VAL A 19 4.56 -3.93 0.16
C VAL A 19 3.57 -5.10 0.25
N THR A 20 4.14 -6.30 0.25
CA THR A 20 3.33 -7.50 0.32
C THR A 20 3.03 -7.85 1.78
N LEU A 21 1.75 -8.05 2.06
CA LEU A 21 1.32 -8.40 3.40
C LEU A 21 0.79 -9.84 3.41
N LYS A 22 0.59 -10.35 4.61
CA LYS A 22 0.09 -11.70 4.78
C LYS A 22 -1.18 -11.67 5.64
N LYS A 23 -2.30 -11.99 5.00
CA LYS A 23 -3.57 -12.01 5.69
C LYS A 23 -4.14 -13.44 5.69
N PRO A 24 -4.18 -14.04 6.90
CA PRO A 24 -4.69 -15.39 7.05
C PRO A 24 -6.21 -15.42 6.95
N PRO A 25 -6.77 -16.67 6.94
CA PRO A 25 -8.20 -16.84 6.84
C PRO A 25 -8.88 -16.52 8.17
N GLY A 26 -9.89 -15.65 8.09
CA GLY A 26 -10.62 -15.25 9.27
C GLY A 26 -9.75 -14.43 10.22
N ALA A 27 -8.85 -13.65 9.62
CA ALA A 27 -7.95 -12.82 10.39
C ALA A 27 -8.35 -11.35 10.22
N GLN A 28 -7.51 -10.48 10.77
CA GLN A 28 -7.76 -9.05 10.69
C GLN A 28 -6.64 -8.35 9.89
N LEU A 29 -7.03 -7.30 9.19
CA LEU A 29 -6.06 -6.54 8.40
C LEU A 29 -4.83 -6.24 9.25
N GLY A 30 -4.95 -5.19 10.05
CA GLY A 30 -3.84 -4.79 10.92
C GLY A 30 -3.50 -3.31 10.71
N PHE A 31 -4.24 -2.68 9.81
CA PHE A 31 -4.02 -1.28 9.50
C PHE A 31 -5.32 -0.61 9.07
N ASN A 32 -5.32 0.72 9.17
CA ASN A 32 -6.50 1.49 8.79
C ASN A 32 -6.16 2.35 7.57
N ILE A 33 -7.08 2.38 6.63
CA ILE A 33 -6.90 3.16 5.42
C ILE A 33 -7.78 4.41 5.48
N ARG A 34 -7.32 5.45 4.78
CA ARG A 34 -8.06 6.70 4.76
C ARG A 34 -7.84 7.42 3.42
N GLY A 35 -8.55 8.51 3.25
CA GLY A 35 -8.44 9.29 2.02
C GLY A 35 -8.87 8.46 0.81
N GLY A 36 -9.49 9.15 -0.14
CA GLY A 36 -9.96 8.50 -1.35
C GLY A 36 -11.41 8.88 -1.65
N LYS A 37 -11.60 10.12 -2.03
CA LYS A 37 -12.93 10.62 -2.34
C LYS A 37 -12.82 11.80 -3.30
N ALA A 38 -13.95 12.44 -3.54
CA ALA A 38 -13.99 13.59 -4.44
C ALA A 38 -12.77 14.47 -4.18
N SER A 39 -12.72 15.04 -3.00
CA SER A 39 -11.61 15.90 -2.63
C SER A 39 -10.29 15.28 -3.06
N GLN A 40 -9.55 16.03 -3.86
CA GLN A 40 -8.27 15.56 -4.36
C GLN A 40 -7.46 14.92 -3.23
N LEU A 41 -7.57 13.60 -3.13
CA LEU A 41 -6.86 12.88 -2.10
C LEU A 41 -6.46 11.50 -2.63
N GLY A 42 -6.22 10.58 -1.71
CA GLY A 42 -5.84 9.23 -2.08
C GLY A 42 -5.89 8.30 -0.88
N ILE A 43 -5.41 7.08 -1.08
CA ILE A 43 -5.39 6.08 -0.02
C ILE A 43 -4.04 6.14 0.70
N PHE A 44 -4.12 6.37 2.00
CA PHE A 44 -2.92 6.46 2.82
C PHE A 44 -3.08 5.63 4.10
N ILE A 45 -1.96 5.06 4.54
CA ILE A 45 -1.97 4.25 5.74
C ILE A 45 -2.41 5.11 6.93
N SER A 46 -3.72 5.18 7.11
CA SER A 46 -4.29 5.96 8.20
C SER A 46 -3.61 5.58 9.51
N LYS A 47 -3.74 4.31 9.86
CA LYS A 47 -3.14 3.80 11.10
C LYS A 47 -2.67 2.37 10.88
N VAL A 48 -1.75 1.95 11.73
CA VAL A 48 -1.20 0.60 11.64
C VAL A 48 -1.20 -0.02 13.04
N ILE A 49 -1.67 -1.27 13.10
CA ILE A 49 -1.73 -1.99 14.36
C ILE A 49 -0.30 -2.27 14.84
N PRO A 50 -0.05 -1.88 16.12
CA PRO A 50 1.26 -2.08 16.71
C PRO A 50 1.48 -3.55 17.08
N ASP A 51 1.34 -4.40 16.07
CA ASP A 51 1.52 -5.83 16.26
C ASP A 51 0.73 -6.59 15.20
N SER A 52 0.95 -6.19 13.95
CA SER A 52 0.27 -6.83 12.84
C SER A 52 1.27 -7.13 11.72
N ASP A 53 0.74 -7.64 10.62
CA ASP A 53 1.57 -7.99 9.47
C ASP A 53 2.12 -6.71 8.85
N ALA A 54 1.27 -5.69 8.84
CA ALA A 54 1.66 -4.40 8.27
C ALA A 54 2.84 -3.83 9.07
N HIS A 55 2.66 -3.78 10.38
CA HIS A 55 3.71 -3.27 11.25
C HIS A 55 5.05 -3.92 10.90
N ARG A 56 4.96 -5.13 10.37
CA ARG A 56 6.14 -5.87 9.99
C ARG A 56 6.44 -5.67 8.49
N ALA A 57 5.36 -5.49 7.74
CA ALA A 57 5.48 -5.30 6.30
C ALA A 57 6.33 -4.06 6.03
N GLY A 58 6.39 -3.19 7.03
CA GLY A 58 7.16 -1.97 6.91
C GLY A 58 6.25 -0.76 6.63
N LEU A 59 4.98 -0.95 6.91
CA LEU A 59 4.00 0.10 6.70
C LEU A 59 4.26 1.24 7.68
N GLN A 60 4.07 2.45 7.20
CA GLN A 60 4.28 3.64 8.02
C GLN A 60 3.22 4.70 7.71
N GLU A 61 2.61 5.21 8.77
CA GLU A 61 1.59 6.23 8.61
C GLU A 61 2.06 7.32 7.66
N GLY A 62 1.52 7.29 6.45
CA GLY A 62 1.87 8.28 5.44
C GLY A 62 2.12 7.59 4.09
N ASP A 63 2.57 6.35 4.16
CA ASP A 63 2.86 5.59 2.96
C ASP A 63 1.65 5.63 2.04
N GLN A 64 1.74 6.45 1.01
CA GLN A 64 0.65 6.59 0.05
C GLN A 64 0.46 5.28 -0.72
N VAL A 65 -0.77 4.79 -0.71
CA VAL A 65 -1.09 3.56 -1.40
C VAL A 65 -1.38 3.87 -2.87
N LEU A 66 -0.33 3.87 -3.67
CA LEU A 66 -0.46 4.15 -5.09
C LEU A 66 -1.58 3.29 -5.67
N ALA A 67 -1.33 1.99 -5.70
CA ALA A 67 -2.31 1.05 -6.22
C ALA A 67 -2.27 -0.24 -5.40
N VAL A 68 -3.37 -0.98 -5.47
CA VAL A 68 -3.47 -2.23 -4.75
C VAL A 68 -3.84 -3.36 -5.71
N ASN A 69 -2.98 -4.37 -5.75
CA ASN A 69 -3.20 -5.51 -6.62
C ASN A 69 -3.36 -5.02 -8.06
N ASP A 70 -2.71 -3.90 -8.34
CA ASP A 70 -2.77 -3.31 -9.67
C ASP A 70 -4.10 -2.57 -9.84
N VAL A 71 -4.62 -2.11 -8.72
CA VAL A 71 -5.89 -1.39 -8.72
C VAL A 71 -5.64 0.07 -8.31
N ASP A 72 -6.01 0.97 -9.21
CA ASP A 72 -5.84 2.39 -8.96
C ASP A 72 -6.57 2.77 -7.66
N PHE A 73 -5.78 3.17 -6.67
CA PHE A 73 -6.34 3.56 -5.39
C PHE A 73 -6.35 5.08 -5.24
N GLN A 74 -5.59 5.74 -6.10
CA GLN A 74 -5.50 7.19 -6.07
C GLN A 74 -6.88 7.80 -5.84
N ASP A 75 -7.90 7.07 -6.30
CA ASP A 75 -9.27 7.53 -6.15
C ASP A 75 -10.20 6.32 -6.04
N ILE A 76 -10.46 5.93 -4.81
CA ILE A 76 -11.33 4.79 -4.55
C ILE A 76 -12.03 4.97 -3.20
N GLU A 77 -13.14 4.27 -3.05
CA GLU A 77 -13.92 4.36 -1.82
C GLU A 77 -13.19 3.60 -0.69
N HIS A 78 -13.13 4.26 0.46
CA HIS A 78 -12.48 3.67 1.62
C HIS A 78 -12.89 2.21 1.75
N SER A 79 -14.20 2.00 1.84
CA SER A 79 -14.74 0.65 1.96
C SER A 79 -14.10 -0.27 0.92
N LYS A 80 -14.20 0.16 -0.34
CA LYS A 80 -13.64 -0.61 -1.43
C LYS A 80 -12.19 -0.99 -1.10
N ALA A 81 -11.40 0.03 -0.80
CA ALA A 81 -10.00 -0.18 -0.46
C ALA A 81 -9.89 -1.32 0.55
N VAL A 82 -10.67 -1.20 1.62
CA VAL A 82 -10.68 -2.21 2.66
C VAL A 82 -11.14 -3.54 2.08
N GLU A 83 -12.35 -3.52 1.52
CA GLU A 83 -12.92 -4.71 0.93
C GLU A 83 -11.91 -5.39 0.01
N ILE A 84 -11.45 -4.64 -0.98
CA ILE A 84 -10.48 -5.15 -1.93
C ILE A 84 -9.44 -5.98 -1.19
N LEU A 85 -8.65 -5.29 -0.37
CA LEU A 85 -7.61 -5.95 0.40
C LEU A 85 -8.17 -7.24 0.98
N LYS A 86 -9.27 -7.11 1.71
CA LYS A 86 -9.90 -8.26 2.32
C LYS A 86 -10.13 -9.34 1.26
N THR A 87 -11.02 -9.02 0.32
CA THR A 87 -11.34 -9.95 -0.75
C THR A 87 -10.06 -10.44 -1.44
N ALA A 88 -9.00 -9.67 -1.26
CA ALA A 88 -7.71 -10.00 -1.85
C ALA A 88 -6.94 -10.91 -0.89
N ARG A 89 -6.85 -12.18 -1.27
CA ARG A 89 -6.14 -13.15 -0.45
C ARG A 89 -4.75 -12.63 -0.09
N GLU A 90 -4.03 -12.19 -1.12
CA GLU A 90 -2.69 -11.67 -0.92
C GLU A 90 -2.65 -10.18 -1.25
N ILE A 91 -2.15 -9.40 -0.29
CA ILE A 91 -2.05 -7.96 -0.46
C ILE A 91 -0.70 -7.61 -1.08
N SER A 92 -0.77 -6.92 -2.22
CA SER A 92 0.44 -6.53 -2.92
C SER A 92 0.23 -5.16 -3.58
N MET A 93 0.10 -4.15 -2.74
CA MET A 93 -0.10 -2.79 -3.23
C MET A 93 1.24 -2.06 -3.39
N ARG A 94 1.19 -0.97 -4.14
CA ARG A 94 2.39 -0.18 -4.38
C ARG A 94 2.32 1.14 -3.60
N VAL A 95 3.42 1.47 -2.95
CA VAL A 95 3.49 2.69 -2.17
C VAL A 95 4.74 3.47 -2.58
N ARG A 96 4.84 4.68 -2.05
CA ARG A 96 5.97 5.54 -2.35
C ARG A 96 6.28 6.45 -1.16
N PHE A 97 7.57 6.71 -0.98
CA PHE A 97 8.00 7.57 0.12
C PHE A 97 7.31 8.94 0.06
N PHE A 98 6.20 9.02 0.78
CA PHE A 98 5.43 10.26 0.82
C PHE A 98 5.94 11.18 1.94
N SER A 99 7.17 11.63 1.76
CA SER A 99 7.78 12.53 2.74
C SER A 99 8.11 11.75 4.02
N GLY A 100 7.09 11.58 4.85
CA GLY A 100 7.26 10.86 6.10
C GLY A 100 6.40 11.48 7.21
N PRO A 101 6.94 11.41 8.46
CA PRO A 101 6.25 11.96 9.61
C PRO A 101 6.34 13.48 9.63
N SER A 102 5.61 14.08 10.55
CA SER A 102 5.60 15.53 10.69
C SER A 102 5.74 15.92 12.16
N SER A 103 4.82 15.39 12.96
CA SER A 103 4.82 15.68 14.39
C SER A 103 4.51 14.40 15.18
N GLY A 104 5.50 13.95 15.94
CA GLY A 104 5.35 12.75 16.74
C GLY A 104 6.46 12.65 17.78
N GLY A 1 10.58 -28.97 -17.92
CA GLY A 1 11.61 -28.09 -18.45
C GLY A 1 12.35 -27.38 -17.32
N SER A 2 12.96 -26.26 -17.67
CA SER A 2 13.71 -25.48 -16.70
C SER A 2 14.03 -24.09 -17.28
N SER A 3 13.54 -23.07 -16.60
CA SER A 3 13.75 -21.71 -17.03
C SER A 3 14.67 -20.99 -16.02
N GLY A 4 15.36 -19.99 -16.53
CA GLY A 4 16.28 -19.21 -15.69
C GLY A 4 15.99 -17.71 -15.83
N SER A 5 15.65 -17.11 -14.71
CA SER A 5 15.35 -15.68 -14.68
C SER A 5 16.65 -14.87 -14.71
N SER A 6 16.67 -13.87 -15.58
CA SER A 6 17.84 -13.03 -15.72
C SER A 6 17.43 -11.63 -16.17
N GLY A 7 17.72 -10.65 -15.33
CA GLY A 7 17.39 -9.27 -15.63
C GLY A 7 17.41 -8.42 -14.36
N ASN A 8 16.21 -8.02 -13.93
CA ASN A 8 16.09 -7.20 -12.74
C ASN A 8 16.67 -7.96 -11.54
N ASN A 9 17.43 -7.22 -10.73
CA ASN A 9 18.05 -7.81 -9.55
C ASN A 9 18.16 -6.74 -8.46
N GLU A 10 18.86 -5.67 -8.80
CA GLU A 10 19.05 -4.58 -7.86
C GLU A 10 19.44 -3.30 -8.61
N LEU A 11 18.43 -2.56 -9.01
CA LEU A 11 18.64 -1.31 -9.73
C LEU A 11 17.53 -0.33 -9.39
N THR A 12 17.68 0.30 -8.23
CA THR A 12 16.69 1.27 -7.78
C THR A 12 17.36 2.62 -7.51
N GLN A 13 16.52 3.60 -7.20
CA GLN A 13 17.02 4.94 -6.92
C GLN A 13 15.88 5.84 -6.42
N PHE A 14 14.72 5.66 -7.04
CA PHE A 14 13.56 6.44 -6.67
C PHE A 14 12.27 5.67 -6.95
N LEU A 15 12.38 4.34 -6.86
CA LEU A 15 11.24 3.48 -7.10
C LEU A 15 10.50 3.24 -5.78
N PRO A 16 9.19 2.89 -5.92
CA PRO A 16 8.36 2.63 -4.75
C PRO A 16 8.70 1.27 -4.13
N ARG A 17 7.81 0.81 -3.27
CA ARG A 17 8.00 -0.47 -2.60
C ARG A 17 6.73 -1.33 -2.72
N ILE A 18 6.91 -2.63 -2.55
CA ILE A 18 5.80 -3.56 -2.63
C ILE A 18 5.53 -4.14 -1.25
N VAL A 19 4.47 -3.65 -0.62
CA VAL A 19 4.11 -4.12 0.70
C VAL A 19 3.09 -5.26 0.57
N THR A 20 3.62 -6.48 0.63
CA THR A 20 2.77 -7.66 0.51
C THR A 20 2.46 -8.23 1.90
N LEU A 21 1.20 -8.56 2.10
CA LEU A 21 0.76 -9.11 3.37
C LEU A 21 0.32 -10.56 3.16
N LYS A 22 0.49 -11.36 4.21
CA LYS A 22 0.12 -12.75 4.16
C LYS A 22 -1.28 -12.93 4.73
N LYS A 23 -1.89 -11.81 5.07
CA LYS A 23 -3.23 -11.82 5.63
C LYS A 23 -4.07 -12.89 4.91
N PRO A 24 -4.49 -13.91 5.71
CA PRO A 24 -5.30 -14.99 5.15
C PRO A 24 -6.73 -14.54 4.90
N PRO A 25 -7.43 -15.32 4.04
CA PRO A 25 -8.81 -15.01 3.70
C PRO A 25 -9.76 -15.38 4.85
N GLY A 26 -9.47 -14.80 6.01
CA GLY A 26 -10.28 -15.05 7.19
C GLY A 26 -9.57 -14.57 8.45
N ALA A 27 -8.93 -13.41 8.33
CA ALA A 27 -8.21 -12.84 9.46
C ALA A 27 -8.50 -11.34 9.53
N GLN A 28 -7.66 -10.64 10.27
CA GLN A 28 -7.80 -9.21 10.42
C GLN A 28 -6.65 -8.47 9.72
N LEU A 29 -7.03 -7.50 8.90
CA LEU A 29 -6.05 -6.73 8.16
C LEU A 29 -4.89 -6.35 9.09
N GLY A 30 -5.18 -5.39 9.97
CA GLY A 30 -4.19 -4.94 10.92
C GLY A 30 -3.88 -3.45 10.72
N PHE A 31 -4.70 -2.81 9.90
CA PHE A 31 -4.54 -1.40 9.63
C PHE A 31 -5.81 -0.81 9.00
N ASN A 32 -5.99 0.49 9.21
CA ASN A 32 -7.15 1.18 8.68
C ASN A 32 -6.72 2.05 7.50
N ILE A 33 -7.70 2.47 6.73
CA ILE A 33 -7.44 3.31 5.56
C ILE A 33 -8.34 4.55 5.62
N ARG A 34 -7.75 5.69 5.28
CA ARG A 34 -8.48 6.94 5.29
C ARG A 34 -8.33 7.65 3.94
N GLY A 35 -9.23 8.59 3.70
CA GLY A 35 -9.21 9.35 2.47
C GLY A 35 -9.32 8.42 1.26
N GLY A 36 -9.80 8.99 0.16
CA GLY A 36 -9.96 8.23 -1.07
C GLY A 36 -11.32 8.52 -1.72
N LYS A 37 -12.34 8.54 -0.88
CA LYS A 37 -13.70 8.81 -1.35
C LYS A 37 -13.65 9.90 -2.42
N ALA A 38 -13.38 11.11 -1.98
CA ALA A 38 -13.30 12.25 -2.88
C ALA A 38 -12.55 13.38 -2.20
N SER A 39 -13.00 14.60 -2.47
CA SER A 39 -12.38 15.78 -1.89
C SER A 39 -10.86 15.71 -2.04
N GLN A 40 -10.44 15.28 -3.23
CA GLN A 40 -9.02 15.16 -3.52
C GLN A 40 -8.32 14.40 -2.39
N LEU A 41 -8.19 13.09 -2.59
CA LEU A 41 -7.53 12.24 -1.61
C LEU A 41 -7.41 10.82 -2.17
N GLY A 42 -6.37 10.14 -1.72
CA GLY A 42 -6.11 8.78 -2.18
C GLY A 42 -6.34 7.78 -1.04
N ILE A 43 -5.37 6.89 -0.88
CA ILE A 43 -5.45 5.88 0.16
C ILE A 43 -4.15 5.90 0.98
N PHE A 44 -4.30 6.36 2.22
CA PHE A 44 -3.16 6.42 3.12
C PHE A 44 -3.36 5.53 4.35
N ILE A 45 -2.26 5.05 4.88
CA ILE A 45 -2.31 4.18 6.05
C ILE A 45 -2.77 4.99 7.26
N SER A 46 -4.08 4.99 7.47
CA SER A 46 -4.66 5.72 8.58
C SER A 46 -4.04 5.25 9.90
N LYS A 47 -4.24 3.97 10.19
CA LYS A 47 -3.71 3.39 11.41
C LYS A 47 -3.35 1.92 11.16
N VAL A 48 -2.19 1.54 11.66
CA VAL A 48 -1.72 0.17 11.49
C VAL A 48 -1.17 -0.33 12.82
N ILE A 49 -1.41 -1.61 13.08
CA ILE A 49 -0.95 -2.23 14.31
C ILE A 49 0.59 -2.28 14.30
N PRO A 50 1.19 -1.63 15.34
CA PRO A 50 2.64 -1.58 15.46
C PRO A 50 3.18 -2.92 15.95
N ASP A 51 2.76 -3.98 15.26
CA ASP A 51 3.20 -5.32 15.61
C ASP A 51 2.45 -6.34 14.76
N SER A 52 2.27 -5.99 13.50
CA SER A 52 1.56 -6.86 12.57
C SER A 52 2.35 -6.98 11.26
N ASP A 53 1.89 -7.88 10.41
CA ASP A 53 2.53 -8.10 9.13
C ASP A 53 2.70 -6.77 8.41
N ALA A 54 1.66 -5.96 8.50
CA ALA A 54 1.67 -4.64 7.86
C ALA A 54 2.82 -3.82 8.43
N HIS A 55 2.65 -3.40 9.67
CA HIS A 55 3.67 -2.60 10.35
C HIS A 55 5.05 -3.18 10.04
N ARG A 56 5.17 -4.48 10.21
CA ARG A 56 6.42 -5.17 9.95
C ARG A 56 6.84 -4.99 8.49
N ALA A 57 5.85 -5.03 7.63
CA ALA A 57 6.09 -4.88 6.20
C ALA A 57 6.79 -3.54 5.95
N GLY A 58 6.63 -2.64 6.90
CA GLY A 58 7.23 -1.32 6.80
C GLY A 58 6.17 -0.23 6.70
N LEU A 59 5.00 -0.53 7.26
CA LEU A 59 3.89 0.40 7.23
C LEU A 59 4.11 1.47 8.31
N GLN A 60 3.76 2.70 7.96
CA GLN A 60 3.90 3.81 8.89
C GLN A 60 2.84 4.88 8.60
N GLU A 61 2.22 5.35 9.67
CA GLU A 61 1.19 6.37 9.55
C GLU A 61 1.64 7.47 8.59
N GLY A 62 1.15 7.38 7.36
CA GLY A 62 1.49 8.36 6.35
C GLY A 62 2.13 7.68 5.14
N ASP A 63 1.57 6.54 4.78
CA ASP A 63 2.09 5.79 3.63
C ASP A 63 1.00 5.72 2.55
N GLN A 64 1.18 6.52 1.52
CA GLN A 64 0.25 6.56 0.42
C GLN A 64 0.23 5.21 -0.32
N VAL A 65 -0.95 4.78 -0.69
CA VAL A 65 -1.12 3.53 -1.40
C VAL A 65 -1.36 3.81 -2.89
N LEU A 66 -0.26 3.92 -3.63
CA LEU A 66 -0.34 4.18 -5.05
C LEU A 66 -1.39 3.26 -5.68
N ALA A 67 -1.06 1.98 -5.71
CA ALA A 67 -1.97 0.99 -6.27
C ALA A 67 -2.01 -0.24 -5.37
N VAL A 68 -3.10 -0.98 -5.48
CA VAL A 68 -3.27 -2.19 -4.69
C VAL A 68 -3.57 -3.38 -5.61
N ASN A 69 -2.57 -4.24 -5.73
CA ASN A 69 -2.71 -5.42 -6.57
C ASN A 69 -2.97 -4.98 -8.01
N ASP A 70 -2.19 -4.00 -8.46
CA ASP A 70 -2.33 -3.48 -9.81
C ASP A 70 -3.41 -2.41 -9.82
N VAL A 71 -4.54 -2.73 -9.21
CA VAL A 71 -5.66 -1.81 -9.16
C VAL A 71 -5.18 -0.48 -8.57
N ASP A 72 -5.49 0.60 -9.29
CA ASP A 72 -5.10 1.92 -8.85
C ASP A 72 -5.99 2.35 -7.69
N PHE A 73 -5.35 2.98 -6.70
CA PHE A 73 -6.07 3.45 -5.53
C PHE A 73 -6.09 4.97 -5.47
N GLN A 74 -5.34 5.57 -6.38
CA GLN A 74 -5.26 7.03 -6.43
C GLN A 74 -6.67 7.63 -6.38
N ASP A 75 -7.64 6.85 -6.81
CA ASP A 75 -9.02 7.29 -6.81
C ASP A 75 -9.94 6.09 -6.58
N ILE A 76 -10.02 5.69 -5.32
CA ILE A 76 -10.87 4.55 -4.95
C ILE A 76 -11.68 4.92 -3.71
N GLU A 77 -12.75 4.17 -3.51
CA GLU A 77 -13.63 4.39 -2.37
C GLU A 77 -13.06 3.73 -1.12
N HIS A 78 -13.27 4.37 0.01
CA HIS A 78 -12.78 3.85 1.27
C HIS A 78 -13.25 2.41 1.45
N SER A 79 -14.56 2.24 1.53
CA SER A 79 -15.14 0.92 1.69
C SER A 79 -14.52 -0.05 0.69
N LYS A 80 -14.31 0.44 -0.53
CA LYS A 80 -13.73 -0.37 -1.57
C LYS A 80 -12.33 -0.81 -1.15
N ALA A 81 -11.53 0.16 -0.75
CA ALA A 81 -10.17 -0.12 -0.31
C ALA A 81 -10.20 -1.16 0.80
N VAL A 82 -11.04 -0.90 1.80
CA VAL A 82 -11.17 -1.81 2.92
C VAL A 82 -11.59 -3.19 2.40
N GLU A 83 -12.62 -3.20 1.58
CA GLU A 83 -13.13 -4.44 1.01
C GLU A 83 -12.03 -5.14 0.21
N ILE A 84 -11.56 -4.44 -0.82
CA ILE A 84 -10.51 -4.98 -1.67
C ILE A 84 -9.48 -5.72 -0.82
N LEU A 85 -8.83 -4.94 0.06
CA LEU A 85 -7.82 -5.51 0.94
C LEU A 85 -8.33 -6.84 1.50
N LYS A 86 -9.54 -6.80 2.02
CA LYS A 86 -10.16 -7.98 2.59
C LYS A 86 -10.30 -9.05 1.51
N THR A 87 -11.25 -8.82 0.61
CA THR A 87 -11.50 -9.74 -0.48
C THR A 87 -10.19 -10.30 -1.02
N ALA A 88 -9.33 -9.39 -1.46
CA ALA A 88 -8.03 -9.76 -2.00
C ALA A 88 -7.35 -10.73 -1.04
N ARG A 89 -7.27 -11.99 -1.47
CA ARG A 89 -6.64 -13.02 -0.65
C ARG A 89 -5.20 -12.65 -0.35
N GLU A 90 -4.57 -12.00 -1.33
CA GLU A 90 -3.19 -11.58 -1.18
C GLU A 90 -3.05 -10.07 -1.44
N ILE A 91 -2.39 -9.40 -0.52
CA ILE A 91 -2.18 -7.97 -0.64
C ILE A 91 -0.82 -7.70 -1.27
N SER A 92 -0.79 -6.71 -2.15
CA SER A 92 0.45 -6.36 -2.83
C SER A 92 0.31 -4.97 -3.47
N MET A 93 0.22 -3.97 -2.62
CA MET A 93 0.09 -2.60 -3.09
C MET A 93 1.45 -1.91 -3.18
N ARG A 94 1.45 -0.75 -3.82
CA ARG A 94 2.67 0.01 -3.99
C ARG A 94 2.60 1.31 -3.19
N VAL A 95 3.37 1.33 -2.10
CA VAL A 95 3.40 2.51 -1.25
C VAL A 95 4.72 3.26 -1.45
N ARG A 96 4.78 4.46 -0.90
CA ARG A 96 5.97 5.29 -1.02
C ARG A 96 5.94 6.42 0.01
N PHE A 97 7.09 6.66 0.61
CA PHE A 97 7.21 7.70 1.62
C PHE A 97 6.49 8.98 1.16
N PHE A 98 5.53 9.39 1.98
CA PHE A 98 4.76 10.59 1.68
C PHE A 98 4.47 11.38 2.95
N SER A 99 5.53 11.72 3.67
CA SER A 99 5.39 12.47 4.90
C SER A 99 6.77 12.79 5.47
N GLY A 100 6.91 14.02 5.96
CA GLY A 100 8.17 14.46 6.53
C GLY A 100 8.07 14.52 8.06
N PRO A 101 9.27 14.58 8.70
CA PRO A 101 9.34 14.64 10.15
C PRO A 101 8.97 16.04 10.65
N SER A 102 8.04 16.07 11.59
CA SER A 102 7.59 17.33 12.16
C SER A 102 8.01 17.42 13.63
N SER A 103 8.44 18.60 14.02
CA SER A 103 8.87 18.83 15.39
C SER A 103 8.77 20.32 15.72
N GLY A 104 8.37 20.59 16.96
CA GLY A 104 8.23 21.96 17.42
C GLY A 104 9.27 22.29 18.49
N GLY A 1 3.61 7.05 -15.49
CA GLY A 1 4.66 6.06 -15.31
C GLY A 1 4.07 4.72 -14.87
N SER A 2 4.75 3.65 -15.27
CA SER A 2 4.31 2.31 -14.94
C SER A 2 5.49 1.50 -14.37
N SER A 3 6.17 0.81 -15.26
CA SER A 3 7.31 0.00 -14.86
C SER A 3 6.83 -1.26 -14.15
N GLY A 4 7.79 -2.05 -13.69
CA GLY A 4 7.47 -3.29 -12.99
C GLY A 4 8.64 -4.29 -13.09
N SER A 5 9.44 -4.31 -12.04
CA SER A 5 10.58 -5.21 -11.99
C SER A 5 11.47 -4.86 -10.80
N SER A 6 12.21 -5.86 -10.34
CA SER A 6 13.10 -5.67 -9.20
C SER A 6 14.28 -6.65 -9.30
N GLY A 7 15.46 -6.13 -9.01
CA GLY A 7 16.67 -6.94 -9.06
C GLY A 7 16.89 -7.50 -10.47
N ASN A 8 16.98 -6.60 -11.43
CA ASN A 8 17.18 -7.01 -12.82
C ASN A 8 17.71 -5.80 -13.62
N ASN A 9 17.07 -4.66 -13.39
CA ASN A 9 17.47 -3.44 -14.09
C ASN A 9 18.29 -2.57 -13.14
N GLU A 10 19.06 -1.67 -13.73
CA GLU A 10 19.90 -0.77 -12.96
C GLU A 10 19.52 0.68 -13.23
N LEU A 11 18.25 0.88 -13.55
CA LEU A 11 17.74 2.21 -13.84
C LEU A 11 17.08 2.79 -12.59
N THR A 12 17.66 2.44 -11.44
CA THR A 12 17.13 2.92 -10.17
C THR A 12 17.34 4.43 -10.04
N GLN A 13 16.31 5.09 -9.54
CA GLN A 13 16.37 6.54 -9.35
C GLN A 13 15.49 6.96 -8.18
N PHE A 14 14.21 6.65 -8.30
CA PHE A 14 13.25 6.99 -7.26
C PHE A 14 11.97 6.17 -7.41
N LEU A 15 12.11 5.01 -8.02
CA LEU A 15 10.97 4.13 -8.23
C LEU A 15 10.33 3.81 -6.88
N PRO A 16 9.02 3.44 -6.95
CA PRO A 16 8.26 3.12 -5.75
C PRO A 16 8.66 1.75 -5.22
N ARG A 17 7.86 1.26 -4.27
CA ARG A 17 8.11 -0.04 -3.67
C ARG A 17 6.80 -0.83 -3.54
N ILE A 18 6.95 -2.14 -3.55
CA ILE A 18 5.78 -3.02 -3.44
C ILE A 18 5.78 -3.69 -2.06
N VAL A 19 4.81 -3.30 -1.26
CA VAL A 19 4.69 -3.84 0.09
C VAL A 19 3.71 -5.02 0.07
N THR A 20 4.29 -6.22 0.12
CA THR A 20 3.48 -7.43 0.10
C THR A 20 3.22 -7.91 1.53
N LEU A 21 1.95 -8.11 1.83
CA LEU A 21 1.54 -8.57 3.15
C LEU A 21 1.01 -10.00 3.05
N LYS A 22 0.74 -10.58 4.21
CA LYS A 22 0.21 -11.94 4.27
C LYS A 22 -1.26 -11.90 4.68
N LYS A 23 -1.47 -11.63 5.96
CA LYS A 23 -2.82 -11.56 6.50
C LYS A 23 -3.52 -12.90 6.29
N PRO A 24 -3.92 -13.52 7.43
CA PRO A 24 -4.59 -14.81 7.38
C PRO A 24 -6.04 -14.66 6.91
N PRO A 25 -6.71 -15.81 6.70
CA PRO A 25 -8.09 -15.82 6.26
C PRO A 25 -9.04 -15.44 7.40
N GLY A 26 -9.94 -14.52 7.09
CA GLY A 26 -10.90 -14.06 8.08
C GLY A 26 -10.21 -13.36 9.24
N ALA A 27 -9.10 -12.69 8.91
CA ALA A 27 -8.34 -11.98 9.92
C ALA A 27 -8.43 -10.47 9.65
N GLN A 28 -7.85 -9.71 10.56
CA GLN A 28 -7.86 -8.26 10.44
C GLN A 28 -6.67 -7.79 9.59
N LEU A 29 -6.97 -6.93 8.64
CA LEU A 29 -5.95 -6.40 7.75
C LEU A 29 -4.67 -6.13 8.56
N GLY A 30 -4.77 -5.20 9.50
CA GLY A 30 -3.64 -4.85 10.34
C GLY A 30 -3.35 -3.35 10.25
N PHE A 31 -4.09 -2.67 9.39
CA PHE A 31 -3.91 -1.25 9.22
C PHE A 31 -5.22 -0.58 8.77
N ASN A 32 -5.30 0.72 9.00
CA ASN A 32 -6.48 1.48 8.64
C ASN A 32 -6.16 2.38 7.45
N ILE A 33 -7.13 2.51 6.56
CA ILE A 33 -6.96 3.33 5.37
C ILE A 33 -7.84 4.58 5.50
N ARG A 34 -7.43 5.61 4.76
CA ARG A 34 -8.17 6.87 4.78
C ARG A 34 -7.92 7.66 3.50
N GLY A 35 -8.60 8.78 3.39
CA GLY A 35 -8.45 9.63 2.22
C GLY A 35 -9.44 9.22 1.12
N GLY A 36 -8.90 9.04 -0.08
CA GLY A 36 -9.71 8.66 -1.22
C GLY A 36 -10.53 9.84 -1.73
N LYS A 37 -9.89 10.64 -2.58
CA LYS A 37 -10.56 11.80 -3.14
C LYS A 37 -9.60 12.50 -4.12
N ALA A 38 -10.01 13.69 -4.54
CA ALA A 38 -9.19 14.46 -5.47
C ALA A 38 -8.35 15.48 -4.68
N SER A 39 -8.19 16.65 -5.27
CA SER A 39 -7.41 17.69 -4.64
C SER A 39 -6.09 17.13 -4.11
N GLN A 40 -5.54 16.20 -4.88
CA GLN A 40 -4.29 15.57 -4.51
C GLN A 40 -4.45 14.77 -3.22
N LEU A 41 -5.05 13.59 -3.37
CA LEU A 41 -5.27 12.72 -2.22
C LEU A 41 -5.18 11.26 -2.69
N GLY A 42 -5.89 10.40 -1.95
CA GLY A 42 -5.89 8.98 -2.27
C GLY A 42 -5.95 8.15 -1.00
N ILE A 43 -5.49 6.91 -1.13
CA ILE A 43 -5.48 5.99 0.00
C ILE A 43 -4.15 6.13 0.75
N PHE A 44 -4.26 6.41 2.04
CA PHE A 44 -3.08 6.56 2.87
C PHE A 44 -3.17 5.67 4.11
N ILE A 45 -2.01 5.22 4.55
CA ILE A 45 -1.93 4.36 5.72
C ILE A 45 -2.44 5.14 6.95
N SER A 46 -3.76 5.20 7.07
CA SER A 46 -4.38 5.89 8.17
C SER A 46 -3.69 5.51 9.48
N LYS A 47 -3.77 4.22 9.82
CA LYS A 47 -3.17 3.72 11.03
C LYS A 47 -2.67 2.29 10.79
N VAL A 48 -1.76 1.86 11.65
CA VAL A 48 -1.20 0.52 11.56
C VAL A 48 -1.27 -0.16 12.92
N ILE A 49 -1.66 -1.43 12.88
CA ILE A 49 -1.78 -2.21 14.11
C ILE A 49 -0.39 -2.43 14.70
N PRO A 50 -0.25 -2.04 16.00
CA PRO A 50 1.02 -2.19 16.68
C PRO A 50 1.27 -3.66 17.06
N ASP A 51 1.27 -4.50 16.04
CA ASP A 51 1.49 -5.92 16.25
C ASP A 51 0.81 -6.71 15.12
N SER A 52 1.07 -6.27 13.90
CA SER A 52 0.50 -6.92 12.74
C SER A 52 1.55 -7.01 11.63
N ASP A 53 1.19 -7.75 10.57
CA ASP A 53 2.08 -7.92 9.45
C ASP A 53 2.35 -6.56 8.79
N ALA A 54 1.37 -5.68 8.93
CA ALA A 54 1.48 -4.35 8.34
C ALA A 54 2.55 -3.56 9.10
N HIS A 55 2.78 -3.97 10.33
CA HIS A 55 3.77 -3.31 11.17
C HIS A 55 5.15 -3.93 10.90
N ARG A 56 5.14 -5.16 10.42
CA ARG A 56 6.37 -5.86 10.12
C ARG A 56 6.72 -5.72 8.64
N ALA A 57 5.69 -5.47 7.84
CA ALA A 57 5.86 -5.30 6.40
C ALA A 57 6.76 -4.09 6.14
N GLY A 58 6.45 -3.00 6.83
CA GLY A 58 7.22 -1.77 6.68
C GLY A 58 6.30 -0.60 6.31
N LEU A 59 5.19 -0.52 7.02
CA LEU A 59 4.23 0.54 6.78
C LEU A 59 4.37 1.60 7.87
N GLN A 60 4.23 2.85 7.45
CA GLN A 60 4.35 3.97 8.38
C GLN A 60 3.25 5.00 8.10
N GLU A 61 2.63 5.46 9.18
CA GLU A 61 1.56 6.45 9.05
C GLU A 61 2.02 7.62 8.18
N GLY A 62 1.52 7.60 6.94
CA GLY A 62 1.87 8.65 6.00
C GLY A 62 2.13 8.06 4.60
N ASP A 63 2.40 6.77 4.58
CA ASP A 63 2.66 6.08 3.33
C ASP A 63 1.39 6.07 2.48
N GLN A 64 1.55 6.48 1.22
CA GLN A 64 0.43 6.53 0.31
C GLN A 64 0.39 5.26 -0.55
N VAL A 65 -0.80 4.70 -0.66
CA VAL A 65 -0.99 3.48 -1.43
C VAL A 65 -1.31 3.87 -2.88
N LEU A 66 -0.33 3.69 -3.75
CA LEU A 66 -0.49 4.01 -5.15
C LEU A 66 -1.51 3.04 -5.77
N ALA A 67 -1.14 1.77 -5.76
CA ALA A 67 -2.01 0.74 -6.32
C ALA A 67 -2.09 -0.43 -5.34
N VAL A 68 -3.17 -1.18 -5.46
CA VAL A 68 -3.38 -2.34 -4.61
C VAL A 68 -3.80 -3.54 -5.45
N ASN A 69 -2.86 -4.45 -5.62
CA ASN A 69 -3.12 -5.66 -6.41
C ASN A 69 -3.51 -5.25 -7.83
N ASP A 70 -2.70 -4.38 -8.40
CA ASP A 70 -2.95 -3.90 -9.75
C ASP A 70 -3.96 -2.76 -9.71
N VAL A 71 -5.07 -3.02 -9.02
CA VAL A 71 -6.12 -2.03 -8.90
C VAL A 71 -5.53 -0.72 -8.36
N ASP A 72 -5.93 0.38 -8.98
CA ASP A 72 -5.44 1.68 -8.57
C ASP A 72 -6.16 2.11 -7.29
N PHE A 73 -5.46 2.92 -6.50
CA PHE A 73 -6.01 3.40 -5.25
C PHE A 73 -5.86 4.92 -5.13
N GLN A 74 -5.84 5.56 -6.28
CA GLN A 74 -5.70 7.01 -6.32
C GLN A 74 -7.05 7.69 -6.10
N ASP A 75 -8.10 6.94 -6.38
CA ASP A 75 -9.45 7.44 -6.22
C ASP A 75 -10.42 6.26 -6.05
N ILE A 76 -10.64 5.88 -4.81
CA ILE A 76 -11.53 4.78 -4.51
C ILE A 76 -12.20 5.02 -3.15
N GLU A 77 -13.31 4.33 -2.94
CA GLU A 77 -14.06 4.47 -1.71
C GLU A 77 -13.33 3.74 -0.57
N HIS A 78 -13.21 4.43 0.55
CA HIS A 78 -12.54 3.86 1.71
C HIS A 78 -12.98 2.39 1.88
N SER A 79 -14.27 2.20 2.07
CA SER A 79 -14.81 0.87 2.25
C SER A 79 -14.24 -0.07 1.19
N LYS A 80 -14.37 0.33 -0.07
CA LYS A 80 -13.87 -0.46 -1.17
C LYS A 80 -12.42 -0.85 -0.88
N ALA A 81 -11.61 0.16 -0.64
CA ALA A 81 -10.20 -0.06 -0.36
C ALA A 81 -10.05 -1.19 0.67
N VAL A 82 -10.81 -1.06 1.75
CA VAL A 82 -10.78 -2.06 2.80
C VAL A 82 -11.23 -3.41 2.24
N GLU A 83 -12.35 -3.37 1.52
CA GLU A 83 -12.90 -4.57 0.93
C GLU A 83 -11.88 -5.23 0.01
N ILE A 84 -11.41 -4.45 -0.96
CA ILE A 84 -10.44 -4.94 -1.91
C ILE A 84 -9.36 -5.73 -1.17
N LEU A 85 -8.63 -5.02 -0.33
CA LEU A 85 -7.57 -5.65 0.45
C LEU A 85 -8.06 -6.99 0.99
N LYS A 86 -9.27 -6.97 1.53
CA LYS A 86 -9.87 -8.17 2.09
C LYS A 86 -10.08 -9.19 0.96
N THR A 87 -10.97 -8.85 0.05
CA THR A 87 -11.26 -9.72 -1.07
C THR A 87 -9.97 -10.21 -1.73
N ALA A 88 -8.91 -9.42 -1.53
CA ALA A 88 -7.62 -9.77 -2.10
C ALA A 88 -6.88 -10.72 -1.15
N ARG A 89 -6.90 -11.99 -1.51
CA ARG A 89 -6.25 -13.01 -0.70
C ARG A 89 -4.88 -12.52 -0.23
N GLU A 90 -4.10 -12.04 -1.21
CA GLU A 90 -2.76 -11.54 -0.92
C GLU A 90 -2.69 -10.05 -1.19
N ILE A 91 -2.24 -9.31 -0.19
CA ILE A 91 -2.11 -7.86 -0.32
C ILE A 91 -0.77 -7.53 -0.97
N SER A 92 -0.86 -6.78 -2.06
CA SER A 92 0.34 -6.38 -2.78
C SER A 92 0.14 -5.01 -3.42
N MET A 93 0.24 -3.98 -2.58
CA MET A 93 0.07 -2.62 -3.04
C MET A 93 1.43 -1.94 -3.24
N ARG A 94 1.38 -0.76 -3.85
CA ARG A 94 2.58 0.01 -4.12
C ARG A 94 2.54 1.33 -3.37
N VAL A 95 3.54 1.52 -2.52
CA VAL A 95 3.64 2.74 -1.73
C VAL A 95 4.89 3.52 -2.16
N ARG A 96 4.94 4.77 -1.72
CA ARG A 96 6.07 5.63 -2.04
C ARG A 96 6.08 6.86 -1.12
N PHE A 97 7.24 7.08 -0.52
CA PHE A 97 7.41 8.20 0.38
C PHE A 97 6.65 9.43 -0.12
N PHE A 98 5.66 9.83 0.66
CA PHE A 98 4.84 10.99 0.30
C PHE A 98 5.06 12.13 1.29
N SER A 99 6.29 12.60 1.35
CA SER A 99 6.65 13.68 2.24
C SER A 99 8.04 14.21 1.91
N GLY A 100 8.12 15.51 1.70
CA GLY A 100 9.39 16.14 1.37
C GLY A 100 10.16 16.51 2.64
N PRO A 101 11.35 17.12 2.43
CA PRO A 101 12.19 17.52 3.54
C PRO A 101 11.64 18.79 4.21
N SER A 102 10.97 19.59 3.42
CA SER A 102 10.39 20.82 3.92
C SER A 102 9.07 20.53 4.64
N SER A 103 8.62 21.50 5.41
CA SER A 103 7.39 21.36 6.16
C SER A 103 7.00 22.70 6.80
N GLY A 104 5.73 23.04 6.66
CA GLY A 104 5.22 24.28 7.22
C GLY A 104 5.71 24.48 8.66
N GLY A 1 -3.02 1.31 -19.96
CA GLY A 1 -2.32 0.05 -19.77
C GLY A 1 -1.09 0.22 -18.88
N SER A 2 -0.81 -0.81 -18.10
CA SER A 2 0.32 -0.78 -17.19
C SER A 2 0.41 -2.11 -16.43
N SER A 3 1.63 -2.64 -16.38
CA SER A 3 1.85 -3.90 -15.69
C SER A 3 3.35 -4.24 -15.71
N GLY A 4 3.77 -4.98 -14.70
CA GLY A 4 5.16 -5.38 -14.59
C GLY A 4 5.44 -6.04 -13.24
N SER A 5 6.69 -6.45 -13.07
CA SER A 5 7.10 -7.09 -11.83
C SER A 5 8.38 -6.45 -11.30
N SER A 6 8.65 -6.70 -10.03
CA SER A 6 9.84 -6.15 -9.40
C SER A 6 10.18 -6.94 -8.13
N GLY A 7 11.27 -7.69 -8.20
CA GLY A 7 11.70 -8.49 -7.07
C GLY A 7 13.17 -8.22 -6.73
N ASN A 8 13.39 -7.70 -5.53
CA ASN A 8 14.73 -7.40 -5.08
C ASN A 8 15.33 -6.31 -5.97
N ASN A 9 15.93 -5.32 -5.32
CA ASN A 9 16.54 -4.22 -6.04
C ASN A 9 17.10 -3.21 -5.03
N GLU A 10 18.10 -2.47 -5.48
CA GLU A 10 18.73 -1.48 -4.63
C GLU A 10 18.59 -0.08 -5.25
N LEU A 11 19.62 0.73 -5.04
CA LEU A 11 19.62 2.09 -5.57
C LEU A 11 18.29 2.76 -5.24
N THR A 12 18.06 2.96 -3.96
CA THR A 12 16.83 3.59 -3.50
C THR A 12 17.09 5.06 -3.16
N GLN A 13 16.05 5.87 -3.35
CA GLN A 13 16.15 7.29 -3.07
C GLN A 13 14.81 7.97 -3.37
N PHE A 14 14.13 7.45 -4.37
CA PHE A 14 12.84 8.01 -4.77
C PHE A 14 12.04 7.00 -5.59
N LEU A 15 12.15 5.75 -5.20
CA LEU A 15 11.45 4.68 -5.89
C LEU A 15 10.34 4.13 -4.99
N PRO A 16 9.21 3.76 -5.63
CA PRO A 16 8.07 3.23 -4.89
C PRO A 16 8.33 1.79 -4.45
N ARG A 17 7.95 1.51 -3.22
CA ARG A 17 8.14 0.17 -2.66
C ARG A 17 6.81 -0.59 -2.66
N ILE A 18 6.91 -1.89 -2.45
CA ILE A 18 5.73 -2.74 -2.42
C ILE A 18 5.59 -3.36 -1.03
N VAL A 19 4.36 -3.33 -0.52
CA VAL A 19 4.08 -3.88 0.80
C VAL A 19 3.12 -5.06 0.66
N THR A 20 3.69 -6.25 0.61
CA THR A 20 2.90 -7.46 0.48
C THR A 20 2.68 -8.10 1.85
N LEU A 21 1.43 -8.40 2.15
CA LEU A 21 1.08 -9.02 3.41
C LEU A 21 0.27 -10.30 3.15
N LYS A 22 0.00 -11.02 4.21
CA LYS A 22 -0.76 -12.26 4.11
C LYS A 22 -2.21 -12.00 4.54
N LYS A 23 -2.38 -11.68 5.81
CA LYS A 23 -3.70 -11.41 6.35
C LYS A 23 -4.57 -12.65 6.17
N PRO A 24 -5.09 -13.16 7.33
CA PRO A 24 -5.94 -14.33 7.32
C PRO A 24 -7.34 -13.99 6.80
N PRO A 25 -8.11 -15.06 6.47
CA PRO A 25 -9.46 -14.88 5.97
C PRO A 25 -10.42 -14.50 7.09
N GLY A 26 -10.77 -13.22 7.12
CA GLY A 26 -11.69 -12.73 8.13
C GLY A 26 -10.95 -11.80 9.11
N ALA A 27 -9.81 -11.30 8.67
CA ALA A 27 -9.01 -10.41 9.49
C ALA A 27 -9.53 -8.98 9.35
N GLN A 28 -9.18 -8.15 10.32
CA GLN A 28 -9.61 -6.76 10.32
C GLN A 28 -8.50 -5.87 9.75
N LEU A 29 -7.63 -6.49 8.96
CA LEU A 29 -6.53 -5.77 8.36
C LEU A 29 -5.57 -5.30 9.46
N GLY A 30 -4.28 -5.41 9.16
CA GLY A 30 -3.25 -5.01 10.11
C GLY A 30 -3.01 -3.50 10.03
N PHE A 31 -3.90 -2.82 9.34
CA PHE A 31 -3.78 -1.37 9.18
C PHE A 31 -5.12 -0.76 8.77
N ASN A 32 -5.22 0.55 8.96
CA ASN A 32 -6.43 1.27 8.61
C ASN A 32 -6.15 2.20 7.42
N ILE A 33 -7.15 2.32 6.57
CA ILE A 33 -7.03 3.17 5.39
C ILE A 33 -7.96 4.38 5.54
N ARG A 34 -7.51 5.51 5.01
CA ARG A 34 -8.29 6.73 5.08
C ARG A 34 -7.96 7.63 3.87
N GLY A 35 -8.71 8.72 3.78
CA GLY A 35 -8.51 9.66 2.68
C GLY A 35 -8.67 8.97 1.33
N GLY A 36 -8.97 9.77 0.32
CA GLY A 36 -9.14 9.26 -1.03
C GLY A 36 -10.61 8.89 -1.29
N LYS A 37 -11.28 9.77 -2.00
CA LYS A 37 -12.68 9.55 -2.32
C LYS A 37 -13.09 10.49 -3.45
N ALA A 38 -12.93 11.78 -3.20
CA ALA A 38 -13.27 12.79 -4.18
C ALA A 38 -12.78 14.15 -3.70
N SER A 39 -11.67 14.13 -2.99
CA SER A 39 -11.08 15.36 -2.47
C SER A 39 -9.61 15.47 -2.89
N GLN A 40 -9.40 15.34 -4.20
CA GLN A 40 -8.05 15.42 -4.74
C GLN A 40 -7.06 14.74 -3.81
N LEU A 41 -7.48 13.61 -3.27
CA LEU A 41 -6.64 12.84 -2.35
C LEU A 41 -6.60 11.38 -2.80
N GLY A 42 -5.89 10.58 -2.03
CA GLY A 42 -5.76 9.16 -2.33
C GLY A 42 -5.91 8.32 -1.06
N ILE A 43 -5.35 7.12 -1.13
CA ILE A 43 -5.40 6.20 0.00
C ILE A 43 -4.08 6.28 0.78
N PHE A 44 -4.21 6.24 2.10
CA PHE A 44 -3.03 6.30 2.95
C PHE A 44 -3.21 5.41 4.18
N ILE A 45 -2.09 4.91 4.68
CA ILE A 45 -2.11 4.04 5.85
C ILE A 45 -2.57 4.85 7.07
N SER A 46 -3.89 4.99 7.18
CA SER A 46 -4.48 5.73 8.29
C SER A 46 -3.79 5.32 9.60
N LYS A 47 -3.84 4.03 9.88
CA LYS A 47 -3.24 3.51 11.09
C LYS A 47 -2.68 2.11 10.82
N VAL A 48 -1.79 1.68 11.69
CA VAL A 48 -1.17 0.37 11.56
C VAL A 48 -1.20 -0.33 12.91
N ILE A 49 -1.55 -1.62 12.87
CA ILE A 49 -1.61 -2.42 14.08
C ILE A 49 -0.21 -2.57 14.66
N PRO A 50 -0.07 -2.17 15.95
CA PRO A 50 1.22 -2.26 16.63
C PRO A 50 1.52 -3.70 17.02
N ASP A 51 1.51 -4.58 16.01
CA ASP A 51 1.79 -5.98 16.24
C ASP A 51 1.22 -6.80 15.08
N SER A 52 1.45 -6.29 13.87
CA SER A 52 0.96 -6.96 12.67
C SER A 52 2.10 -7.17 11.68
N ASP A 53 1.75 -7.65 10.50
CA ASP A 53 2.73 -7.89 9.45
C ASP A 53 3.14 -6.56 8.83
N ALA A 54 2.18 -5.66 8.75
CA ALA A 54 2.42 -4.35 8.18
C ALA A 54 3.40 -3.59 9.06
N HIS A 55 3.24 -3.75 10.36
CA HIS A 55 4.10 -3.08 11.32
C HIS A 55 5.55 -3.54 11.12
N ARG A 56 5.68 -4.76 10.61
CA ARG A 56 7.00 -5.32 10.36
C ARG A 56 7.42 -5.07 8.91
N ALA A 57 6.44 -5.18 8.03
CA ALA A 57 6.69 -4.97 6.61
C ALA A 57 7.43 -3.64 6.42
N GLY A 58 7.16 -2.72 7.34
CA GLY A 58 7.78 -1.41 7.29
C GLY A 58 6.76 -0.32 6.96
N LEU A 59 5.50 -0.63 7.25
CA LEU A 59 4.42 0.30 6.99
C LEU A 59 4.40 1.37 8.09
N GLN A 60 4.18 2.60 7.67
CA GLN A 60 4.13 3.71 8.60
C GLN A 60 3.04 4.70 8.19
N GLU A 61 2.48 5.36 9.19
CA GLU A 61 1.42 6.33 8.94
C GLU A 61 1.92 7.43 8.01
N GLY A 62 1.34 7.46 6.82
CA GLY A 62 1.73 8.45 5.82
C GLY A 62 2.13 7.78 4.51
N ASP A 63 2.11 6.46 4.53
CA ASP A 63 2.47 5.69 3.35
C ASP A 63 1.31 5.71 2.35
N GLN A 64 1.49 6.51 1.30
CA GLN A 64 0.47 6.63 0.28
C GLN A 64 0.38 5.34 -0.54
N VAL A 65 -0.85 4.88 -0.73
CA VAL A 65 -1.08 3.66 -1.48
C VAL A 65 -1.40 4.02 -2.93
N LEU A 66 -0.41 3.85 -3.79
CA LEU A 66 -0.57 4.15 -5.20
C LEU A 66 -1.63 3.22 -5.80
N ALA A 67 -1.30 1.94 -5.80
CA ALA A 67 -2.22 0.94 -6.34
C ALA A 67 -2.30 -0.24 -5.37
N VAL A 68 -3.34 -1.04 -5.56
CA VAL A 68 -3.54 -2.21 -4.71
C VAL A 68 -3.97 -3.39 -5.58
N ASN A 69 -3.03 -4.31 -5.77
CA ASN A 69 -3.30 -5.49 -6.58
C ASN A 69 -3.75 -5.06 -7.97
N ASP A 70 -2.95 -4.21 -8.59
CA ASP A 70 -3.26 -3.71 -9.92
C ASP A 70 -4.25 -2.55 -9.81
N VAL A 71 -5.34 -2.81 -9.11
CA VAL A 71 -6.37 -1.79 -8.92
C VAL A 71 -5.73 -0.53 -8.34
N ASP A 72 -5.96 0.57 -9.04
CA ASP A 72 -5.41 1.86 -8.62
C ASP A 72 -6.26 2.41 -7.47
N PHE A 73 -5.57 2.92 -6.46
CA PHE A 73 -6.23 3.49 -5.30
C PHE A 73 -6.23 5.01 -5.36
N GLN A 74 -5.50 5.54 -6.33
CA GLN A 74 -5.40 6.98 -6.50
C GLN A 74 -6.78 7.62 -6.45
N ASP A 75 -7.78 6.83 -6.81
CA ASP A 75 -9.15 7.30 -6.81
C ASP A 75 -10.10 6.13 -6.55
N ILE A 76 -10.07 5.67 -5.30
CA ILE A 76 -10.92 4.56 -4.91
C ILE A 76 -11.65 4.91 -3.61
N GLU A 77 -12.77 4.24 -3.40
CA GLU A 77 -13.57 4.48 -2.21
C GLU A 77 -12.98 3.73 -1.02
N HIS A 78 -13.12 4.34 0.15
CA HIS A 78 -12.60 3.74 1.38
C HIS A 78 -13.16 2.33 1.53
N SER A 79 -14.49 2.24 1.50
CA SER A 79 -15.15 0.96 1.64
C SER A 79 -14.63 -0.02 0.60
N LYS A 80 -14.30 0.52 -0.56
CA LYS A 80 -13.78 -0.29 -1.65
C LYS A 80 -12.37 -0.77 -1.31
N ALA A 81 -11.56 0.18 -0.85
CA ALA A 81 -10.19 -0.13 -0.47
C ALA A 81 -10.19 -1.24 0.59
N VAL A 82 -11.01 -1.02 1.61
CA VAL A 82 -11.12 -1.99 2.70
C VAL A 82 -11.49 -3.36 2.12
N GLU A 83 -12.64 -3.39 1.45
CA GLU A 83 -13.12 -4.63 0.85
C GLU A 83 -12.02 -5.26 0.00
N ILE A 84 -11.60 -4.51 -1.02
CA ILE A 84 -10.56 -4.98 -1.91
C ILE A 84 -9.49 -5.72 -1.12
N LEU A 85 -8.78 -4.97 -0.30
CA LEU A 85 -7.72 -5.54 0.52
C LEU A 85 -8.20 -6.88 1.09
N LYS A 86 -9.29 -6.82 1.82
CA LYS A 86 -9.85 -8.01 2.43
C LYS A 86 -10.02 -9.09 1.35
N THR A 87 -11.06 -8.91 0.55
CA THR A 87 -11.34 -9.87 -0.52
C THR A 87 -10.03 -10.35 -1.16
N ALA A 88 -9.07 -9.45 -1.21
CA ALA A 88 -7.77 -9.77 -1.79
C ALA A 88 -7.01 -10.68 -0.83
N ARG A 89 -7.04 -11.97 -1.13
CA ARG A 89 -6.34 -12.96 -0.32
C ARG A 89 -4.94 -12.46 0.05
N GLU A 90 -4.26 -11.93 -0.96
CA GLU A 90 -2.91 -11.43 -0.77
C GLU A 90 -2.84 -9.96 -1.16
N ILE A 91 -2.32 -9.16 -0.25
CA ILE A 91 -2.18 -7.72 -0.48
C ILE A 91 -0.87 -7.44 -1.21
N SER A 92 -0.94 -6.55 -2.17
CA SER A 92 0.23 -6.18 -2.95
C SER A 92 0.07 -4.77 -3.52
N MET A 93 0.03 -3.80 -2.61
CA MET A 93 -0.12 -2.42 -3.01
C MET A 93 1.24 -1.73 -3.13
N ARG A 94 1.27 -0.67 -3.93
CA ARG A 94 2.49 0.08 -4.14
C ARG A 94 2.49 1.35 -3.29
N VAL A 95 3.45 1.43 -2.39
CA VAL A 95 3.56 2.58 -1.51
C VAL A 95 4.90 3.29 -1.78
N ARG A 96 4.96 4.55 -1.40
CA ARG A 96 6.16 5.33 -1.58
C ARG A 96 6.25 6.43 -0.52
N PHE A 97 7.46 6.64 -0.02
CA PHE A 97 7.69 7.65 1.00
C PHE A 97 7.08 8.99 0.58
N PHE A 98 6.10 9.42 1.35
CA PHE A 98 5.43 10.68 1.08
C PHE A 98 5.62 11.67 2.24
N SER A 99 6.82 11.65 2.79
CA SER A 99 7.14 12.54 3.90
C SER A 99 6.37 12.11 5.15
N GLY A 100 7.12 11.86 6.21
CA GLY A 100 6.53 11.45 7.47
C GLY A 100 6.83 12.46 8.58
N PRO A 101 6.00 12.40 9.65
CA PRO A 101 6.17 13.30 10.78
C PRO A 101 7.36 12.88 11.64
N SER A 102 7.62 11.57 11.63
CA SER A 102 8.72 11.02 12.41
C SER A 102 10.03 11.17 11.63
N SER A 103 11.12 11.25 12.38
CA SER A 103 12.43 11.39 11.77
C SER A 103 12.99 10.02 11.39
N GLY A 104 12.68 9.61 10.17
CA GLY A 104 13.14 8.31 9.68
C GLY A 104 12.84 7.20 10.69
N GLY A 1 32.75 17.45 -17.05
CA GLY A 1 32.17 16.12 -16.99
C GLY A 1 31.50 15.75 -18.32
N SER A 2 31.27 14.47 -18.49
CA SER A 2 30.64 13.97 -19.71
C SER A 2 29.26 13.40 -19.39
N SER A 3 28.29 13.79 -20.20
CA SER A 3 26.92 13.33 -20.02
C SER A 3 26.10 13.63 -21.28
N GLY A 4 24.97 12.94 -21.38
CA GLY A 4 24.09 13.12 -22.52
C GLY A 4 22.67 13.46 -22.06
N SER A 5 21.70 12.96 -22.82
CA SER A 5 20.31 13.20 -22.51
C SER A 5 19.71 11.98 -21.80
N SER A 6 19.75 10.85 -22.50
CA SER A 6 19.21 9.62 -21.95
C SER A 6 17.73 9.80 -21.59
N GLY A 7 17.06 8.67 -21.40
CA GLY A 7 15.65 8.70 -21.04
C GLY A 7 15.46 8.48 -19.55
N ASN A 8 15.73 9.52 -18.79
CA ASN A 8 15.59 9.45 -17.34
C ASN A 8 14.69 10.60 -16.86
N ASN A 9 13.87 10.29 -15.87
CA ASN A 9 12.95 11.28 -15.32
C ASN A 9 13.55 11.84 -14.03
N GLU A 10 12.90 12.89 -13.52
CA GLU A 10 13.35 13.53 -12.31
C GLU A 10 12.73 12.85 -11.08
N LEU A 11 13.10 11.60 -10.90
CA LEU A 11 12.59 10.82 -9.78
C LEU A 11 13.32 9.49 -9.70
N THR A 12 14.40 9.48 -8.92
CA THR A 12 15.19 8.28 -8.75
C THR A 12 15.99 8.34 -7.45
N GLN A 13 15.59 7.48 -6.51
CA GLN A 13 16.24 7.43 -5.22
C GLN A 13 16.12 6.02 -4.62
N PHE A 14 14.90 5.69 -4.23
CA PHE A 14 14.62 4.39 -3.64
C PHE A 14 13.43 3.73 -4.31
N LEU A 15 12.85 4.44 -5.26
CA LEU A 15 11.70 3.93 -5.99
C LEU A 15 10.61 3.52 -4.99
N PRO A 16 9.38 3.29 -5.53
CA PRO A 16 8.26 2.89 -4.70
C PRO A 16 8.39 1.43 -4.27
N ARG A 17 8.19 1.21 -2.97
CA ARG A 17 8.29 -0.13 -2.42
C ARG A 17 6.91 -0.80 -2.43
N ILE A 18 6.93 -2.11 -2.60
CA ILE A 18 5.71 -2.88 -2.64
C ILE A 18 5.49 -3.56 -1.28
N VAL A 19 4.34 -3.28 -0.69
CA VAL A 19 4.00 -3.85 0.60
C VAL A 19 3.09 -5.06 0.39
N THR A 20 3.72 -6.23 0.36
CA THR A 20 2.98 -7.48 0.17
C THR A 20 2.72 -8.15 1.52
N LEU A 21 1.48 -8.59 1.69
CA LEU A 21 1.09 -9.25 2.94
C LEU A 21 0.58 -10.66 2.61
N LYS A 22 0.74 -11.55 3.58
CA LYS A 22 0.30 -12.92 3.41
C LYS A 22 -1.01 -13.13 4.18
N LYS A 23 -1.00 -12.67 5.43
CA LYS A 23 -2.17 -12.81 6.28
C LYS A 23 -2.52 -14.28 6.44
N PRO A 24 -2.43 -14.77 7.70
CA PRO A 24 -2.73 -16.15 8.00
C PRO A 24 -4.24 -16.40 7.97
N PRO A 25 -4.61 -17.71 8.00
CA PRO A 25 -6.01 -18.09 7.97
C PRO A 25 -6.66 -17.86 9.33
N GLY A 26 -7.38 -16.75 9.42
CA GLY A 26 -8.06 -16.40 10.66
C GLY A 26 -7.40 -15.19 11.33
N ALA A 27 -6.80 -14.35 10.50
CA ALA A 27 -6.12 -13.16 10.98
C ALA A 27 -6.88 -11.91 10.50
N GLN A 28 -6.24 -10.77 10.68
CA GLN A 28 -6.83 -9.51 10.26
C GLN A 28 -5.78 -8.62 9.59
N LEU A 29 -6.26 -7.71 8.76
CA LEU A 29 -5.38 -6.80 8.05
C LEU A 29 -4.25 -6.35 8.99
N GLY A 30 -4.61 -5.42 9.87
CA GLY A 30 -3.65 -4.90 10.84
C GLY A 30 -3.39 -3.41 10.59
N PHE A 31 -4.23 -2.83 9.76
CA PHE A 31 -4.12 -1.42 9.44
C PHE A 31 -5.40 -0.87 8.82
N ASN A 32 -5.57 0.43 8.92
CA ASN A 32 -6.75 1.08 8.37
C ASN A 32 -6.33 2.01 7.23
N ILE A 33 -7.29 2.25 6.33
CA ILE A 33 -7.03 3.11 5.19
C ILE A 33 -7.89 4.37 5.31
N ARG A 34 -7.42 5.43 4.67
CA ARG A 34 -8.12 6.70 4.70
C ARG A 34 -7.72 7.56 3.51
N GLY A 35 -8.37 8.71 3.39
CA GLY A 35 -8.09 9.63 2.30
C GLY A 35 -8.25 8.95 0.94
N GLY A 36 -8.41 9.77 -0.08
CA GLY A 36 -8.57 9.26 -1.44
C GLY A 36 -10.03 9.36 -1.88
N LYS A 37 -10.49 10.59 -2.02
CA LYS A 37 -11.86 10.85 -2.44
C LYS A 37 -11.85 11.73 -3.68
N ALA A 38 -11.38 12.96 -3.49
CA ALA A 38 -11.32 13.91 -4.59
C ALA A 38 -10.13 14.85 -4.36
N SER A 39 -10.30 16.08 -4.83
CA SER A 39 -9.26 17.08 -4.68
C SER A 39 -7.88 16.45 -4.92
N GLN A 40 -7.85 15.54 -5.87
CA GLN A 40 -6.60 14.85 -6.20
C GLN A 40 -5.98 14.26 -4.93
N LEU A 41 -6.57 13.17 -4.46
CA LEU A 41 -6.08 12.51 -3.27
C LEU A 41 -6.23 10.99 -3.43
N GLY A 42 -5.32 10.27 -2.81
CA GLY A 42 -5.33 8.82 -2.87
C GLY A 42 -5.55 8.21 -1.49
N ILE A 43 -5.14 6.96 -1.36
CA ILE A 43 -5.29 6.25 -0.09
C ILE A 43 -4.01 6.42 0.74
N PHE A 44 -4.22 6.58 2.03
CA PHE A 44 -3.09 6.76 2.94
C PHE A 44 -3.29 5.93 4.22
N ILE A 45 -2.23 5.26 4.61
CA ILE A 45 -2.27 4.44 5.81
C ILE A 45 -2.83 5.26 6.97
N SER A 46 -4.05 4.94 7.36
CA SER A 46 -4.70 5.64 8.45
C SER A 46 -4.09 5.21 9.78
N LYS A 47 -4.16 3.91 10.03
CA LYS A 47 -3.61 3.36 11.26
C LYS A 47 -3.05 1.96 10.99
N VAL A 48 -2.00 1.63 11.72
CA VAL A 48 -1.35 0.34 11.56
C VAL A 48 -1.13 -0.29 12.94
N ILE A 49 -1.61 -1.52 13.07
CA ILE A 49 -1.47 -2.24 14.34
C ILE A 49 0.00 -2.52 14.61
N PRO A 50 0.47 -2.09 15.81
CA PRO A 50 1.85 -2.29 16.20
C PRO A 50 2.11 -3.74 16.59
N ASP A 51 1.72 -4.63 15.68
CA ASP A 51 1.91 -6.06 15.92
C ASP A 51 1.21 -6.85 14.80
N SER A 52 1.35 -6.33 13.58
CA SER A 52 0.73 -6.98 12.43
C SER A 52 1.76 -7.13 11.32
N ASP A 53 1.37 -7.87 10.29
CA ASP A 53 2.25 -8.10 9.15
C ASP A 53 2.57 -6.76 8.48
N ALA A 54 1.61 -5.85 8.57
CA ALA A 54 1.78 -4.54 7.98
C ALA A 54 2.87 -3.77 8.75
N HIS A 55 2.57 -3.50 10.01
CA HIS A 55 3.50 -2.78 10.86
C HIS A 55 4.91 -3.31 10.63
N ARG A 56 5.04 -4.62 10.69
CA ARG A 56 6.33 -5.26 10.49
C ARG A 56 6.78 -5.12 9.03
N ALA A 57 5.86 -5.43 8.13
CA ALA A 57 6.14 -5.34 6.71
C ALA A 57 6.89 -4.04 6.42
N GLY A 58 6.61 -3.03 7.25
CA GLY A 58 7.25 -1.73 7.10
C GLY A 58 6.21 -0.65 6.81
N LEU A 59 5.04 -0.81 7.41
CA LEU A 59 3.96 0.15 7.23
C LEU A 59 4.06 1.22 8.31
N GLN A 60 3.77 2.46 7.90
CA GLN A 60 3.82 3.57 8.82
C GLN A 60 2.79 4.64 8.41
N GLU A 61 2.05 5.12 9.40
CA GLU A 61 1.05 6.14 9.15
C GLU A 61 1.61 7.23 8.23
N GLY A 62 1.13 7.22 6.99
CA GLY A 62 1.56 8.20 6.02
C GLY A 62 1.78 7.55 4.65
N ASP A 63 2.45 6.40 4.67
CA ASP A 63 2.72 5.67 3.45
C ASP A 63 1.48 5.71 2.54
N GLN A 64 1.63 6.35 1.40
CA GLN A 64 0.55 6.47 0.45
C GLN A 64 0.43 5.19 -0.38
N VAL A 65 -0.81 4.82 -0.68
CA VAL A 65 -1.07 3.64 -1.46
C VAL A 65 -1.42 4.03 -2.90
N LEU A 66 -0.42 3.91 -3.77
CA LEU A 66 -0.61 4.26 -5.16
C LEU A 66 -1.63 3.30 -5.79
N ALA A 67 -1.24 2.02 -5.84
CA ALA A 67 -2.10 1.01 -6.41
C ALA A 67 -2.10 -0.22 -5.50
N VAL A 68 -3.22 -0.94 -5.53
CA VAL A 68 -3.36 -2.14 -4.72
C VAL A 68 -3.70 -3.33 -5.62
N ASN A 69 -2.73 -4.20 -5.81
CA ASN A 69 -2.92 -5.37 -6.63
C ASN A 69 -3.41 -4.94 -8.02
N ASP A 70 -2.67 -4.02 -8.61
CA ASP A 70 -3.01 -3.51 -9.93
C ASP A 70 -4.06 -2.41 -9.79
N VAL A 71 -5.12 -2.73 -9.06
CA VAL A 71 -6.19 -1.79 -8.84
C VAL A 71 -5.62 -0.48 -8.28
N ASP A 72 -5.84 0.60 -9.01
CA ASP A 72 -5.35 1.89 -8.60
C ASP A 72 -6.21 2.41 -7.45
N PHE A 73 -5.54 2.94 -6.44
CA PHE A 73 -6.23 3.47 -5.27
C PHE A 73 -6.25 5.01 -5.31
N GLN A 74 -5.52 5.55 -6.27
CA GLN A 74 -5.45 7.00 -6.41
C GLN A 74 -6.84 7.62 -6.30
N ASP A 75 -7.82 6.89 -6.80
CA ASP A 75 -9.20 7.35 -6.75
C ASP A 75 -10.13 6.16 -6.54
N ILE A 76 -10.37 5.85 -5.27
CA ILE A 76 -11.23 4.75 -4.91
C ILE A 76 -11.91 5.04 -3.57
N GLU A 77 -13.03 4.37 -3.35
CA GLU A 77 -13.78 4.54 -2.11
C GLU A 77 -13.07 3.83 -0.96
N HIS A 78 -13.23 4.40 0.23
CA HIS A 78 -12.61 3.83 1.41
C HIS A 78 -13.06 2.37 1.57
N SER A 79 -14.36 2.16 1.41
CA SER A 79 -14.92 0.82 1.53
C SER A 79 -14.22 -0.14 0.57
N LYS A 80 -14.26 0.22 -0.71
CA LYS A 80 -13.64 -0.61 -1.73
C LYS A 80 -12.23 -1.00 -1.27
N ALA A 81 -11.43 0.01 -0.99
CA ALA A 81 -10.06 -0.21 -0.54
C ALA A 81 -10.08 -1.23 0.60
N VAL A 82 -10.85 -0.92 1.63
CA VAL A 82 -10.96 -1.79 2.79
C VAL A 82 -11.35 -3.20 2.33
N GLU A 83 -12.46 -3.26 1.59
CA GLU A 83 -12.94 -4.52 1.08
C GLU A 83 -11.84 -5.25 0.29
N ILE A 84 -11.41 -4.60 -0.78
CA ILE A 84 -10.36 -5.16 -1.62
C ILE A 84 -9.30 -5.82 -0.73
N LEU A 85 -8.57 -4.98 0.00
CA LEU A 85 -7.53 -5.46 0.88
C LEU A 85 -8.01 -6.74 1.57
N LYS A 86 -9.17 -6.63 2.19
CA LYS A 86 -9.74 -7.77 2.89
C LYS A 86 -9.89 -8.94 1.92
N THR A 87 -10.91 -8.86 1.08
CA THR A 87 -11.17 -9.89 0.10
C THR A 87 -9.85 -10.43 -0.47
N ALA A 88 -9.11 -9.54 -1.11
CA ALA A 88 -7.84 -9.92 -1.70
C ALA A 88 -7.09 -10.84 -0.73
N ARG A 89 -7.04 -12.11 -1.10
CA ARG A 89 -6.36 -13.10 -0.28
C ARG A 89 -4.91 -12.68 -0.03
N GLU A 90 -4.33 -12.05 -1.04
CA GLU A 90 -2.96 -11.58 -0.95
C GLU A 90 -2.87 -10.08 -1.25
N ILE A 91 -2.22 -9.36 -0.35
CA ILE A 91 -2.07 -7.93 -0.51
C ILE A 91 -0.75 -7.64 -1.24
N SER A 92 -0.81 -6.64 -2.11
CA SER A 92 0.36 -6.25 -2.88
C SER A 92 0.12 -4.90 -3.54
N MET A 93 0.20 -3.86 -2.71
CA MET A 93 0.00 -2.51 -3.21
C MET A 93 1.32 -1.74 -3.27
N ARG A 94 1.32 -0.68 -4.07
CA ARG A 94 2.52 0.13 -4.23
C ARG A 94 2.46 1.34 -3.29
N VAL A 95 3.54 1.49 -2.54
CA VAL A 95 3.63 2.60 -1.59
C VAL A 95 4.98 3.30 -1.76
N ARG A 96 5.01 4.56 -1.37
CA ARG A 96 6.23 5.35 -1.47
C ARG A 96 6.22 6.48 -0.45
N PHE A 97 7.39 6.74 0.12
CA PHE A 97 7.53 7.79 1.11
C PHE A 97 6.70 9.01 0.74
N PHE A 98 6.41 9.82 1.75
CA PHE A 98 5.62 11.02 1.53
C PHE A 98 6.38 12.26 2.01
N SER A 99 7.68 12.24 1.78
CA SER A 99 8.53 13.36 2.17
C SER A 99 8.52 13.51 3.70
N GLY A 100 9.46 12.83 4.32
CA GLY A 100 9.58 12.87 5.77
C GLY A 100 10.85 13.61 6.20
N PRO A 101 11.15 13.51 7.53
CA PRO A 101 12.32 14.16 8.07
C PRO A 101 13.59 13.39 7.70
N SER A 102 14.21 13.82 6.61
CA SER A 102 15.43 13.18 6.14
C SER A 102 16.63 13.71 6.92
N SER A 103 17.59 12.82 7.13
CA SER A 103 18.80 13.18 7.87
C SER A 103 20.03 12.80 7.06
N GLY A 104 20.16 11.51 6.77
CA GLY A 104 21.29 11.01 6.01
C GLY A 104 21.35 9.47 6.06
N GLY A 1 25.04 -29.46 -10.83
CA GLY A 1 24.00 -28.45 -10.66
C GLY A 1 23.71 -27.73 -11.98
N SER A 2 22.58 -27.03 -12.00
CA SER A 2 22.18 -26.30 -13.19
C SER A 2 21.10 -25.27 -12.83
N SER A 3 21.11 -24.17 -13.57
CA SER A 3 20.15 -23.12 -13.35
C SER A 3 20.25 -22.06 -14.45
N GLY A 4 19.29 -21.15 -14.46
CA GLY A 4 19.26 -20.09 -15.45
C GLY A 4 19.56 -18.73 -14.82
N SER A 5 18.80 -17.74 -15.23
CA SER A 5 18.97 -16.39 -14.72
C SER A 5 17.63 -15.65 -14.71
N SER A 6 17.64 -14.49 -14.08
CA SER A 6 16.43 -13.68 -14.00
C SER A 6 16.73 -12.23 -14.42
N GLY A 7 15.69 -11.55 -14.86
CA GLY A 7 15.83 -10.18 -15.30
C GLY A 7 14.49 -9.63 -15.82
N ASN A 8 13.90 -8.75 -15.02
CA ASN A 8 12.63 -8.15 -15.39
C ASN A 8 12.35 -6.96 -14.47
N ASN A 9 11.43 -6.11 -14.92
CA ASN A 9 11.07 -4.93 -14.15
C ASN A 9 12.30 -4.04 -13.98
N GLU A 10 12.47 -3.14 -14.93
CA GLU A 10 13.59 -2.22 -14.90
C GLU A 10 13.10 -0.78 -14.85
N LEU A 11 13.89 0.11 -15.43
CA LEU A 11 13.55 1.52 -15.46
C LEU A 11 13.12 1.96 -14.06
N THR A 12 14.12 2.25 -13.24
CA THR A 12 13.87 2.70 -11.87
C THR A 12 14.52 4.05 -11.62
N GLN A 13 13.79 4.89 -10.89
CA GLN A 13 14.29 6.22 -10.57
C GLN A 13 13.44 6.84 -9.45
N PHE A 14 12.14 6.65 -9.57
CA PHE A 14 11.23 7.19 -8.57
C PHE A 14 9.92 6.39 -8.54
N LEU A 15 10.07 5.08 -8.46
CA LEU A 15 8.92 4.19 -8.43
C LEU A 15 8.57 3.87 -6.97
N PRO A 16 7.26 3.61 -6.75
CA PRO A 16 6.79 3.29 -5.41
C PRO A 16 7.17 1.86 -5.02
N ARG A 17 7.30 1.65 -3.71
CA ARG A 17 7.66 0.35 -3.20
C ARG A 17 6.44 -0.56 -3.15
N ILE A 18 6.71 -1.85 -3.01
CA ILE A 18 5.64 -2.84 -2.95
C ILE A 18 5.44 -3.28 -1.49
N VAL A 19 4.22 -3.68 -1.20
CA VAL A 19 3.89 -4.14 0.15
C VAL A 19 2.97 -5.36 0.06
N THR A 20 3.60 -6.53 0.15
CA THR A 20 2.86 -7.77 0.09
C THR A 20 2.68 -8.36 1.49
N LEU A 21 1.45 -8.81 1.75
CA LEU A 21 1.13 -9.39 3.04
C LEU A 21 0.71 -10.84 2.85
N LYS A 22 0.72 -11.58 3.95
CA LYS A 22 0.35 -12.99 3.92
C LYS A 22 -1.01 -13.16 4.62
N LYS A 23 -1.08 -12.66 5.85
CA LYS A 23 -2.30 -12.75 6.62
C LYS A 23 -2.65 -14.23 6.82
N PRO A 24 -2.70 -14.64 8.12
CA PRO A 24 -3.03 -16.01 8.45
C PRO A 24 -4.52 -16.28 8.28
N PRO A 25 -4.89 -17.58 8.37
CA PRO A 25 -6.28 -17.98 8.22
C PRO A 25 -7.08 -17.63 9.48
N GLY A 26 -7.93 -16.62 9.34
CA GLY A 26 -8.77 -16.18 10.44
C GLY A 26 -8.09 -15.03 11.20
N ALA A 27 -7.38 -14.21 10.46
CA ALA A 27 -6.68 -13.07 11.05
C ALA A 27 -7.34 -11.78 10.59
N GLN A 28 -6.68 -10.67 10.87
CA GLN A 28 -7.18 -9.37 10.50
C GLN A 28 -6.12 -8.57 9.74
N LEU A 29 -6.58 -7.66 8.90
CA LEU A 29 -5.67 -6.84 8.11
C LEU A 29 -4.49 -6.44 8.99
N GLY A 30 -4.72 -5.44 9.83
CA GLY A 30 -3.67 -4.94 10.71
C GLY A 30 -3.44 -3.45 10.51
N PHE A 31 -4.25 -2.87 9.63
CA PHE A 31 -4.14 -1.46 9.34
C PHE A 31 -5.43 -0.93 8.72
N ASN A 32 -5.60 0.39 8.79
CA ASN A 32 -6.78 1.03 8.25
C ASN A 32 -6.36 1.95 7.09
N ILE A 33 -7.36 2.33 6.30
CA ILE A 33 -7.11 3.21 5.17
C ILE A 33 -8.00 4.44 5.28
N ARG A 34 -7.47 5.55 4.79
CA ARG A 34 -8.21 6.81 4.84
C ARG A 34 -8.03 7.57 3.53
N GLY A 35 -8.82 8.62 3.37
CA GLY A 35 -8.75 9.44 2.17
C GLY A 35 -9.86 9.05 1.18
N GLY A 36 -10.11 9.94 0.23
CA GLY A 36 -11.12 9.71 -0.77
C GLY A 36 -12.50 10.18 -0.29
N LYS A 37 -13.02 11.20 -0.96
CA LYS A 37 -14.31 11.75 -0.61
C LYS A 37 -15.23 11.71 -1.83
N ALA A 38 -14.81 12.41 -2.87
CA ALA A 38 -15.58 12.46 -4.09
C ALA A 38 -14.66 12.88 -5.25
N SER A 39 -13.94 13.97 -5.02
CA SER A 39 -13.02 14.48 -6.03
C SER A 39 -12.12 13.36 -6.54
N GLN A 40 -11.18 12.97 -5.71
CA GLN A 40 -10.24 11.91 -6.06
C GLN A 40 -9.24 11.68 -4.93
N LEU A 41 -8.63 12.77 -4.50
CA LEU A 41 -7.64 12.70 -3.43
C LEU A 41 -6.80 11.43 -3.60
N GLY A 42 -6.48 10.82 -2.46
CA GLY A 42 -5.68 9.61 -2.49
C GLY A 42 -5.82 8.84 -1.16
N ILE A 43 -5.42 7.58 -1.21
CA ILE A 43 -5.50 6.73 -0.02
C ILE A 43 -4.17 6.80 0.74
N PHE A 44 -4.27 6.63 2.05
CA PHE A 44 -3.09 6.67 2.90
C PHE A 44 -3.30 5.84 4.17
N ILE A 45 -2.25 5.13 4.55
CA ILE A 45 -2.30 4.30 5.74
C ILE A 45 -2.84 5.12 6.91
N SER A 46 -4.11 4.87 7.23
CA SER A 46 -4.76 5.57 8.32
C SER A 46 -4.13 5.18 9.65
N LYS A 47 -4.17 3.88 9.93
CA LYS A 47 -3.61 3.36 11.16
C LYS A 47 -3.01 1.97 10.90
N VAL A 48 -2.02 1.62 11.71
CA VAL A 48 -1.37 0.34 11.58
C VAL A 48 -1.23 -0.30 12.96
N ILE A 49 -1.61 -1.58 13.03
CA ILE A 49 -1.53 -2.31 14.28
C ILE A 49 -0.06 -2.47 14.69
N PRO A 50 0.24 -2.03 15.93
CA PRO A 50 1.59 -2.12 16.45
C PRO A 50 1.93 -3.55 16.84
N ASP A 51 1.85 -4.44 15.86
CA ASP A 51 2.14 -5.84 16.09
C ASP A 51 1.43 -6.69 15.04
N SER A 52 1.54 -6.25 13.80
CA SER A 52 0.91 -6.95 12.70
C SER A 52 1.93 -7.25 11.60
N ASP A 53 1.43 -7.72 10.48
CA ASP A 53 2.29 -8.04 9.35
C ASP A 53 2.65 -6.76 8.60
N ALA A 54 1.71 -5.82 8.62
CA ALA A 54 1.91 -4.55 7.95
C ALA A 54 2.96 -3.73 8.71
N HIS A 55 2.87 -3.79 10.03
CA HIS A 55 3.80 -3.06 10.88
C HIS A 55 5.24 -3.41 10.47
N ARG A 56 5.48 -4.72 10.32
CA ARG A 56 6.80 -5.19 9.94
C ARG A 56 7.02 -4.98 8.44
N ALA A 57 5.96 -5.23 7.68
CA ALA A 57 6.03 -5.08 6.24
C ALA A 57 6.75 -3.78 5.90
N GLY A 58 6.61 -2.81 6.79
CA GLY A 58 7.24 -1.52 6.58
C GLY A 58 6.20 -0.44 6.32
N LEU A 59 5.03 -0.62 6.92
CA LEU A 59 3.94 0.33 6.74
C LEU A 59 4.06 1.42 7.81
N GLN A 60 3.73 2.64 7.41
CA GLN A 60 3.79 3.77 8.31
C GLN A 60 2.68 4.77 8.00
N GLU A 61 2.07 5.31 9.05
CA GLU A 61 1.01 6.27 8.89
C GLU A 61 1.44 7.41 7.96
N GLY A 62 0.88 7.40 6.76
CA GLY A 62 1.22 8.41 5.78
C GLY A 62 1.57 7.77 4.43
N ASP A 63 2.04 6.54 4.51
CA ASP A 63 2.43 5.81 3.30
C ASP A 63 1.27 5.84 2.30
N GLN A 64 1.46 6.61 1.25
CA GLN A 64 0.45 6.74 0.22
C GLN A 64 0.29 5.42 -0.54
N VAL A 65 -0.95 5.00 -0.69
CA VAL A 65 -1.24 3.76 -1.38
C VAL A 65 -1.45 4.05 -2.87
N LEU A 66 -0.37 3.93 -3.62
CA LEU A 66 -0.43 4.18 -5.06
C LEU A 66 -1.49 3.28 -5.69
N ALA A 67 -1.23 1.99 -5.65
CA ALA A 67 -2.16 1.02 -6.22
C ALA A 67 -2.13 -0.26 -5.37
N VAL A 68 -3.27 -0.91 -5.31
CA VAL A 68 -3.40 -2.14 -4.55
C VAL A 68 -3.82 -3.28 -5.48
N ASN A 69 -2.91 -4.23 -5.64
CA ASN A 69 -3.18 -5.37 -6.51
C ASN A 69 -3.46 -4.88 -7.93
N ASP A 70 -2.65 -3.92 -8.35
CA ASP A 70 -2.80 -3.35 -9.69
C ASP A 70 -3.84 -2.24 -9.65
N VAL A 71 -4.94 -2.52 -8.96
CA VAL A 71 -6.01 -1.54 -8.83
C VAL A 71 -5.45 -0.22 -8.32
N ASP A 72 -5.71 0.83 -9.07
CA ASP A 72 -5.23 2.15 -8.71
C ASP A 72 -6.03 2.66 -7.50
N PHE A 73 -5.29 3.04 -6.47
CA PHE A 73 -5.92 3.54 -5.25
C PHE A 73 -5.85 5.07 -5.20
N GLN A 74 -5.41 5.65 -6.30
CA GLN A 74 -5.29 7.10 -6.39
C GLN A 74 -6.68 7.74 -6.44
N ASP A 75 -7.68 6.89 -6.60
CA ASP A 75 -9.06 7.35 -6.66
C ASP A 75 -10.00 6.16 -6.49
N ILE A 76 -10.13 5.72 -5.25
CA ILE A 76 -11.00 4.60 -4.94
C ILE A 76 -11.72 4.86 -3.61
N GLU A 77 -12.88 4.23 -3.48
CA GLU A 77 -13.67 4.39 -2.27
C GLU A 77 -12.93 3.80 -1.06
N HIS A 78 -13.34 4.26 0.12
CA HIS A 78 -12.72 3.78 1.35
C HIS A 78 -13.18 2.35 1.63
N SER A 79 -14.49 2.17 1.60
CA SER A 79 -15.06 0.86 1.85
C SER A 79 -14.51 -0.16 0.85
N LYS A 80 -14.27 0.32 -0.36
CA LYS A 80 -13.74 -0.53 -1.41
C LYS A 80 -12.25 -0.75 -1.18
N ALA A 81 -11.57 0.33 -0.86
CA ALA A 81 -10.14 0.27 -0.60
C ALA A 81 -9.87 -0.68 0.57
N VAL A 82 -10.88 -0.83 1.41
CA VAL A 82 -10.77 -1.70 2.56
C VAL A 82 -11.07 -3.14 2.14
N GLU A 83 -12.31 -3.35 1.71
CA GLU A 83 -12.75 -4.67 1.27
C GLU A 83 -11.68 -5.31 0.38
N ILE A 84 -11.24 -4.53 -0.59
CA ILE A 84 -10.22 -5.00 -1.53
C ILE A 84 -9.11 -5.71 -0.75
N LEU A 85 -8.53 -4.98 0.19
CA LEU A 85 -7.46 -5.52 1.01
C LEU A 85 -7.94 -6.83 1.65
N LYS A 86 -9.21 -6.86 1.99
CA LYS A 86 -9.79 -8.03 2.62
C LYS A 86 -9.93 -9.14 1.58
N THR A 87 -10.98 -9.04 0.79
CA THR A 87 -11.24 -10.03 -0.25
C THR A 87 -9.92 -10.50 -0.88
N ALA A 88 -9.02 -9.54 -1.07
CA ALA A 88 -7.72 -9.84 -1.65
C ALA A 88 -6.99 -10.85 -0.75
N ARG A 89 -7.11 -12.11 -1.12
CA ARG A 89 -6.46 -13.17 -0.36
C ARG A 89 -5.02 -12.80 -0.04
N GLU A 90 -4.35 -12.23 -1.04
CA GLU A 90 -2.97 -11.82 -0.88
C GLU A 90 -2.81 -10.34 -1.22
N ILE A 91 -2.25 -9.60 -0.28
CA ILE A 91 -2.05 -8.17 -0.49
C ILE A 91 -0.72 -7.95 -1.23
N SER A 92 -0.69 -6.87 -1.99
CA SER A 92 0.50 -6.54 -2.76
C SER A 92 0.32 -5.18 -3.44
N MET A 93 0.12 -4.16 -2.63
CA MET A 93 -0.07 -2.82 -3.14
C MET A 93 1.25 -2.06 -3.22
N ARG A 94 1.23 -0.96 -3.95
CA ARG A 94 2.42 -0.14 -4.11
C ARG A 94 2.28 1.17 -3.33
N VAL A 95 3.28 1.45 -2.52
CA VAL A 95 3.29 2.66 -1.72
C VAL A 95 4.56 3.45 -2.00
N ARG A 96 4.62 4.64 -1.42
CA ARG A 96 5.78 5.51 -1.61
C ARG A 96 6.02 6.34 -0.34
N PHE A 97 7.27 6.76 -0.18
CA PHE A 97 7.64 7.56 0.97
C PHE A 97 7.18 9.01 0.80
N PHE A 98 5.89 9.21 0.97
CA PHE A 98 5.31 10.54 0.84
C PHE A 98 5.80 11.46 1.96
N SER A 99 7.09 11.76 1.93
CA SER A 99 7.69 12.62 2.92
C SER A 99 9.16 12.87 2.59
N GLY A 100 9.54 14.13 2.63
CA GLY A 100 10.91 14.51 2.33
C GLY A 100 11.79 14.40 3.58
N PRO A 101 13.12 14.37 3.34
CA PRO A 101 14.08 14.26 4.43
C PRO A 101 14.21 15.58 5.19
N SER A 102 14.32 15.47 6.50
CA SER A 102 14.44 16.65 7.35
C SER A 102 14.79 16.23 8.77
N SER A 103 16.05 16.43 9.13
CA SER A 103 16.53 16.08 10.46
C SER A 103 16.52 17.32 11.35
N GLY A 104 16.39 17.07 12.65
CA GLY A 104 16.37 18.15 13.61
C GLY A 104 17.38 17.90 14.73
N GLY A 1 18.87 -22.56 -31.49
CA GLY A 1 18.75 -21.32 -32.24
C GLY A 1 19.02 -20.11 -31.33
N SER A 2 19.53 -19.05 -31.96
CA SER A 2 19.84 -17.84 -31.23
C SER A 2 18.71 -16.82 -31.41
N SER A 3 18.78 -15.75 -30.62
CA SER A 3 17.78 -14.70 -30.68
C SER A 3 18.34 -13.42 -30.07
N GLY A 4 18.00 -12.31 -30.71
CA GLY A 4 18.45 -11.01 -30.24
C GLY A 4 17.65 -9.88 -30.90
N SER A 5 17.05 -9.05 -30.05
CA SER A 5 16.25 -7.94 -30.53
C SER A 5 15.71 -7.14 -29.34
N SER A 6 15.25 -5.93 -29.64
CA SER A 6 14.71 -5.06 -28.61
C SER A 6 13.82 -5.87 -27.66
N GLY A 7 13.90 -5.52 -26.38
CA GLY A 7 13.13 -6.20 -25.37
C GLY A 7 13.56 -5.77 -23.96
N ASN A 8 14.71 -6.29 -23.55
CA ASN A 8 15.24 -5.98 -22.24
C ASN A 8 14.23 -6.38 -21.16
N ASN A 9 14.71 -6.40 -19.92
CA ASN A 9 13.86 -6.78 -18.80
C ASN A 9 14.09 -5.80 -17.66
N GLU A 10 12.98 -5.44 -17.00
CA GLU A 10 13.06 -4.51 -15.88
C GLU A 10 13.54 -3.14 -16.36
N LEU A 11 12.63 -2.18 -16.31
CA LEU A 11 12.95 -0.82 -16.72
C LEU A 11 12.40 0.17 -15.69
N THR A 12 13.06 0.18 -14.54
CA THR A 12 12.65 1.08 -13.47
C THR A 12 13.38 2.42 -13.57
N GLN A 13 12.86 3.40 -12.86
CA GLN A 13 13.45 4.73 -12.88
C GLN A 13 12.91 5.56 -11.72
N PHE A 14 11.61 5.43 -11.49
CA PHE A 14 10.95 6.16 -10.43
C PHE A 14 9.62 5.52 -10.05
N LEU A 15 9.66 4.21 -9.90
CA LEU A 15 8.47 3.45 -9.53
C LEU A 15 8.41 3.28 -8.01
N PRO A 16 7.16 3.14 -7.50
CA PRO A 16 6.95 2.99 -6.07
C PRO A 16 7.33 1.56 -5.62
N ARG A 17 7.47 1.41 -4.31
CA ARG A 17 7.83 0.13 -3.74
C ARG A 17 6.59 -0.78 -3.64
N ILE A 18 6.85 -2.06 -3.45
CA ILE A 18 5.78 -3.03 -3.33
C ILE A 18 5.76 -3.60 -1.91
N VAL A 19 4.68 -3.31 -1.21
CA VAL A 19 4.54 -3.79 0.16
C VAL A 19 3.60 -4.99 0.18
N THR A 20 4.20 -6.18 0.16
CA THR A 20 3.44 -7.41 0.16
C THR A 20 3.34 -7.96 1.60
N LEU A 21 2.13 -8.38 1.94
CA LEU A 21 1.87 -8.91 3.27
C LEU A 21 1.80 -10.45 3.19
N LYS A 22 1.87 -11.08 4.35
CA LYS A 22 1.81 -12.53 4.41
C LYS A 22 0.50 -12.95 5.08
N LYS A 23 -0.35 -11.96 5.33
CA LYS A 23 -1.63 -12.22 5.96
C LYS A 23 -2.15 -13.59 5.51
N PRO A 24 -2.38 -14.47 6.52
CA PRO A 24 -2.87 -15.81 6.24
C PRO A 24 -4.35 -15.79 5.88
N PRO A 25 -4.82 -16.92 5.29
CA PRO A 25 -6.21 -17.04 4.89
C PRO A 25 -7.12 -17.26 6.10
N GLY A 26 -7.03 -16.33 7.04
CA GLY A 26 -7.83 -16.42 8.25
C GLY A 26 -7.29 -15.47 9.33
N ALA A 27 -6.92 -14.28 8.89
CA ALA A 27 -6.39 -13.28 9.80
C ALA A 27 -7.09 -11.94 9.54
N GLN A 28 -6.62 -10.92 10.24
CA GLN A 28 -7.18 -9.58 10.09
C GLN A 28 -6.14 -8.64 9.48
N LEU A 29 -6.64 -7.53 8.95
CA LEU A 29 -5.77 -6.54 8.33
C LEU A 29 -4.66 -6.17 9.31
N GLY A 30 -4.97 -5.23 10.19
CA GLY A 30 -4.00 -4.78 11.18
C GLY A 30 -3.67 -3.31 10.99
N PHE A 31 -4.50 -2.64 10.20
CA PHE A 31 -4.31 -1.22 9.93
C PHE A 31 -5.57 -0.61 9.34
N ASN A 32 -5.67 0.71 9.47
CA ASN A 32 -6.82 1.43 8.95
C ASN A 32 -6.39 2.25 7.74
N ILE A 33 -7.26 2.27 6.74
CA ILE A 33 -6.99 3.02 5.52
C ILE A 33 -7.86 4.26 5.48
N ARG A 34 -7.23 5.38 5.16
CA ARG A 34 -7.93 6.65 5.09
C ARG A 34 -7.62 7.35 3.77
N GLY A 35 -8.35 8.42 3.52
CA GLY A 35 -8.17 9.19 2.30
C GLY A 35 -9.43 9.17 1.44
N GLY A 36 -9.26 9.57 0.19
CA GLY A 36 -10.38 9.60 -0.74
C GLY A 36 -11.66 10.09 -0.06
N LYS A 37 -11.76 11.40 0.07
CA LYS A 37 -12.91 12.01 0.71
C LYS A 37 -13.93 12.39 -0.36
N ALA A 38 -13.44 13.08 -1.38
CA ALA A 38 -14.30 13.51 -2.47
C ALA A 38 -13.46 14.27 -3.51
N SER A 39 -12.62 15.16 -3.00
CA SER A 39 -11.75 15.94 -3.87
C SER A 39 -10.59 15.09 -4.35
N GLN A 40 -10.92 14.03 -5.08
CA GLN A 40 -9.92 13.13 -5.61
C GLN A 40 -9.09 12.54 -4.47
N LEU A 41 -8.06 13.28 -4.08
CA LEU A 41 -7.18 12.84 -3.02
C LEU A 41 -6.61 11.47 -3.35
N GLY A 42 -6.28 10.72 -2.30
CA GLY A 42 -5.74 9.39 -2.47
C GLY A 42 -5.85 8.58 -1.18
N ILE A 43 -5.48 7.31 -1.28
CA ILE A 43 -5.53 6.42 -0.13
C ILE A 43 -4.19 6.48 0.62
N PHE A 44 -4.27 6.32 1.93
CA PHE A 44 -3.08 6.36 2.75
C PHE A 44 -3.26 5.47 3.99
N ILE A 45 -2.12 5.13 4.59
CA ILE A 45 -2.13 4.28 5.77
C ILE A 45 -2.56 5.12 6.99
N SER A 46 -3.85 5.01 7.31
CA SER A 46 -4.40 5.74 8.44
C SER A 46 -3.65 5.36 9.72
N LYS A 47 -3.78 4.10 10.09
CA LYS A 47 -3.13 3.60 11.29
C LYS A 47 -2.70 2.15 11.08
N VAL A 48 -1.66 1.75 11.79
CA VAL A 48 -1.15 0.40 11.68
C VAL A 48 -1.00 -0.20 13.08
N ILE A 49 -1.49 -1.42 13.23
CA ILE A 49 -1.41 -2.10 14.51
C ILE A 49 0.05 -2.39 14.84
N PRO A 50 0.48 -1.93 16.04
CA PRO A 50 1.84 -2.12 16.49
C PRO A 50 2.06 -3.57 16.94
N ASP A 51 1.77 -4.49 16.04
CA ASP A 51 1.94 -5.91 16.32
C ASP A 51 1.11 -6.72 15.33
N SER A 52 1.19 -6.32 14.08
CA SER A 52 0.45 -7.00 13.03
C SER A 52 1.41 -7.42 11.90
N ASP A 53 0.82 -7.87 10.80
CA ASP A 53 1.60 -8.29 9.65
C ASP A 53 2.09 -7.06 8.89
N ALA A 54 1.21 -6.08 8.80
CA ALA A 54 1.52 -4.85 8.09
C ALA A 54 2.70 -4.16 8.78
N HIS A 55 2.62 -4.10 10.10
CA HIS A 55 3.66 -3.47 10.90
C HIS A 55 5.04 -4.00 10.45
N ARG A 56 5.09 -5.32 10.27
CA ARG A 56 6.32 -5.95 9.84
C ARG A 56 6.48 -5.83 8.32
N ALA A 57 5.38 -6.02 7.62
CA ALA A 57 5.39 -5.93 6.18
C ALA A 57 6.23 -4.72 5.75
N GLY A 58 6.22 -3.71 6.59
CA GLY A 58 6.96 -2.50 6.31
C GLY A 58 6.03 -1.29 6.13
N LEU A 59 4.90 -1.36 6.80
CA LEU A 59 3.91 -0.30 6.73
C LEU A 59 4.16 0.71 7.85
N GLN A 60 3.77 1.95 7.58
CA GLN A 60 3.95 3.00 8.57
C GLN A 60 3.06 4.21 8.21
N GLU A 61 2.58 4.87 9.25
CA GLU A 61 1.73 6.03 9.05
C GLU A 61 2.45 7.08 8.21
N GLY A 62 2.04 7.16 6.94
CA GLY A 62 2.64 8.11 6.02
C GLY A 62 3.15 7.40 4.76
N ASP A 63 2.32 6.50 4.26
CA ASP A 63 2.67 5.75 3.06
C ASP A 63 1.49 5.76 2.09
N GLN A 64 1.58 6.64 1.10
CA GLN A 64 0.53 6.76 0.11
C GLN A 64 0.44 5.49 -0.73
N VAL A 65 -0.78 4.97 -0.82
CA VAL A 65 -1.01 3.75 -1.59
C VAL A 65 -1.32 4.13 -3.04
N LEU A 66 -0.36 3.84 -3.91
CA LEU A 66 -0.51 4.14 -5.33
C LEU A 66 -1.59 3.24 -5.91
N ALA A 67 -1.32 1.94 -5.87
CA ALA A 67 -2.26 0.96 -6.39
C ALA A 67 -2.28 -0.26 -5.46
N VAL A 68 -3.34 -1.05 -5.60
CA VAL A 68 -3.50 -2.24 -4.79
C VAL A 68 -3.97 -3.40 -5.67
N ASN A 69 -3.04 -4.31 -5.95
CA ASN A 69 -3.35 -5.45 -6.78
C ASN A 69 -3.77 -4.98 -8.17
N ASP A 70 -2.94 -4.13 -8.76
CA ASP A 70 -3.21 -3.60 -10.08
C ASP A 70 -4.17 -2.42 -9.96
N VAL A 71 -5.27 -2.67 -9.26
CA VAL A 71 -6.28 -1.63 -9.07
C VAL A 71 -5.62 -0.39 -8.46
N ASP A 72 -5.96 0.75 -9.03
CA ASP A 72 -5.41 2.02 -8.56
C ASP A 72 -6.12 2.43 -7.27
N PHE A 73 -5.42 3.23 -6.47
CA PHE A 73 -5.97 3.70 -5.22
C PHE A 73 -5.89 5.22 -5.12
N GLN A 74 -5.61 5.84 -6.26
CA GLN A 74 -5.50 7.29 -6.32
C GLN A 74 -6.87 7.93 -6.15
N ASP A 75 -7.90 7.18 -6.55
CA ASP A 75 -9.26 7.66 -6.45
C ASP A 75 -10.21 6.46 -6.37
N ILE A 76 -10.30 5.89 -5.19
CA ILE A 76 -11.16 4.74 -4.97
C ILE A 76 -11.90 4.92 -3.64
N GLU A 77 -13.06 4.28 -3.56
CA GLU A 77 -13.87 4.36 -2.35
C GLU A 77 -13.17 3.65 -1.20
N HIS A 78 -13.25 4.27 -0.03
CA HIS A 78 -12.62 3.71 1.16
C HIS A 78 -13.11 2.28 1.37
N SER A 79 -14.41 2.13 1.51
CA SER A 79 -15.01 0.82 1.71
C SER A 79 -14.39 -0.18 0.74
N LYS A 80 -14.19 0.27 -0.49
CA LYS A 80 -13.62 -0.58 -1.52
C LYS A 80 -12.19 -0.97 -1.11
N ALA A 81 -11.38 0.04 -0.88
CA ALA A 81 -10.00 -0.18 -0.48
C ALA A 81 -9.95 -1.31 0.55
N VAL A 82 -10.81 -1.19 1.57
CA VAL A 82 -10.87 -2.18 2.62
C VAL A 82 -11.30 -3.52 2.03
N GLU A 83 -12.46 -3.51 1.39
CA GLU A 83 -12.98 -4.71 0.77
C GLU A 83 -11.92 -5.39 -0.08
N ILE A 84 -11.33 -4.60 -0.97
CA ILE A 84 -10.30 -5.11 -1.86
C ILE A 84 -9.27 -5.91 -1.03
N LEU A 85 -8.52 -5.18 -0.23
CA LEU A 85 -7.51 -5.79 0.61
C LEU A 85 -8.06 -7.08 1.22
N LYS A 86 -9.30 -6.98 1.70
CA LYS A 86 -9.96 -8.12 2.30
C LYS A 86 -10.12 -9.24 1.26
N THR A 87 -10.98 -8.97 0.29
CA THR A 87 -11.23 -9.94 -0.77
C THR A 87 -9.91 -10.43 -1.37
N ALA A 88 -8.88 -9.61 -1.19
CA ALA A 88 -7.56 -9.94 -1.70
C ALA A 88 -6.81 -10.78 -0.66
N ARG A 89 -6.77 -12.08 -0.91
CA ARG A 89 -6.10 -13.00 0.00
C ARG A 89 -4.69 -12.49 0.30
N GLU A 90 -4.04 -11.92 -0.71
CA GLU A 90 -2.70 -11.40 -0.56
C GLU A 90 -2.67 -9.91 -0.93
N ILE A 91 -2.19 -9.12 0.01
CA ILE A 91 -2.09 -7.69 -0.19
C ILE A 91 -0.77 -7.35 -0.89
N SER A 92 -0.90 -6.74 -2.05
CA SER A 92 0.28 -6.36 -2.83
C SER A 92 0.07 -5.00 -3.47
N MET A 93 0.11 -3.97 -2.62
CA MET A 93 -0.07 -2.61 -3.11
C MET A 93 1.28 -1.90 -3.27
N ARG A 94 1.22 -0.74 -3.92
CA ARG A 94 2.42 0.04 -4.14
C ARG A 94 2.37 1.35 -3.34
N VAL A 95 3.51 1.69 -2.76
CA VAL A 95 3.61 2.90 -1.96
C VAL A 95 4.87 3.67 -2.36
N ARG A 96 4.94 4.91 -1.90
CA ARG A 96 6.09 5.75 -2.19
C ARG A 96 6.22 6.85 -1.15
N PHE A 97 7.46 7.28 -0.94
CA PHE A 97 7.74 8.33 0.03
C PHE A 97 7.17 9.67 -0.44
N PHE A 98 5.88 9.86 -0.16
CA PHE A 98 5.21 11.08 -0.54
C PHE A 98 5.27 12.12 0.58
N SER A 99 6.47 12.63 0.81
CA SER A 99 6.68 13.62 1.85
C SER A 99 5.98 13.19 3.14
N GLY A 100 6.74 12.51 3.99
CA GLY A 100 6.20 12.04 5.25
C GLY A 100 7.03 12.56 6.43
N PRO A 101 6.51 12.30 7.66
CA PRO A 101 7.19 12.74 8.87
C PRO A 101 8.42 11.86 9.15
N SER A 102 9.41 12.48 9.79
CA SER A 102 10.63 11.78 10.12
C SER A 102 11.28 12.40 11.35
N SER A 103 12.01 11.58 12.09
CA SER A 103 12.69 12.04 13.29
C SER A 103 14.15 12.39 12.96
N GLY A 104 14.85 11.41 12.45
CA GLY A 104 16.26 11.60 12.10
C GLY A 104 17.16 10.68 12.93
N GLY A 1 16.13 -28.70 -7.79
CA GLY A 1 16.18 -27.26 -7.64
C GLY A 1 17.34 -26.67 -8.43
N SER A 2 18.55 -26.89 -7.92
CA SER A 2 19.74 -26.39 -8.56
C SER A 2 19.77 -24.86 -8.50
N SER A 3 20.92 -24.30 -8.87
CA SER A 3 21.08 -22.86 -8.85
C SER A 3 20.65 -22.27 -10.20
N GLY A 4 20.24 -21.00 -10.16
CA GLY A 4 19.81 -20.32 -11.36
C GLY A 4 20.84 -19.29 -11.80
N SER A 5 20.34 -18.14 -12.24
CA SER A 5 21.21 -17.07 -12.69
C SER A 5 21.24 -15.94 -11.66
N SER A 6 22.20 -15.06 -11.81
CA SER A 6 22.36 -13.93 -10.90
C SER A 6 23.18 -12.83 -11.56
N GLY A 7 22.89 -11.60 -11.16
CA GLY A 7 23.60 -10.45 -11.70
C GLY A 7 23.40 -9.22 -10.81
N ASN A 8 23.80 -8.07 -11.35
CA ASN A 8 23.67 -6.82 -10.62
C ASN A 8 23.51 -5.67 -11.61
N ASN A 9 22.78 -4.66 -11.19
CA ASN A 9 22.54 -3.49 -12.03
C ASN A 9 22.20 -2.30 -11.15
N GLU A 10 21.14 -2.46 -10.37
CA GLU A 10 20.69 -1.41 -9.47
C GLU A 10 20.58 -0.08 -10.23
N LEU A 11 19.48 0.06 -10.96
CA LEU A 11 19.24 1.26 -11.73
C LEU A 11 18.00 1.98 -11.17
N THR A 12 18.11 2.41 -9.93
CA THR A 12 17.01 3.11 -9.28
C THR A 12 17.50 4.41 -8.66
N GLN A 13 16.55 5.21 -8.20
CA GLN A 13 16.88 6.49 -7.58
C GLN A 13 15.69 7.00 -6.76
N PHE A 14 14.50 6.89 -7.37
CA PHE A 14 13.29 7.34 -6.71
C PHE A 14 12.10 6.46 -7.10
N LEU A 15 12.39 5.18 -7.25
CA LEU A 15 11.35 4.21 -7.62
C LEU A 15 10.50 3.89 -6.39
N PRO A 16 9.24 3.47 -6.66
CA PRO A 16 8.32 3.13 -5.58
C PRO A 16 8.68 1.76 -4.98
N ARG A 17 8.13 1.51 -3.80
CA ARG A 17 8.38 0.26 -3.12
C ARG A 17 7.10 -0.59 -3.07
N ILE A 18 7.30 -1.90 -2.95
CA ILE A 18 6.18 -2.82 -2.91
C ILE A 18 5.94 -3.25 -1.46
N VAL A 19 4.67 -3.28 -1.09
CA VAL A 19 4.29 -3.67 0.27
C VAL A 19 3.37 -4.89 0.20
N THR A 20 3.98 -6.06 0.35
CA THR A 20 3.22 -7.30 0.31
C THR A 20 3.00 -7.84 1.72
N LEU A 21 1.75 -8.13 2.03
CA LEU A 21 1.40 -8.65 3.34
C LEU A 21 1.01 -10.13 3.21
N LYS A 22 0.76 -10.74 4.35
CA LYS A 22 0.39 -12.15 4.38
C LYS A 22 -1.07 -12.26 4.85
N LYS A 23 -1.36 -11.61 5.96
CA LYS A 23 -2.71 -11.63 6.52
C LYS A 23 -3.09 -13.08 6.83
N PRO A 24 -3.33 -13.33 8.15
CA PRO A 24 -3.70 -14.66 8.60
C PRO A 24 -5.16 -14.97 8.24
N PRO A 25 -5.48 -16.29 8.23
CA PRO A 25 -6.83 -16.73 7.91
C PRO A 25 -7.79 -16.46 9.08
N GLY A 26 -7.98 -15.18 9.36
CA GLY A 26 -8.87 -14.78 10.44
C GLY A 26 -8.44 -13.44 11.04
N ALA A 27 -8.08 -12.52 10.16
CA ALA A 27 -7.65 -11.20 10.59
C ALA A 27 -8.57 -10.15 9.98
N GLN A 28 -8.33 -8.90 10.37
CA GLN A 28 -9.12 -7.79 9.86
C GLN A 28 -8.22 -6.59 9.56
N LEU A 29 -7.24 -6.84 8.72
CA LEU A 29 -6.30 -5.79 8.34
C LEU A 29 -5.60 -5.26 9.59
N GLY A 30 -4.27 -5.35 9.56
CA GLY A 30 -3.47 -4.89 10.68
C GLY A 30 -3.16 -3.39 10.56
N PHE A 31 -3.93 -2.73 9.70
CA PHE A 31 -3.75 -1.31 9.49
C PHE A 31 -5.09 -0.62 9.18
N ASN A 32 -5.10 0.69 9.35
CA ASN A 32 -6.30 1.46 9.09
C ASN A 32 -6.10 2.30 7.82
N ILE A 33 -7.07 2.19 6.92
CA ILE A 33 -7.01 2.92 5.67
C ILE A 33 -7.92 4.15 5.76
N ARG A 34 -7.41 5.25 5.24
CA ARG A 34 -8.16 6.50 5.26
C ARG A 34 -8.03 7.22 3.92
N GLY A 35 -8.75 8.32 3.80
CA GLY A 35 -8.73 9.10 2.58
C GLY A 35 -9.83 8.64 1.61
N GLY A 36 -10.60 9.61 1.13
CA GLY A 36 -11.69 9.33 0.21
C GLY A 36 -12.75 10.43 0.26
N LYS A 37 -13.99 9.99 0.43
CA LYS A 37 -15.10 10.93 0.50
C LYS A 37 -15.26 11.61 -0.86
N ALA A 38 -16.21 12.53 -0.91
CA ALA A 38 -16.49 13.26 -2.14
C ALA A 38 -15.17 13.57 -2.85
N SER A 39 -14.36 14.40 -2.20
CA SER A 39 -13.07 14.78 -2.74
C SER A 39 -12.32 13.54 -3.24
N GLN A 40 -11.95 13.57 -4.50
CA GLN A 40 -11.22 12.46 -5.10
C GLN A 40 -10.27 11.84 -4.08
N LEU A 41 -9.38 12.68 -3.57
CA LEU A 41 -8.40 12.23 -2.58
C LEU A 41 -7.84 10.87 -3.01
N GLY A 42 -7.22 10.20 -2.05
CA GLY A 42 -6.65 8.89 -2.32
C GLY A 42 -6.71 8.00 -1.08
N ILE A 43 -5.78 7.06 -1.02
CA ILE A 43 -5.71 6.14 0.12
C ILE A 43 -4.33 6.25 0.77
N PHE A 44 -4.34 6.22 2.10
CA PHE A 44 -3.11 6.31 2.85
C PHE A 44 -3.19 5.48 4.13
N ILE A 45 -2.05 4.91 4.51
CA ILE A 45 -1.98 4.09 5.71
C ILE A 45 -2.34 4.95 6.93
N SER A 46 -3.64 5.05 7.18
CA SER A 46 -4.13 5.83 8.30
C SER A 46 -3.34 5.47 9.57
N LYS A 47 -3.45 4.21 9.95
CA LYS A 47 -2.76 3.72 11.14
C LYS A 47 -2.33 2.28 10.92
N VAL A 48 -1.42 1.82 11.77
CA VAL A 48 -0.93 0.46 11.68
C VAL A 48 -0.98 -0.19 13.06
N ILE A 49 -1.49 -1.42 13.08
CA ILE A 49 -1.60 -2.16 14.32
C ILE A 49 -0.20 -2.46 14.86
N PRO A 50 0.04 -2.02 16.13
CA PRO A 50 1.32 -2.24 16.76
C PRO A 50 1.47 -3.70 17.21
N ASP A 51 1.29 -4.60 16.25
CA ASP A 51 1.40 -6.02 16.53
C ASP A 51 0.70 -6.81 15.44
N SER A 52 0.96 -6.40 14.20
CA SER A 52 0.35 -7.07 13.06
C SER A 52 1.43 -7.41 12.02
N ASP A 53 0.97 -7.80 10.84
CA ASP A 53 1.88 -8.16 9.77
C ASP A 53 2.31 -6.90 9.02
N ALA A 54 1.42 -5.91 9.05
CA ALA A 54 1.70 -4.65 8.38
C ALA A 54 2.89 -3.97 9.04
N HIS A 55 2.86 -3.92 10.36
CA HIS A 55 3.93 -3.30 11.12
C HIS A 55 5.28 -3.83 10.63
N ARG A 56 5.31 -5.13 10.40
CA ARG A 56 6.53 -5.77 9.92
C ARG A 56 6.65 -5.62 8.40
N ALA A 57 5.52 -5.76 7.73
CA ALA A 57 5.49 -5.64 6.29
C ALA A 57 6.39 -4.47 5.86
N GLY A 58 6.36 -3.43 6.66
CA GLY A 58 7.18 -2.24 6.38
C GLY A 58 6.30 -1.04 6.09
N LEU A 59 5.10 -1.06 6.67
CA LEU A 59 4.15 0.03 6.48
C LEU A 59 4.48 1.14 7.48
N GLN A 60 4.15 2.37 7.08
CA GLN A 60 4.39 3.53 7.92
C GLN A 60 3.24 4.53 7.78
N GLU A 61 2.83 5.08 8.92
CA GLU A 61 1.76 6.06 8.94
C GLU A 61 2.09 7.23 8.02
N GLY A 62 1.46 7.22 6.85
CA GLY A 62 1.67 8.28 5.87
C GLY A 62 2.27 7.71 4.58
N ASP A 63 1.79 6.54 4.21
CA ASP A 63 2.26 5.90 3.00
C ASP A 63 1.16 5.91 1.94
N GLN A 64 1.41 6.67 0.88
CA GLN A 64 0.44 6.79 -0.20
C GLN A 64 0.28 5.44 -0.91
N VAL A 65 -0.97 5.05 -1.08
CA VAL A 65 -1.27 3.79 -1.74
C VAL A 65 -1.58 4.06 -3.22
N LEU A 66 -0.54 3.98 -4.03
CA LEU A 66 -0.68 4.20 -5.46
C LEU A 66 -1.74 3.25 -6.02
N ALA A 67 -1.41 1.98 -6.01
CA ALA A 67 -2.32 0.96 -6.50
C ALA A 67 -2.24 -0.28 -5.61
N VAL A 68 -3.40 -0.86 -5.36
CA VAL A 68 -3.47 -2.05 -4.52
C VAL A 68 -3.78 -3.26 -5.39
N ASN A 69 -2.82 -4.16 -5.49
CA ASN A 69 -2.97 -5.36 -6.29
C ASN A 69 -3.24 -4.97 -7.74
N ASP A 70 -2.51 -3.96 -8.19
CA ASP A 70 -2.65 -3.49 -9.56
C ASP A 70 -3.75 -2.43 -9.61
N VAL A 71 -4.84 -2.73 -8.90
CA VAL A 71 -5.98 -1.82 -8.86
C VAL A 71 -5.51 -0.44 -8.40
N ASP A 72 -5.87 0.57 -9.17
CA ASP A 72 -5.50 1.94 -8.84
C ASP A 72 -6.31 2.41 -7.64
N PHE A 73 -5.59 2.97 -6.67
CA PHE A 73 -6.23 3.47 -5.46
C PHE A 73 -6.24 4.99 -5.44
N GLN A 74 -5.53 5.58 -6.40
CA GLN A 74 -5.46 7.03 -6.51
C GLN A 74 -6.85 7.65 -6.35
N ASP A 75 -7.84 6.90 -6.80
CA ASP A 75 -9.22 7.35 -6.74
C ASP A 75 -10.14 6.16 -6.44
N ILE A 76 -10.13 5.75 -5.18
CA ILE A 76 -10.95 4.63 -4.76
C ILE A 76 -11.64 4.97 -3.44
N GLU A 77 -12.74 4.28 -3.18
CA GLU A 77 -13.50 4.50 -1.96
C GLU A 77 -12.86 3.75 -0.79
N HIS A 78 -12.96 4.36 0.38
CA HIS A 78 -12.41 3.76 1.58
C HIS A 78 -12.91 2.32 1.73
N SER A 79 -14.22 2.20 1.82
CA SER A 79 -14.84 0.89 1.96
C SER A 79 -14.33 -0.05 0.86
N LYS A 80 -14.31 0.48 -0.36
CA LYS A 80 -13.85 -0.31 -1.49
C LYS A 80 -12.43 -0.79 -1.23
N ALA A 81 -11.61 0.11 -0.71
CA ALA A 81 -10.22 -0.21 -0.40
C ALA A 81 -10.19 -1.34 0.63
N VAL A 82 -11.01 -1.20 1.64
CA VAL A 82 -11.09 -2.20 2.70
C VAL A 82 -11.54 -3.54 2.11
N GLU A 83 -12.60 -3.47 1.32
CA GLU A 83 -13.14 -4.66 0.68
C GLU A 83 -12.07 -5.33 -0.18
N ILE A 84 -11.60 -4.57 -1.16
CA ILE A 84 -10.58 -5.09 -2.06
C ILE A 84 -9.53 -5.87 -1.26
N LEU A 85 -8.79 -5.13 -0.45
CA LEU A 85 -7.75 -5.73 0.37
C LEU A 85 -8.28 -7.06 0.94
N LYS A 86 -9.39 -6.96 1.64
CA LYS A 86 -10.01 -8.14 2.24
C LYS A 86 -10.20 -9.21 1.17
N THR A 87 -11.22 -8.99 0.35
CA THR A 87 -11.51 -9.93 -0.72
C THR A 87 -10.23 -10.49 -1.33
N ALA A 88 -9.20 -9.65 -1.33
CA ALA A 88 -7.92 -10.05 -1.86
C ALA A 88 -7.16 -10.87 -0.82
N ARG A 89 -6.87 -12.11 -1.19
CA ARG A 89 -6.15 -13.01 -0.29
C ARG A 89 -4.78 -12.44 0.04
N GLU A 90 -4.07 -12.03 -1.00
CA GLU A 90 -2.74 -11.45 -0.83
C GLU A 90 -2.76 -9.97 -1.16
N ILE A 91 -2.29 -9.17 -0.21
CA ILE A 91 -2.25 -7.74 -0.39
C ILE A 91 -0.88 -7.34 -0.96
N SER A 92 -0.92 -6.65 -2.09
CA SER A 92 0.31 -6.21 -2.74
C SER A 92 0.05 -4.91 -3.51
N MET A 93 0.23 -3.80 -2.80
CA MET A 93 0.02 -2.49 -3.40
C MET A 93 1.36 -1.79 -3.64
N ARG A 94 1.27 -0.65 -4.31
CA ARG A 94 2.47 0.13 -4.62
C ARG A 94 2.45 1.45 -3.84
N VAL A 95 3.33 1.53 -2.86
CA VAL A 95 3.44 2.71 -2.03
C VAL A 95 4.77 3.41 -2.33
N ARG A 96 4.81 4.70 -2.01
CA ARG A 96 6.00 5.50 -2.23
C ARG A 96 6.03 6.69 -1.27
N PHE A 97 7.22 6.96 -0.76
CA PHE A 97 7.41 8.07 0.17
C PHE A 97 6.65 9.31 -0.31
N PHE A 98 5.48 9.51 0.28
CA PHE A 98 4.66 10.66 -0.07
C PHE A 98 5.05 11.89 0.75
N SER A 99 6.33 12.23 0.66
CA SER A 99 6.84 13.39 1.39
C SER A 99 6.59 13.22 2.89
N GLY A 100 7.52 12.55 3.55
CA GLY A 100 7.41 12.32 4.97
C GLY A 100 8.76 11.92 5.58
N PRO A 101 8.89 12.16 6.91
CA PRO A 101 10.12 11.84 7.61
C PRO A 101 10.24 10.33 7.83
N SER A 102 11.43 9.91 8.25
CA SER A 102 11.69 8.51 8.50
C SER A 102 11.35 8.17 9.95
N SER A 103 12.02 8.85 10.86
CA SER A 103 11.81 8.62 12.28
C SER A 103 12.24 9.87 13.08
N GLY A 104 11.25 10.49 13.71
CA GLY A 104 11.51 11.68 14.50
C GLY A 104 10.22 12.21 15.13
N GLY A 1 14.32 4.01 -23.46
CA GLY A 1 13.66 2.76 -23.76
C GLY A 1 14.68 1.71 -24.22
N SER A 2 14.34 0.46 -23.98
CA SER A 2 15.20 -0.65 -24.37
C SER A 2 14.48 -1.98 -24.17
N SER A 3 14.35 -2.72 -25.27
CA SER A 3 13.68 -4.00 -25.23
C SER A 3 14.72 -5.13 -25.28
N GLY A 4 14.31 -6.28 -24.76
CA GLY A 4 15.19 -7.44 -24.73
C GLY A 4 16.24 -7.30 -23.63
N SER A 5 16.07 -8.08 -22.58
CA SER A 5 16.99 -8.06 -21.47
C SER A 5 17.92 -9.28 -21.52
N SER A 6 19.18 -9.04 -21.22
CA SER A 6 20.17 -10.11 -21.23
C SER A 6 21.27 -9.81 -20.22
N GLY A 7 20.95 -10.04 -18.95
CA GLY A 7 21.91 -9.80 -17.88
C GLY A 7 21.20 -9.34 -16.61
N ASN A 8 21.48 -8.10 -16.22
CA ASN A 8 20.87 -7.53 -15.02
C ASN A 8 21.04 -6.01 -15.05
N ASN A 9 20.25 -5.36 -14.22
CA ASN A 9 20.29 -3.90 -14.14
C ASN A 9 19.73 -3.46 -12.79
N GLU A 10 20.23 -2.33 -12.32
CA GLU A 10 19.78 -1.78 -11.05
C GLU A 10 20.12 -0.29 -10.96
N LEU A 11 19.06 0.52 -10.84
CA LEU A 11 19.23 1.96 -10.74
C LEU A 11 18.14 2.53 -9.83
N THR A 12 18.36 2.39 -8.54
CA THR A 12 17.42 2.90 -7.55
C THR A 12 17.94 4.18 -6.91
N GLN A 13 17.00 5.00 -6.45
CA GLN A 13 17.36 6.26 -5.81
C GLN A 13 16.14 6.87 -5.13
N PHE A 14 15.00 6.77 -5.82
CA PHE A 14 13.76 7.30 -5.28
C PHE A 14 12.55 6.55 -5.84
N LEU A 15 12.76 5.25 -6.09
CA LEU A 15 11.71 4.42 -6.62
C LEU A 15 10.78 3.99 -5.49
N PRO A 16 9.55 3.56 -5.88
CA PRO A 16 8.57 3.11 -4.91
C PRO A 16 8.92 1.72 -4.36
N ARG A 17 7.99 1.16 -3.61
CA ARG A 17 8.18 -0.17 -3.03
C ARG A 17 6.88 -0.97 -3.10
N ILE A 18 7.04 -2.28 -3.01
CA ILE A 18 5.90 -3.18 -3.06
C ILE A 18 5.70 -3.82 -1.69
N VAL A 19 4.60 -3.44 -1.05
CA VAL A 19 4.29 -3.98 0.26
C VAL A 19 3.40 -5.22 0.11
N THR A 20 4.05 -6.38 0.13
CA THR A 20 3.34 -7.64 -0.01
C THR A 20 3.12 -8.28 1.36
N LEU A 21 1.91 -8.76 1.57
CA LEU A 21 1.56 -9.41 2.82
C LEU A 21 1.16 -10.86 2.56
N LYS A 22 1.43 -11.70 3.54
CA LYS A 22 1.11 -13.11 3.43
C LYS A 22 -0.35 -13.34 3.85
N LYS A 23 -0.97 -12.25 4.30
CA LYS A 23 -2.36 -12.31 4.74
C LYS A 23 -3.13 -13.29 3.83
N PRO A 24 -3.73 -14.32 4.49
CA PRO A 24 -4.49 -15.32 3.76
C PRO A 24 -5.85 -14.76 3.33
N PRO A 25 -6.48 -15.47 2.37
CA PRO A 25 -7.78 -15.06 1.86
C PRO A 25 -8.89 -15.39 2.86
N GLY A 26 -8.71 -14.89 4.08
CA GLY A 26 -9.67 -15.11 5.13
C GLY A 26 -9.12 -14.69 6.50
N ALA A 27 -8.39 -13.57 6.48
CA ALA A 27 -7.80 -13.05 7.69
C ALA A 27 -8.09 -11.55 7.79
N GLN A 28 -8.26 -11.10 9.03
CA GLN A 28 -8.54 -9.69 9.27
C GLN A 28 -7.42 -8.82 8.70
N LEU A 29 -7.26 -7.65 9.31
CA LEU A 29 -6.22 -6.72 8.87
C LEU A 29 -5.40 -6.29 10.08
N GLY A 30 -4.68 -5.19 9.90
CA GLY A 30 -3.84 -4.66 10.97
C GLY A 30 -3.58 -3.16 10.75
N PHE A 31 -4.47 -2.53 10.00
CA PHE A 31 -4.35 -1.11 9.72
C PHE A 31 -5.63 -0.57 9.09
N ASN A 32 -5.78 0.75 9.17
CA ASN A 32 -6.94 1.41 8.60
C ASN A 32 -6.50 2.36 7.49
N ILE A 33 -7.36 2.49 6.48
CA ILE A 33 -7.08 3.35 5.35
C ILE A 33 -7.91 4.63 5.48
N ARG A 34 -7.42 5.68 4.83
CA ARG A 34 -8.11 6.96 4.86
C ARG A 34 -7.66 7.82 3.67
N GLY A 35 -8.34 8.95 3.52
CA GLY A 35 -8.02 9.88 2.44
C GLY A 35 -8.20 9.21 1.08
N GLY A 36 -8.72 9.98 0.14
CA GLY A 36 -8.95 9.48 -1.21
C GLY A 36 -10.44 9.28 -1.47
N LYS A 37 -11.10 10.39 -1.81
CA LYS A 37 -12.52 10.36 -2.09
C LYS A 37 -12.86 11.43 -3.12
N ALA A 38 -12.54 11.12 -4.38
CA ALA A 38 -12.80 12.04 -5.47
C ALA A 38 -12.48 13.47 -5.00
N SER A 39 -11.20 13.73 -4.84
CA SER A 39 -10.75 15.05 -4.40
C SER A 39 -9.22 15.13 -4.48
N GLN A 40 -8.70 14.77 -5.64
CA GLN A 40 -7.27 14.80 -5.86
C GLN A 40 -6.54 14.22 -4.65
N LEU A 41 -7.19 13.27 -4.01
CA LEU A 41 -6.62 12.62 -2.83
C LEU A 41 -6.53 11.12 -3.09
N GLY A 42 -5.50 10.52 -2.51
CA GLY A 42 -5.29 9.08 -2.66
C GLY A 42 -5.49 8.35 -1.33
N ILE A 43 -5.27 7.04 -1.37
CA ILE A 43 -5.42 6.23 -0.18
C ILE A 43 -4.13 6.29 0.65
N PHE A 44 -4.29 6.64 1.91
CA PHE A 44 -3.16 6.73 2.81
C PHE A 44 -3.38 5.89 4.06
N ILE A 45 -2.28 5.45 4.65
CA ILE A 45 -2.33 4.64 5.85
C ILE A 45 -2.86 5.48 7.01
N SER A 46 -4.07 5.15 7.45
CA SER A 46 -4.69 5.87 8.54
C SER A 46 -4.05 5.45 9.86
N LYS A 47 -4.13 4.15 10.13
CA LYS A 47 -3.56 3.61 11.35
C LYS A 47 -3.03 2.20 11.09
N VAL A 48 -1.95 1.87 11.80
CA VAL A 48 -1.34 0.56 11.64
C VAL A 48 -1.17 -0.07 13.02
N ILE A 49 -1.58 -1.32 13.12
CA ILE A 49 -1.48 -2.06 14.37
C ILE A 49 0.00 -2.28 14.71
N PRO A 50 0.37 -1.84 15.94
CA PRO A 50 1.74 -1.98 16.40
C PRO A 50 2.06 -3.43 16.77
N ASP A 51 1.87 -4.30 15.79
CA ASP A 51 2.14 -5.72 16.00
C ASP A 51 1.33 -6.53 15.00
N SER A 52 1.38 -6.09 13.75
CA SER A 52 0.67 -6.77 12.67
C SER A 52 1.63 -7.12 11.55
N ASP A 53 1.06 -7.59 10.44
CA ASP A 53 1.85 -7.95 9.29
C ASP A 53 2.31 -6.69 8.55
N ALA A 54 1.48 -5.66 8.64
CA ALA A 54 1.78 -4.40 7.99
C ALA A 54 2.92 -3.72 8.74
N HIS A 55 2.83 -3.75 10.06
CA HIS A 55 3.85 -3.14 10.90
C HIS A 55 5.23 -3.69 10.53
N ARG A 56 5.27 -5.01 10.35
CA ARG A 56 6.51 -5.66 9.99
C ARG A 56 6.82 -5.46 8.51
N ALA A 57 5.79 -5.66 7.70
CA ALA A 57 5.93 -5.50 6.26
C ALA A 57 6.71 -4.22 5.97
N GLY A 58 6.48 -3.22 6.81
CA GLY A 58 7.15 -1.94 6.65
C GLY A 58 6.14 -0.82 6.39
N LEU A 59 4.98 -0.95 7.03
CA LEU A 59 3.94 0.04 6.88
C LEU A 59 4.04 1.05 8.02
N GLN A 60 3.87 2.32 7.66
CA GLN A 60 3.94 3.39 8.64
C GLN A 60 2.92 4.49 8.31
N GLU A 61 2.27 4.98 9.35
CA GLU A 61 1.27 6.01 9.18
C GLU A 61 1.83 7.16 8.32
N GLY A 62 1.25 7.30 7.14
CA GLY A 62 1.67 8.34 6.22
C GLY A 62 1.99 7.75 4.84
N ASP A 63 2.28 6.46 4.83
CA ASP A 63 2.61 5.78 3.59
C ASP A 63 1.38 5.81 2.66
N GLN A 64 1.63 6.26 1.44
CA GLN A 64 0.56 6.35 0.46
C GLN A 64 0.40 5.01 -0.26
N VAL A 65 -0.83 4.75 -0.68
CA VAL A 65 -1.15 3.51 -1.37
C VAL A 65 -1.44 3.82 -2.84
N LEU A 66 -0.40 3.73 -3.66
CA LEU A 66 -0.54 4.00 -5.08
C LEU A 66 -1.64 3.10 -5.66
N ALA A 67 -1.35 1.80 -5.66
CA ALA A 67 -2.29 0.83 -6.17
C ALA A 67 -2.31 -0.40 -5.27
N VAL A 68 -3.34 -1.20 -5.44
CA VAL A 68 -3.49 -2.41 -4.64
C VAL A 68 -3.84 -3.58 -5.55
N ASN A 69 -2.84 -4.44 -5.77
CA ASN A 69 -3.02 -5.59 -6.62
C ASN A 69 -3.50 -5.14 -8.01
N ASP A 70 -2.78 -4.16 -8.55
CA ASP A 70 -3.11 -3.63 -9.86
C ASP A 70 -4.18 -2.54 -9.70
N VAL A 71 -5.21 -2.87 -8.92
CA VAL A 71 -6.29 -1.93 -8.69
C VAL A 71 -5.73 -0.60 -8.19
N ASP A 72 -6.11 0.46 -8.86
CA ASP A 72 -5.64 1.79 -8.51
C ASP A 72 -6.40 2.27 -7.26
N PHE A 73 -5.65 2.86 -6.34
CA PHE A 73 -6.23 3.37 -5.11
C PHE A 73 -6.24 4.90 -5.09
N GLN A 74 -5.38 5.47 -5.93
CA GLN A 74 -5.27 6.92 -6.02
C GLN A 74 -6.67 7.55 -5.97
N ASP A 75 -7.64 6.83 -6.52
CA ASP A 75 -9.01 7.31 -6.54
C ASP A 75 -9.96 6.13 -6.35
N ILE A 76 -10.10 5.74 -5.08
CA ILE A 76 -10.98 4.63 -4.75
C ILE A 76 -11.71 4.94 -3.45
N GLU A 77 -12.80 4.22 -3.22
CA GLU A 77 -13.60 4.41 -2.02
C GLU A 77 -12.95 3.68 -0.84
N HIS A 78 -13.04 4.30 0.33
CA HIS A 78 -12.48 3.72 1.53
C HIS A 78 -12.99 2.29 1.70
N SER A 79 -14.30 2.16 1.76
CA SER A 79 -14.93 0.87 1.91
C SER A 79 -14.37 -0.12 0.88
N LYS A 80 -14.17 0.40 -0.32
CA LYS A 80 -13.64 -0.41 -1.40
C LYS A 80 -12.20 -0.81 -1.08
N ALA A 81 -11.40 0.20 -0.80
CA ALA A 81 -9.99 -0.02 -0.48
C ALA A 81 -9.90 -1.11 0.59
N VAL A 82 -10.73 -0.98 1.61
CA VAL A 82 -10.74 -1.94 2.69
C VAL A 82 -11.14 -3.32 2.14
N GLU A 83 -12.36 -3.38 1.63
CA GLU A 83 -12.87 -4.63 1.07
C GLU A 83 -11.85 -5.23 0.11
N ILE A 84 -11.43 -4.43 -0.85
CA ILE A 84 -10.45 -4.88 -1.83
C ILE A 84 -9.38 -5.72 -1.13
N LEU A 85 -8.71 -5.10 -0.18
CA LEU A 85 -7.66 -5.79 0.57
C LEU A 85 -8.16 -7.16 1.00
N LYS A 86 -9.16 -7.15 1.87
CA LYS A 86 -9.74 -8.38 2.36
C LYS A 86 -9.92 -9.36 1.20
N THR A 87 -10.88 -9.04 0.34
CA THR A 87 -11.15 -9.88 -0.82
C THR A 87 -9.85 -10.37 -1.45
N ALA A 88 -8.95 -9.43 -1.66
CA ALA A 88 -7.66 -9.74 -2.25
C ALA A 88 -6.93 -10.76 -1.38
N ARG A 89 -6.94 -12.00 -1.85
CA ARG A 89 -6.28 -13.08 -1.11
C ARG A 89 -4.91 -12.63 -0.60
N GLU A 90 -4.15 -12.03 -1.51
CA GLU A 90 -2.82 -11.55 -1.17
C GLU A 90 -2.73 -10.04 -1.41
N ILE A 91 -2.26 -9.34 -0.39
CA ILE A 91 -2.11 -7.90 -0.46
C ILE A 91 -0.80 -7.56 -1.15
N SER A 92 -0.90 -6.78 -2.22
CA SER A 92 0.28 -6.37 -2.97
C SER A 92 0.07 -4.98 -3.55
N MET A 93 0.14 -3.99 -2.67
CA MET A 93 -0.04 -2.61 -3.08
C MET A 93 1.31 -1.90 -3.25
N ARG A 94 1.28 -0.79 -3.97
CA ARG A 94 2.49 -0.02 -4.21
C ARG A 94 2.46 1.28 -3.40
N VAL A 95 3.37 1.36 -2.45
CA VAL A 95 3.46 2.54 -1.60
C VAL A 95 4.75 3.29 -1.91
N ARG A 96 4.82 4.52 -1.41
CA ARG A 96 6.00 5.35 -1.63
C ARG A 96 6.11 6.40 -0.53
N PHE A 97 7.29 6.47 0.07
CA PHE A 97 7.55 7.42 1.13
C PHE A 97 6.85 8.76 0.85
N PHE A 98 5.96 9.13 1.76
CA PHE A 98 5.23 10.37 1.62
C PHE A 98 4.98 11.02 2.99
N SER A 99 6.06 11.19 3.74
CA SER A 99 5.96 11.78 5.06
C SER A 99 7.35 12.10 5.60
N GLY A 100 7.70 13.38 5.57
CA GLY A 100 8.99 13.81 6.05
C GLY A 100 8.85 14.72 7.28
N PRO A 101 10.02 15.13 7.82
CA PRO A 101 10.03 16.00 8.99
C PRO A 101 9.67 17.44 8.61
N SER A 102 8.70 17.98 9.33
CA SER A 102 8.25 19.34 9.08
C SER A 102 9.35 20.33 9.46
N SER A 103 9.72 20.31 10.73
CA SER A 103 10.75 21.19 11.23
C SER A 103 11.83 20.39 11.96
N GLY A 104 12.97 20.25 11.29
CA GLY A 104 14.09 19.51 11.86
C GLY A 104 14.70 20.27 13.04
N GLY A 1 -2.59 -7.81 -19.30
CA GLY A 1 -1.58 -8.35 -20.20
C GLY A 1 -0.34 -8.80 -19.42
N SER A 2 0.27 -7.84 -18.74
CA SER A 2 1.46 -8.11 -17.95
C SER A 2 1.15 -9.16 -16.88
N SER A 3 1.43 -10.41 -17.23
CA SER A 3 1.19 -11.52 -16.31
C SER A 3 1.97 -11.30 -15.01
N GLY A 4 3.29 -11.19 -15.17
CA GLY A 4 4.16 -10.99 -14.02
C GLY A 4 5.52 -10.44 -14.47
N SER A 5 5.87 -9.30 -13.91
CA SER A 5 7.14 -8.66 -14.23
C SER A 5 8.15 -8.92 -13.12
N SER A 6 9.41 -8.92 -13.50
CA SER A 6 10.49 -9.15 -12.55
C SER A 6 11.13 -7.82 -12.15
N GLY A 7 11.62 -7.78 -10.92
CA GLY A 7 12.26 -6.58 -10.41
C GLY A 7 13.77 -6.61 -10.67
N ASN A 8 14.27 -5.48 -11.16
CA ASN A 8 15.69 -5.37 -11.46
C ASN A 8 16.21 -4.02 -10.95
N ASN A 9 16.72 -4.05 -9.73
CA ASN A 9 17.24 -2.84 -9.11
C ASN A 9 18.06 -2.07 -10.14
N GLU A 10 18.13 -0.76 -9.93
CA GLU A 10 18.88 0.11 -10.82
C GLU A 10 19.31 1.38 -10.10
N LEU A 11 20.27 1.21 -9.20
CA LEU A 11 20.80 2.33 -8.43
C LEU A 11 19.62 3.14 -7.87
N THR A 12 18.90 2.53 -6.95
CA THR A 12 17.77 3.18 -6.32
C THR A 12 18.18 4.54 -5.76
N GLN A 13 17.16 5.34 -5.44
CA GLN A 13 17.40 6.67 -4.89
C GLN A 13 16.09 7.28 -4.40
N PHE A 14 15.05 7.07 -5.19
CA PHE A 14 13.73 7.59 -4.84
C PHE A 14 12.62 6.80 -5.55
N LEU A 15 12.89 5.52 -5.75
CA LEU A 15 11.93 4.65 -6.41
C LEU A 15 10.91 4.14 -5.38
N PRO A 16 9.71 3.79 -5.89
CA PRO A 16 8.65 3.29 -5.03
C PRO A 16 8.93 1.85 -4.60
N ARG A 17 8.10 1.36 -3.70
CA ARG A 17 8.24 0.00 -3.20
C ARG A 17 6.90 -0.73 -3.24
N ILE A 18 6.98 -2.05 -3.18
CA ILE A 18 5.78 -2.88 -3.21
C ILE A 18 5.69 -3.69 -1.93
N VAL A 19 4.64 -3.43 -1.16
CA VAL A 19 4.43 -4.13 0.09
C VAL A 19 3.51 -5.34 -0.15
N THR A 20 4.13 -6.50 -0.25
CA THR A 20 3.38 -7.73 -0.48
C THR A 20 3.16 -8.47 0.84
N LEU A 21 1.90 -8.80 1.08
CA LEU A 21 1.53 -9.51 2.30
C LEU A 21 0.87 -10.84 1.94
N LYS A 22 0.57 -11.61 2.96
CA LYS A 22 -0.08 -12.91 2.77
C LYS A 22 -1.51 -12.84 3.30
N LYS A 23 -1.61 -12.86 4.63
CA LYS A 23 -2.91 -12.81 5.28
C LYS A 23 -3.75 -14.00 4.81
N PRO A 24 -4.15 -14.85 5.80
CA PRO A 24 -4.95 -16.03 5.51
C PRO A 24 -6.40 -15.63 5.22
N PRO A 25 -7.16 -16.60 4.64
CA PRO A 25 -8.55 -16.37 4.31
C PRO A 25 -9.42 -16.40 5.57
N GLY A 26 -9.05 -15.58 6.53
CA GLY A 26 -9.78 -15.51 7.79
C GLY A 26 -9.00 -14.70 8.83
N ALA A 27 -8.37 -13.64 8.36
CA ALA A 27 -7.59 -12.79 9.24
C ALA A 27 -7.88 -11.33 8.91
N GLN A 28 -7.74 -10.48 9.93
CA GLN A 28 -7.98 -9.06 9.75
C GLN A 28 -7.00 -8.46 8.75
N LEU A 29 -6.51 -7.27 9.07
CA LEU A 29 -5.56 -6.60 8.20
C LEU A 29 -4.34 -6.18 9.01
N GLY A 30 -4.58 -5.27 9.95
CA GLY A 30 -3.51 -4.78 10.80
C GLY A 30 -3.33 -3.27 10.64
N PHE A 31 -4.27 -2.66 9.92
CA PHE A 31 -4.23 -1.23 9.68
C PHE A 31 -5.55 -0.74 9.09
N ASN A 32 -5.78 0.56 9.23
CA ASN A 32 -6.99 1.17 8.72
C ASN A 32 -6.65 2.10 7.55
N ILE A 33 -7.50 2.08 6.54
CA ILE A 33 -7.30 2.91 5.38
C ILE A 33 -8.24 4.11 5.44
N ARG A 34 -7.81 5.19 4.79
CA ARG A 34 -8.59 6.41 4.77
C ARG A 34 -8.21 7.26 3.56
N GLY A 35 -9.19 8.03 3.08
CA GLY A 35 -8.97 8.90 1.94
C GLY A 35 -9.14 8.12 0.63
N GLY A 36 -9.74 8.78 -0.35
CA GLY A 36 -9.97 8.17 -1.64
C GLY A 36 -11.01 8.95 -2.44
N LYS A 37 -10.55 10.01 -3.08
CA LYS A 37 -11.42 10.85 -3.88
C LYS A 37 -10.59 11.67 -4.86
N ALA A 38 -11.28 12.33 -5.78
CA ALA A 38 -10.62 13.15 -6.78
C ALA A 38 -10.53 14.59 -6.28
N SER A 39 -9.42 14.90 -5.61
CA SER A 39 -9.22 16.23 -5.07
C SER A 39 -7.88 16.28 -4.33
N GLN A 40 -6.84 15.82 -4.99
CA GLN A 40 -5.51 15.81 -4.41
C GLN A 40 -5.49 14.91 -3.16
N LEU A 41 -6.36 13.91 -3.19
CA LEU A 41 -6.44 12.98 -2.07
C LEU A 41 -6.07 11.57 -2.56
N GLY A 42 -6.49 10.58 -1.80
CA GLY A 42 -6.21 9.20 -2.12
C GLY A 42 -6.21 8.32 -0.87
N ILE A 43 -5.72 7.10 -1.05
CA ILE A 43 -5.65 6.16 0.05
C ILE A 43 -4.35 6.36 0.82
N PHE A 44 -4.49 6.53 2.13
CA PHE A 44 -3.35 6.74 2.99
C PHE A 44 -3.47 5.93 4.28
N ILE A 45 -2.42 5.19 4.58
CA ILE A 45 -2.39 4.37 5.77
C ILE A 45 -2.91 5.18 6.97
N SER A 46 -4.17 4.94 7.30
CA SER A 46 -4.79 5.64 8.42
C SER A 46 -4.11 5.26 9.73
N LYS A 47 -4.19 3.98 10.05
CA LYS A 47 -3.59 3.47 11.27
C LYS A 47 -3.07 2.06 11.03
N VAL A 48 -2.06 1.69 11.80
CA VAL A 48 -1.48 0.35 11.69
C VAL A 48 -1.28 -0.23 13.08
N ILE A 49 -1.66 -1.49 13.21
CA ILE A 49 -1.53 -2.18 14.48
C ILE A 49 -0.04 -2.34 14.83
N PRO A 50 0.32 -1.89 16.05
CA PRO A 50 1.70 -1.97 16.51
C PRO A 50 2.04 -3.41 16.91
N ASP A 51 1.86 -4.31 15.97
CA ASP A 51 2.15 -5.71 16.20
C ASP A 51 1.32 -6.57 15.23
N SER A 52 1.33 -6.16 13.97
CA SER A 52 0.59 -6.89 12.95
C SER A 52 1.52 -7.26 11.80
N ASP A 53 0.92 -7.85 10.78
CA ASP A 53 1.69 -8.27 9.61
C ASP A 53 2.06 -7.04 8.79
N ALA A 54 1.19 -6.04 8.85
CA ALA A 54 1.41 -4.80 8.12
C ALA A 54 2.56 -4.04 8.76
N HIS A 55 2.59 -4.08 10.09
CA HIS A 55 3.63 -3.39 10.83
C HIS A 55 4.99 -3.99 10.48
N ARG A 56 4.98 -5.26 10.14
CA ARG A 56 6.19 -5.96 9.78
C ARG A 56 6.51 -5.76 8.30
N ALA A 57 5.45 -5.75 7.49
CA ALA A 57 5.61 -5.56 6.06
C ALA A 57 6.36 -4.26 5.79
N GLY A 58 6.19 -3.31 6.70
CA GLY A 58 6.85 -2.03 6.57
C GLY A 58 5.84 -0.91 6.35
N LEU A 59 4.63 -1.14 6.81
CA LEU A 59 3.56 -0.16 6.67
C LEU A 59 3.69 0.90 7.76
N GLN A 60 3.51 2.15 7.37
CA GLN A 60 3.60 3.26 8.30
C GLN A 60 2.56 4.32 7.97
N GLU A 61 2.07 4.97 9.02
CA GLU A 61 1.07 6.01 8.84
C GLU A 61 1.59 7.10 7.90
N GLY A 62 1.00 7.15 6.72
CA GLY A 62 1.40 8.13 5.73
C GLY A 62 1.75 7.45 4.40
N ASP A 63 2.13 6.19 4.49
CA ASP A 63 2.50 5.42 3.31
C ASP A 63 1.34 5.45 2.31
N GLN A 64 1.44 6.35 1.35
CA GLN A 64 0.41 6.49 0.34
C GLN A 64 0.35 5.23 -0.53
N VAL A 65 -0.84 4.68 -0.63
CA VAL A 65 -1.05 3.47 -1.42
C VAL A 65 -1.34 3.86 -2.87
N LEU A 66 -0.29 3.88 -3.67
CA LEU A 66 -0.43 4.24 -5.08
C LEU A 66 -1.46 3.33 -5.74
N ALA A 67 -1.11 2.06 -5.81
CA ALA A 67 -2.00 1.07 -6.42
C ALA A 67 -2.09 -0.16 -5.51
N VAL A 68 -3.13 -0.94 -5.73
CA VAL A 68 -3.34 -2.15 -4.94
C VAL A 68 -3.70 -3.30 -5.87
N ASN A 69 -2.75 -4.21 -6.04
CA ASN A 69 -2.95 -5.36 -6.91
C ASN A 69 -3.45 -4.89 -8.27
N ASP A 70 -2.69 -3.96 -8.85
CA ASP A 70 -3.05 -3.43 -10.16
C ASP A 70 -4.07 -2.31 -9.99
N VAL A 71 -5.13 -2.64 -9.26
CA VAL A 71 -6.19 -1.68 -9.00
C VAL A 71 -5.59 -0.40 -8.41
N ASP A 72 -5.80 0.70 -9.11
CA ASP A 72 -5.29 1.98 -8.68
C ASP A 72 -6.16 2.52 -7.54
N PHE A 73 -5.50 2.95 -6.48
CA PHE A 73 -6.20 3.48 -5.32
C PHE A 73 -6.23 5.01 -5.36
N GLN A 74 -5.55 5.56 -6.35
CA GLN A 74 -5.50 7.01 -6.51
C GLN A 74 -6.89 7.60 -6.45
N ASP A 75 -7.85 6.85 -6.96
CA ASP A 75 -9.24 7.28 -6.97
C ASP A 75 -10.15 6.09 -6.72
N ILE A 76 -10.27 5.74 -5.44
CA ILE A 76 -11.10 4.61 -5.04
C ILE A 76 -11.75 4.93 -3.69
N GLU A 77 -12.86 4.24 -3.44
CA GLU A 77 -13.58 4.43 -2.19
C GLU A 77 -12.87 3.71 -1.05
N HIS A 78 -13.05 4.25 0.15
CA HIS A 78 -12.43 3.68 1.33
C HIS A 78 -12.92 2.25 1.52
N SER A 79 -14.21 2.14 1.84
CA SER A 79 -14.82 0.84 2.06
C SER A 79 -14.43 -0.12 0.92
N LYS A 80 -14.08 0.47 -0.21
CA LYS A 80 -13.70 -0.31 -1.38
C LYS A 80 -12.23 -0.74 -1.23
N ALA A 81 -11.39 0.23 -0.93
CA ALA A 81 -9.97 -0.03 -0.75
C ALA A 81 -9.77 -1.00 0.40
N VAL A 82 -10.39 -0.66 1.53
CA VAL A 82 -10.30 -1.50 2.71
C VAL A 82 -10.74 -2.93 2.37
N GLU A 83 -11.94 -3.02 1.81
CA GLU A 83 -12.48 -4.31 1.44
C GLU A 83 -11.51 -5.05 0.51
N ILE A 84 -11.17 -4.39 -0.58
CA ILE A 84 -10.25 -4.97 -1.54
C ILE A 84 -9.15 -5.74 -0.80
N LEU A 85 -8.46 -5.02 0.06
CA LEU A 85 -7.38 -5.61 0.84
C LEU A 85 -7.88 -6.91 1.48
N LYS A 86 -8.81 -6.76 2.41
CA LYS A 86 -9.36 -7.91 3.10
C LYS A 86 -9.76 -8.97 2.08
N THR A 87 -10.81 -8.67 1.34
CA THR A 87 -11.30 -9.60 0.32
C THR A 87 -10.12 -10.28 -0.38
N ALA A 88 -9.24 -9.45 -0.93
CA ALA A 88 -8.07 -9.96 -1.63
C ALA A 88 -7.31 -10.91 -0.72
N ARG A 89 -6.98 -12.07 -1.28
CA ARG A 89 -6.24 -13.08 -0.53
C ARG A 89 -4.82 -12.60 -0.25
N GLU A 90 -4.21 -12.01 -1.27
CA GLU A 90 -2.85 -11.50 -1.14
C GLU A 90 -2.82 -10.00 -1.43
N ILE A 91 -2.23 -9.27 -0.49
CA ILE A 91 -2.13 -7.83 -0.63
C ILE A 91 -0.81 -7.48 -1.34
N SER A 92 -0.94 -6.71 -2.41
CA SER A 92 0.23 -6.31 -3.17
C SER A 92 0.03 -4.90 -3.73
N MET A 93 0.20 -3.92 -2.85
CA MET A 93 0.04 -2.53 -3.24
C MET A 93 1.39 -1.82 -3.32
N ARG A 94 1.38 -0.68 -3.99
CA ARG A 94 2.60 0.10 -4.16
C ARG A 94 2.55 1.35 -3.27
N VAL A 95 3.57 1.50 -2.46
CA VAL A 95 3.67 2.65 -1.56
C VAL A 95 4.94 3.43 -1.86
N ARG A 96 4.93 4.69 -1.46
CA ARG A 96 6.09 5.55 -1.68
C ARG A 96 6.07 6.72 -0.70
N PHE A 97 7.26 7.21 -0.39
CA PHE A 97 7.38 8.33 0.54
C PHE A 97 6.31 9.39 0.27
N PHE A 98 5.97 10.11 1.33
CA PHE A 98 4.96 11.16 1.22
C PHE A 98 5.45 12.45 1.87
N SER A 99 6.72 12.45 2.24
CA SER A 99 7.30 13.62 2.87
C SER A 99 8.40 14.20 1.98
N GLY A 100 9.34 13.34 1.60
CA GLY A 100 10.44 13.76 0.75
C GLY A 100 11.53 14.46 1.57
N PRO A 101 12.16 15.48 0.92
CA PRO A 101 13.21 16.24 1.56
C PRO A 101 12.63 17.22 2.59
N SER A 102 13.49 17.65 3.50
CA SER A 102 13.08 18.58 4.54
C SER A 102 13.86 19.88 4.41
N SER A 103 13.14 20.93 4.02
CA SER A 103 13.75 22.24 3.86
C SER A 103 13.37 23.15 5.03
N GLY A 104 14.34 23.33 5.92
CA GLY A 104 14.12 24.18 7.09
C GLY A 104 12.82 23.81 7.80
N GLY A 1 7.59 -26.16 -16.17
CA GLY A 1 8.97 -26.14 -16.65
C GLY A 1 9.81 -25.16 -15.83
N SER A 2 10.32 -25.64 -14.71
CA SER A 2 11.13 -24.82 -13.84
C SER A 2 12.14 -24.02 -14.67
N SER A 3 12.20 -22.73 -14.39
CA SER A 3 13.11 -21.85 -15.10
C SER A 3 13.10 -20.47 -14.46
N GLY A 4 14.25 -19.81 -14.53
CA GLY A 4 14.39 -18.48 -13.96
C GLY A 4 15.79 -17.90 -14.24
N SER A 5 15.80 -16.64 -14.65
CA SER A 5 17.05 -15.96 -14.95
C SER A 5 17.26 -14.80 -13.98
N SER A 6 18.47 -14.25 -14.02
CA SER A 6 18.82 -13.13 -13.16
C SER A 6 19.80 -12.20 -13.88
N GLY A 7 19.61 -10.91 -13.65
CA GLY A 7 20.47 -9.91 -14.26
C GLY A 7 21.14 -9.04 -13.20
N ASN A 8 21.25 -7.76 -13.53
CA ASN A 8 21.87 -6.81 -12.61
C ASN A 8 21.81 -5.41 -13.23
N ASN A 9 21.01 -4.56 -12.62
CA ASN A 9 20.85 -3.20 -13.09
C ASN A 9 21.00 -2.23 -11.91
N GLU A 10 21.31 -0.99 -12.24
CA GLU A 10 21.47 0.04 -11.22
C GLU A 10 20.61 1.26 -11.55
N LEU A 11 19.38 1.22 -11.06
CA LEU A 11 18.46 2.31 -11.30
C LEU A 11 17.63 2.56 -10.04
N THR A 12 18.27 3.18 -9.06
CA THR A 12 17.59 3.47 -7.80
C THR A 12 17.80 4.93 -7.42
N GLN A 13 16.69 5.58 -7.09
CA GLN A 13 16.73 6.98 -6.70
C GLN A 13 15.54 7.32 -5.80
N PHE A 14 14.36 6.97 -6.29
CA PHE A 14 13.13 7.23 -5.54
C PHE A 14 11.98 6.36 -6.06
N LEU A 15 12.36 5.23 -6.63
CA LEU A 15 11.37 4.30 -7.16
C LEU A 15 10.44 3.84 -6.04
N PRO A 16 9.23 3.38 -6.44
CA PRO A 16 8.25 2.91 -5.48
C PRO A 16 8.63 1.52 -4.95
N ARG A 17 7.80 1.03 -4.03
CA ARG A 17 8.03 -0.28 -3.44
C ARG A 17 6.74 -1.09 -3.38
N ILE A 18 6.88 -2.39 -3.46
CA ILE A 18 5.73 -3.28 -3.42
C ILE A 18 5.65 -3.92 -2.03
N VAL A 19 4.63 -3.50 -1.28
CA VAL A 19 4.42 -4.01 0.06
C VAL A 19 3.46 -5.20 0.00
N THR A 20 4.04 -6.39 -0.05
CA THR A 20 3.25 -7.61 -0.11
C THR A 20 3.09 -8.22 1.29
N LEU A 21 1.84 -8.50 1.63
CA LEU A 21 1.54 -9.08 2.93
C LEU A 21 1.34 -10.59 2.77
N LYS A 22 1.52 -11.30 3.87
CA LYS A 22 1.36 -12.74 3.88
C LYS A 22 0.02 -13.11 4.52
N LYS A 23 -0.75 -12.07 4.82
CA LYS A 23 -2.06 -12.26 5.44
C LYS A 23 -2.67 -13.56 4.92
N PRO A 24 -2.98 -14.47 5.87
CA PRO A 24 -3.57 -15.75 5.52
C PRO A 24 -5.05 -15.59 5.17
N PRO A 25 -5.60 -16.64 4.50
CA PRO A 25 -7.00 -16.63 4.10
C PRO A 25 -7.91 -16.86 5.29
N GLY A 26 -7.76 -16.01 6.30
CA GLY A 26 -8.57 -16.10 7.50
C GLY A 26 -7.97 -15.26 8.63
N ALA A 27 -7.51 -14.08 8.25
CA ALA A 27 -6.91 -13.17 9.21
C ALA A 27 -7.51 -11.77 9.03
N GLN A 28 -6.98 -10.82 9.79
CA GLN A 28 -7.45 -9.46 9.72
C GLN A 28 -6.36 -8.55 9.13
N LEU A 29 -6.80 -7.41 8.62
CA LEU A 29 -5.88 -6.45 8.02
C LEU A 29 -4.76 -6.16 9.02
N GLY A 30 -5.03 -5.21 9.91
CA GLY A 30 -4.06 -4.82 10.91
C GLY A 30 -3.70 -3.34 10.78
N PHE A 31 -4.47 -2.64 9.95
CA PHE A 31 -4.24 -1.23 9.73
C PHE A 31 -5.50 -0.55 9.18
N ASN A 32 -5.56 0.76 9.38
CA ASN A 32 -6.70 1.53 8.92
C ASN A 32 -6.30 2.30 7.65
N ILE A 33 -7.29 2.53 6.80
CA ILE A 33 -7.06 3.24 5.56
C ILE A 33 -7.87 4.55 5.57
N ARG A 34 -7.43 5.49 4.74
CA ARG A 34 -8.10 6.77 4.64
C ARG A 34 -7.74 7.45 3.32
N GLY A 35 -8.39 8.59 3.08
CA GLY A 35 -8.16 9.34 1.86
C GLY A 35 -9.35 9.23 0.91
N GLY A 36 -9.09 9.58 -0.35
CA GLY A 36 -10.12 9.51 -1.36
C GLY A 36 -11.14 10.64 -1.18
N LYS A 37 -11.42 11.33 -2.28
CA LYS A 37 -12.36 12.42 -2.26
C LYS A 37 -12.68 12.85 -3.69
N ALA A 38 -13.63 13.78 -3.80
CA ALA A 38 -14.03 14.28 -5.11
C ALA A 38 -12.79 14.62 -5.92
N SER A 39 -12.02 15.57 -5.41
CA SER A 39 -10.81 16.01 -6.09
C SER A 39 -10.08 14.79 -6.67
N GLN A 40 -9.52 13.99 -5.78
CA GLN A 40 -8.79 12.80 -6.20
C GLN A 40 -8.07 12.17 -5.01
N LEU A 41 -7.29 12.98 -4.33
CA LEU A 41 -6.56 12.51 -3.17
C LEU A 41 -6.02 11.11 -3.44
N GLY A 42 -5.76 10.38 -2.37
CA GLY A 42 -5.25 9.03 -2.48
C GLY A 42 -5.38 8.27 -1.15
N ILE A 43 -5.21 6.96 -1.23
CA ILE A 43 -5.29 6.12 -0.05
C ILE A 43 -3.97 6.18 0.72
N PHE A 44 -4.10 6.31 2.04
CA PHE A 44 -2.92 6.37 2.89
C PHE A 44 -3.09 5.46 4.11
N ILE A 45 -1.96 5.20 4.77
CA ILE A 45 -1.97 4.34 5.94
C ILE A 45 -2.42 5.16 7.16
N SER A 46 -3.74 5.19 7.35
CA SER A 46 -4.30 5.93 8.47
C SER A 46 -3.64 5.50 9.77
N LYS A 47 -3.78 4.22 10.08
CA LYS A 47 -3.19 3.67 11.29
C LYS A 47 -2.74 2.23 11.03
N VAL A 48 -1.80 1.78 11.85
CA VAL A 48 -1.28 0.44 11.72
C VAL A 48 -1.22 -0.22 13.10
N ILE A 49 -1.66 -1.46 13.16
CA ILE A 49 -1.66 -2.21 14.41
C ILE A 49 -0.21 -2.46 14.84
N PRO A 50 0.08 -2.11 16.12
CA PRO A 50 1.41 -2.30 16.66
C PRO A 50 1.67 -3.77 16.97
N ASP A 51 1.50 -4.60 15.96
CA ASP A 51 1.71 -6.04 16.10
C ASP A 51 0.86 -6.78 15.06
N SER A 52 0.99 -6.34 13.83
CA SER A 52 0.26 -6.95 12.73
C SER A 52 1.21 -7.32 11.59
N ASP A 53 0.63 -7.84 10.52
CA ASP A 53 1.42 -8.22 9.36
C ASP A 53 1.92 -6.97 8.65
N ALA A 54 1.12 -5.92 8.71
CA ALA A 54 1.48 -4.66 8.08
C ALA A 54 2.69 -4.07 8.78
N HIS A 55 2.57 -3.92 10.10
CA HIS A 55 3.65 -3.37 10.89
C HIS A 55 4.96 -4.04 10.50
N ARG A 56 4.87 -5.32 10.18
CA ARG A 56 6.04 -6.09 9.80
C ARG A 56 6.30 -5.94 8.30
N ALA A 57 5.21 -5.94 7.53
CA ALA A 57 5.31 -5.81 6.09
C ALA A 57 6.18 -4.60 5.76
N GLY A 58 6.13 -3.60 6.64
CA GLY A 58 6.91 -2.39 6.44
C GLY A 58 6.00 -1.19 6.20
N LEU A 59 4.88 -1.18 6.92
CA LEU A 59 3.93 -0.10 6.80
C LEU A 59 4.19 0.94 7.90
N GLN A 60 3.98 2.20 7.53
CA GLN A 60 4.19 3.29 8.47
C GLN A 60 3.20 4.42 8.19
N GLU A 61 2.60 4.91 9.28
CA GLU A 61 1.63 5.98 9.17
C GLU A 61 2.17 7.09 8.25
N GLY A 62 1.47 7.26 7.13
CA GLY A 62 1.86 8.28 6.17
C GLY A 62 2.54 7.65 4.95
N ASP A 63 1.85 6.69 4.36
CA ASP A 63 2.38 6.00 3.20
C ASP A 63 1.29 5.93 2.12
N GLN A 64 1.50 6.72 1.06
CA GLN A 64 0.56 6.76 -0.03
C GLN A 64 0.52 5.41 -0.75
N VAL A 65 -0.70 4.94 -0.99
CA VAL A 65 -0.88 3.66 -1.67
C VAL A 65 -1.31 3.91 -3.11
N LEU A 66 -0.31 3.94 -3.99
CA LEU A 66 -0.58 4.18 -5.40
C LEU A 66 -1.65 3.20 -5.89
N ALA A 67 -1.30 1.93 -5.90
CA ALA A 67 -2.22 0.90 -6.33
C ALA A 67 -2.26 -0.22 -5.28
N VAL A 68 -3.21 -1.12 -5.46
CA VAL A 68 -3.37 -2.24 -4.55
C VAL A 68 -3.74 -3.49 -5.34
N ASN A 69 -2.77 -4.40 -5.43
CA ASN A 69 -2.97 -5.64 -6.16
C ASN A 69 -2.81 -5.39 -7.66
N ASP A 70 -3.52 -4.38 -8.14
CA ASP A 70 -3.45 -4.03 -9.56
C ASP A 70 -4.26 -2.76 -9.79
N VAL A 71 -5.47 -2.74 -9.24
CA VAL A 71 -6.35 -1.58 -9.39
C VAL A 71 -5.60 -0.33 -8.91
N ASP A 72 -6.08 0.80 -9.40
CA ASP A 72 -5.48 2.08 -9.04
C ASP A 72 -6.17 2.63 -7.79
N PHE A 73 -5.35 2.95 -6.79
CA PHE A 73 -5.87 3.48 -5.54
C PHE A 73 -5.69 5.00 -5.48
N GLN A 74 -5.78 5.62 -6.64
CA GLN A 74 -5.63 7.07 -6.73
C GLN A 74 -6.99 7.76 -6.52
N ASP A 75 -8.05 6.97 -6.63
CA ASP A 75 -9.39 7.48 -6.44
C ASP A 75 -10.36 6.32 -6.22
N ILE A 76 -10.26 5.72 -5.05
CA ILE A 76 -11.12 4.60 -4.71
C ILE A 76 -11.85 4.91 -3.40
N GLU A 77 -12.91 4.15 -3.16
CA GLU A 77 -13.70 4.32 -1.96
C GLU A 77 -13.02 3.64 -0.77
N HIS A 78 -13.15 4.28 0.38
CA HIS A 78 -12.56 3.74 1.60
C HIS A 78 -12.98 2.28 1.78
N SER A 79 -14.28 2.10 1.98
CA SER A 79 -14.83 0.76 2.17
C SER A 79 -14.25 -0.19 1.11
N LYS A 80 -14.27 0.27 -0.12
CA LYS A 80 -13.75 -0.53 -1.22
C LYS A 80 -12.31 -0.93 -0.92
N ALA A 81 -11.49 0.07 -0.64
CA ALA A 81 -10.09 -0.18 -0.33
C ALA A 81 -9.99 -1.22 0.77
N VAL A 82 -10.89 -1.11 1.73
CA VAL A 82 -10.92 -2.04 2.85
C VAL A 82 -11.44 -3.40 2.36
N GLU A 83 -12.22 -3.35 1.31
CA GLU A 83 -12.79 -4.56 0.73
C GLU A 83 -11.73 -5.31 -0.08
N ILE A 84 -11.26 -4.64 -1.13
CA ILE A 84 -10.24 -5.23 -1.99
C ILE A 84 -9.19 -5.93 -1.14
N LEU A 85 -8.59 -5.16 -0.24
CA LEU A 85 -7.57 -5.70 0.64
C LEU A 85 -8.05 -7.02 1.24
N LYS A 86 -9.14 -6.93 2.00
CA LYS A 86 -9.71 -8.10 2.63
C LYS A 86 -9.79 -9.24 1.61
N THR A 87 -10.73 -9.11 0.69
CA THR A 87 -10.91 -10.12 -0.34
C THR A 87 -9.55 -10.63 -0.83
N ALA A 88 -8.85 -9.77 -1.55
CA ALA A 88 -7.54 -10.12 -2.08
C ALA A 88 -6.75 -10.87 -1.00
N ARG A 89 -6.56 -12.16 -1.23
CA ARG A 89 -5.83 -12.98 -0.29
C ARG A 89 -4.48 -12.34 0.04
N GLU A 90 -3.87 -11.76 -0.98
CA GLU A 90 -2.58 -11.11 -0.82
C GLU A 90 -2.67 -9.64 -1.22
N ILE A 91 -2.27 -8.78 -0.29
CA ILE A 91 -2.30 -7.35 -0.54
C ILE A 91 -0.99 -6.92 -1.21
N SER A 92 -1.14 -6.34 -2.40
CA SER A 92 0.02 -5.89 -3.15
C SER A 92 -0.12 -4.40 -3.48
N MET A 93 0.16 -3.57 -2.48
CA MET A 93 0.06 -2.14 -2.66
C MET A 93 1.44 -1.52 -2.89
N ARG A 94 1.48 -0.59 -3.83
CA ARG A 94 2.73 0.08 -4.17
C ARG A 94 2.79 1.44 -3.51
N VAL A 95 3.58 1.52 -2.45
CA VAL A 95 3.75 2.76 -1.71
C VAL A 95 5.08 3.41 -2.09
N ARG A 96 5.19 4.68 -1.76
CA ARG A 96 6.40 5.43 -2.06
C ARG A 96 6.53 6.62 -1.11
N PHE A 97 7.77 6.85 -0.67
CA PHE A 97 8.04 7.95 0.23
C PHE A 97 7.21 9.18 -0.12
N PHE A 98 6.30 9.52 0.79
CA PHE A 98 5.43 10.66 0.58
C PHE A 98 5.37 11.53 1.84
N SER A 99 6.55 11.84 2.37
CA SER A 99 6.65 12.66 3.56
C SER A 99 5.96 11.97 4.73
N GLY A 100 6.64 11.97 5.87
CA GLY A 100 6.11 11.35 7.06
C GLY A 100 5.48 12.38 8.00
N PRO A 101 4.49 11.92 8.80
CA PRO A 101 3.81 12.80 9.74
C PRO A 101 4.69 13.10 10.95
N SER A 102 5.08 14.36 11.06
CA SER A 102 5.92 14.79 12.17
C SER A 102 7.08 13.81 12.34
N SER A 103 8.21 14.15 11.74
CA SER A 103 9.40 13.32 11.82
C SER A 103 9.13 11.96 11.18
N GLY A 104 10.21 11.28 10.83
CA GLY A 104 10.09 9.97 10.20
C GLY A 104 10.88 9.92 8.90
N GLY A 1 14.90 -26.91 -22.42
CA GLY A 1 15.71 -25.71 -22.50
C GLY A 1 15.64 -24.93 -21.18
N SER A 2 16.46 -23.88 -21.11
CA SER A 2 16.50 -23.05 -19.93
C SER A 2 17.28 -21.76 -20.21
N SER A 3 17.16 -20.82 -19.29
CA SER A 3 17.85 -19.55 -19.43
C SER A 3 17.67 -18.71 -18.16
N GLY A 4 18.52 -17.70 -18.03
CA GLY A 4 18.48 -16.82 -16.88
C GLY A 4 18.47 -15.35 -17.30
N SER A 5 18.67 -14.49 -16.33
CA SER A 5 18.69 -13.05 -16.58
C SER A 5 19.21 -12.31 -15.36
N SER A 6 19.75 -11.13 -15.61
CA SER A 6 20.28 -10.31 -14.54
C SER A 6 19.18 -9.41 -13.97
N GLY A 7 19.37 -9.00 -12.71
CA GLY A 7 18.41 -8.15 -12.05
C GLY A 7 19.05 -6.83 -11.64
N ASN A 8 18.29 -6.06 -10.86
CA ASN A 8 18.78 -4.77 -10.39
C ASN A 8 19.84 -4.99 -9.31
N ASN A 9 20.60 -3.93 -9.05
CA ASN A 9 21.64 -3.99 -8.05
C ASN A 9 21.31 -3.04 -6.89
N GLU A 10 21.23 -1.77 -7.23
CA GLU A 10 20.91 -0.76 -6.23
C GLU A 10 20.65 0.59 -6.91
N LEU A 11 19.37 0.96 -6.96
CA LEU A 11 18.98 2.22 -7.58
C LEU A 11 17.83 2.83 -6.78
N THR A 12 18.14 3.23 -5.56
CA THR A 12 17.14 3.84 -4.69
C THR A 12 17.28 5.36 -4.70
N GLN A 13 16.22 6.00 -5.20
CA GLN A 13 16.20 7.46 -5.28
C GLN A 13 14.77 7.97 -5.13
N PHE A 14 13.86 7.31 -5.84
CA PHE A 14 12.46 7.69 -5.78
C PHE A 14 11.57 6.60 -6.41
N LEU A 15 12.04 5.37 -6.30
CA LEU A 15 11.31 4.24 -6.84
C LEU A 15 10.24 3.80 -5.84
N PRO A 16 9.08 3.34 -6.39
CA PRO A 16 7.98 2.90 -5.56
C PRO A 16 8.28 1.52 -4.95
N ARG A 17 8.00 1.40 -3.67
CA ARG A 17 8.24 0.15 -2.97
C ARG A 17 6.96 -0.71 -2.99
N ILE A 18 7.14 -1.98 -2.61
CA ILE A 18 6.03 -2.91 -2.60
C ILE A 18 5.85 -3.44 -1.17
N VAL A 19 4.63 -3.30 -0.66
CA VAL A 19 4.32 -3.76 0.67
C VAL A 19 3.35 -4.94 0.59
N THR A 20 3.92 -6.14 0.64
CA THR A 20 3.11 -7.35 0.57
C THR A 20 2.80 -7.87 1.97
N LEU A 21 1.53 -8.25 2.16
CA LEU A 21 1.09 -8.75 3.44
C LEU A 21 0.79 -10.24 3.33
N LYS A 22 0.85 -10.92 4.45
CA LYS A 22 0.59 -12.35 4.49
C LYS A 22 -0.79 -12.60 5.11
N LYS A 23 -1.32 -11.54 5.70
CA LYS A 23 -2.63 -11.62 6.33
C LYS A 23 -3.54 -12.53 5.49
N PRO A 24 -4.20 -13.49 6.19
CA PRO A 24 -5.10 -14.42 5.52
C PRO A 24 -6.43 -13.74 5.16
N PRO A 25 -7.14 -14.36 4.19
CA PRO A 25 -8.42 -13.83 3.74
C PRO A 25 -9.51 -14.09 4.78
N GLY A 26 -9.27 -13.61 5.99
CA GLY A 26 -10.22 -13.79 7.08
C GLY A 26 -9.58 -13.49 8.43
N ALA A 27 -8.76 -12.44 8.44
CA ALA A 27 -8.08 -12.04 9.66
C ALA A 27 -8.06 -10.52 9.74
N GLN A 28 -7.61 -10.03 10.89
CA GLN A 28 -7.53 -8.59 11.11
C GLN A 28 -6.43 -7.98 10.24
N LEU A 29 -6.86 -7.11 9.33
CA LEU A 29 -5.93 -6.45 8.43
C LEU A 29 -4.67 -6.08 9.20
N GLY A 30 -4.85 -5.23 10.20
CA GLY A 30 -3.74 -4.77 11.03
C GLY A 30 -3.42 -3.30 10.76
N PHE A 31 -4.28 -2.69 9.95
CA PHE A 31 -4.11 -1.28 9.62
C PHE A 31 -5.39 -0.69 9.04
N ASN A 32 -5.48 0.63 9.12
CA ASN A 32 -6.66 1.32 8.61
C ASN A 32 -6.25 2.19 7.41
N ILE A 33 -7.19 2.34 6.49
CA ILE A 33 -6.94 3.14 5.30
C ILE A 33 -7.82 4.40 5.34
N ARG A 34 -7.31 5.45 4.73
CA ARG A 34 -8.03 6.72 4.69
C ARG A 34 -7.68 7.49 3.42
N GLY A 35 -8.42 8.56 3.20
CA GLY A 35 -8.21 9.39 2.03
C GLY A 35 -9.26 9.11 0.95
N GLY A 36 -9.08 9.76 -0.20
CA GLY A 36 -10.00 9.58 -1.31
C GLY A 36 -10.50 10.94 -1.80
N LYS A 37 -11.82 11.02 -1.98
CA LYS A 37 -12.44 12.25 -2.45
C LYS A 37 -11.98 12.52 -3.88
N ALA A 38 -12.62 13.50 -4.50
CA ALA A 38 -12.28 13.87 -5.87
C ALA A 38 -10.91 14.54 -5.89
N SER A 39 -10.79 15.56 -6.71
CA SER A 39 -9.54 16.29 -6.84
C SER A 39 -8.42 15.33 -7.20
N GLN A 40 -7.80 14.77 -6.17
CA GLN A 40 -6.70 13.83 -6.36
C GLN A 40 -6.55 12.95 -5.12
N LEU A 41 -5.93 13.52 -4.10
CA LEU A 41 -5.70 12.80 -2.87
C LEU A 41 -5.32 11.35 -3.19
N GLY A 42 -5.73 10.45 -2.30
CA GLY A 42 -5.44 9.04 -2.48
C GLY A 42 -5.58 8.28 -1.17
N ILE A 43 -5.29 6.99 -1.23
CA ILE A 43 -5.40 6.14 -0.05
C ILE A 43 -4.10 6.24 0.76
N PHE A 44 -4.26 6.30 2.07
CA PHE A 44 -3.11 6.40 2.97
C PHE A 44 -3.30 5.51 4.19
N ILE A 45 -2.19 4.94 4.65
CA ILE A 45 -2.22 4.07 5.81
C ILE A 45 -2.65 4.88 7.04
N SER A 46 -3.96 4.91 7.25
CA SER A 46 -4.52 5.65 8.38
C SER A 46 -3.75 5.30 9.65
N LYS A 47 -3.80 4.02 10.01
CA LYS A 47 -3.12 3.55 11.20
C LYS A 47 -2.56 2.15 10.96
N VAL A 48 -1.63 1.75 11.80
CA VAL A 48 -1.03 0.43 11.68
C VAL A 48 -0.96 -0.22 13.07
N ILE A 49 -1.51 -1.42 13.15
CA ILE A 49 -1.52 -2.16 14.41
C ILE A 49 -0.09 -2.52 14.78
N PRO A 50 0.30 -2.13 16.03
CA PRO A 50 1.63 -2.41 16.53
C PRO A 50 1.78 -3.89 16.91
N ASP A 51 1.47 -4.74 15.95
CA ASP A 51 1.56 -6.18 16.17
C ASP A 51 0.85 -6.91 15.03
N SER A 52 1.08 -6.43 13.82
CA SER A 52 0.46 -7.03 12.65
C SER A 52 1.54 -7.35 11.60
N ASP A 53 1.07 -7.68 10.41
CA ASP A 53 1.97 -8.00 9.32
C ASP A 53 2.48 -6.70 8.67
N ALA A 54 1.60 -5.72 8.63
CA ALA A 54 1.94 -4.44 8.05
C ALA A 54 3.03 -3.77 8.90
N HIS A 55 2.88 -3.93 10.20
CA HIS A 55 3.84 -3.35 11.14
C HIS A 55 5.25 -3.84 10.78
N ARG A 56 5.35 -5.12 10.49
CA ARG A 56 6.62 -5.72 10.13
C ARG A 56 6.93 -5.49 8.65
N ALA A 57 5.89 -5.65 7.85
CA ALA A 57 6.03 -5.47 6.41
C ALA A 57 6.86 -4.20 6.14
N GLY A 58 6.68 -3.22 7.02
CA GLY A 58 7.40 -1.97 6.89
C GLY A 58 6.43 -0.82 6.60
N LEU A 59 5.18 -1.02 6.98
CA LEU A 59 4.16 -0.01 6.77
C LEU A 59 4.31 1.09 7.83
N GLN A 60 4.14 2.33 7.38
CA GLN A 60 4.25 3.47 8.26
C GLN A 60 3.07 4.42 8.05
N GLU A 61 2.62 5.01 9.15
CA GLU A 61 1.50 5.93 9.11
C GLU A 61 1.84 7.13 8.21
N GLY A 62 1.30 7.09 7.00
CA GLY A 62 1.53 8.14 6.04
C GLY A 62 2.17 7.60 4.76
N ASP A 63 1.70 6.44 4.35
CA ASP A 63 2.20 5.80 3.15
C ASP A 63 1.10 5.75 2.09
N GLN A 64 1.24 6.64 1.10
CA GLN A 64 0.26 6.71 0.03
C GLN A 64 0.29 5.42 -0.80
N VAL A 65 -0.91 4.87 -1.00
CA VAL A 65 -1.03 3.64 -1.76
C VAL A 65 -1.38 3.98 -3.21
N LEU A 66 -0.35 3.93 -4.05
CA LEU A 66 -0.53 4.24 -5.46
C LEU A 66 -1.60 3.31 -6.05
N ALA A 67 -1.28 2.02 -6.06
CA ALA A 67 -2.20 1.02 -6.58
C ALA A 67 -2.22 -0.18 -5.64
N VAL A 68 -3.27 -0.98 -5.79
CA VAL A 68 -3.43 -2.17 -4.96
C VAL A 68 -3.82 -3.35 -5.84
N ASN A 69 -2.86 -4.23 -6.07
CA ASN A 69 -3.10 -5.41 -6.89
C ASN A 69 -3.57 -4.97 -8.27
N ASP A 70 -2.81 -4.08 -8.87
CA ASP A 70 -3.14 -3.56 -10.20
C ASP A 70 -4.18 -2.44 -10.06
N VAL A 71 -5.26 -2.77 -9.36
CA VAL A 71 -6.32 -1.80 -9.15
C VAL A 71 -5.74 -0.52 -8.54
N ASP A 72 -6.01 0.58 -9.20
CA ASP A 72 -5.52 1.87 -8.74
C ASP A 72 -6.33 2.31 -7.52
N PHE A 73 -5.64 2.99 -6.60
CA PHE A 73 -6.28 3.47 -5.39
C PHE A 73 -6.31 5.00 -5.36
N GLN A 74 -5.55 5.60 -6.26
CA GLN A 74 -5.48 7.04 -6.34
C GLN A 74 -6.88 7.65 -6.24
N ASP A 75 -7.86 6.86 -6.65
CA ASP A 75 -9.24 7.32 -6.60
C ASP A 75 -10.16 6.11 -6.33
N ILE A 76 -10.09 5.64 -5.09
CA ILE A 76 -10.90 4.49 -4.69
C ILE A 76 -11.66 4.86 -3.41
N GLU A 77 -12.76 4.15 -3.20
CA GLU A 77 -13.60 4.38 -2.03
C GLU A 77 -13.01 3.66 -0.82
N HIS A 78 -13.04 4.35 0.31
CA HIS A 78 -12.52 3.79 1.55
C HIS A 78 -13.01 2.34 1.69
N SER A 79 -14.32 2.19 1.73
CA SER A 79 -14.92 0.88 1.87
C SER A 79 -14.31 -0.09 0.87
N LYS A 80 -14.26 0.34 -0.38
CA LYS A 80 -13.70 -0.47 -1.44
C LYS A 80 -12.29 -0.92 -1.04
N ALA A 81 -11.43 0.06 -0.80
CA ALA A 81 -10.06 -0.22 -0.41
C ALA A 81 -10.06 -1.26 0.71
N VAL A 82 -10.84 -0.97 1.74
CA VAL A 82 -10.93 -1.87 2.88
C VAL A 82 -11.35 -3.26 2.39
N GLU A 83 -12.34 -3.26 1.50
CA GLU A 83 -12.84 -4.51 0.95
C GLU A 83 -11.76 -5.20 0.12
N ILE A 84 -11.34 -4.52 -0.93
CA ILE A 84 -10.30 -5.05 -1.80
C ILE A 84 -9.23 -5.75 -0.96
N LEU A 85 -8.55 -4.95 -0.16
CA LEU A 85 -7.50 -5.47 0.70
C LEU A 85 -7.98 -6.76 1.35
N LYS A 86 -9.20 -6.71 1.87
CA LYS A 86 -9.78 -7.87 2.52
C LYS A 86 -9.93 -9.00 1.50
N THR A 87 -10.92 -8.84 0.63
CA THR A 87 -11.19 -9.84 -0.39
C THR A 87 -9.88 -10.40 -0.94
N ALA A 88 -9.03 -9.50 -1.43
CA ALA A 88 -7.75 -9.89 -1.98
C ALA A 88 -7.03 -10.81 -0.99
N ARG A 89 -6.98 -12.09 -1.34
CA ARG A 89 -6.34 -13.07 -0.50
C ARG A 89 -4.93 -12.59 -0.11
N GLU A 90 -4.25 -12.00 -1.07
CA GLU A 90 -2.91 -11.49 -0.83
C GLU A 90 -2.85 -10.00 -1.15
N ILE A 91 -2.29 -9.25 -0.21
CA ILE A 91 -2.16 -7.82 -0.37
C ILE A 91 -0.80 -7.49 -0.97
N SER A 92 -0.82 -6.70 -2.02
CA SER A 92 0.41 -6.30 -2.69
C SER A 92 0.22 -4.94 -3.37
N MET A 93 0.10 -3.92 -2.55
CA MET A 93 -0.09 -2.57 -3.07
C MET A 93 1.26 -1.85 -3.22
N ARG A 94 1.21 -0.69 -3.85
CA ARG A 94 2.41 0.09 -4.07
C ARG A 94 2.36 1.36 -3.23
N VAL A 95 3.51 1.68 -2.63
CA VAL A 95 3.62 2.87 -1.80
C VAL A 95 4.92 3.60 -2.13
N ARG A 96 4.97 4.85 -1.72
CA ARG A 96 6.14 5.68 -1.96
C ARG A 96 6.14 6.90 -1.05
N PHE A 97 7.31 7.20 -0.52
CA PHE A 97 7.47 8.33 0.38
C PHE A 97 6.86 9.60 -0.24
N PHE A 98 5.76 10.04 0.36
CA PHE A 98 5.09 11.24 -0.12
C PHE A 98 5.52 12.47 0.68
N SER A 99 6.81 12.78 0.58
CA SER A 99 7.36 13.92 1.28
C SER A 99 6.81 13.98 2.71
N GLY A 100 7.48 13.26 3.60
CA GLY A 100 7.07 13.22 4.98
C GLY A 100 5.64 12.70 5.12
N PRO A 101 5.39 12.00 6.26
CA PRO A 101 4.07 11.43 6.53
C PRO A 101 3.07 12.53 6.93
N SER A 102 2.73 13.36 5.96
CA SER A 102 1.80 14.44 6.20
C SER A 102 1.41 15.11 4.88
N SER A 103 0.33 15.88 4.94
CA SER A 103 -0.14 16.57 3.75
C SER A 103 0.63 17.88 3.56
N GLY A 104 0.64 18.69 4.62
CA GLY A 104 1.33 19.96 4.58
C GLY A 104 0.55 20.99 3.75
N GLY A 1 14.10 10.71 -25.21
CA GLY A 1 13.43 9.49 -25.62
C GLY A 1 12.94 8.71 -24.39
N SER A 2 12.47 7.50 -24.65
CA SER A 2 11.97 6.64 -23.59
C SER A 2 11.69 5.24 -24.13
N SER A 3 11.74 4.27 -23.23
CA SER A 3 11.50 2.89 -23.60
C SER A 3 10.69 2.19 -22.51
N GLY A 4 9.55 1.66 -22.92
CA GLY A 4 8.67 0.96 -22.00
C GLY A 4 8.62 -0.54 -22.31
N SER A 5 9.19 -1.32 -21.41
CA SER A 5 9.21 -2.77 -21.57
C SER A 5 9.13 -3.46 -20.21
N SER A 6 8.86 -4.75 -20.25
CA SER A 6 8.76 -5.53 -19.03
C SER A 6 9.85 -5.12 -18.04
N GLY A 7 9.42 -4.70 -16.86
CA GLY A 7 10.35 -4.27 -15.84
C GLY A 7 10.17 -2.79 -15.51
N ASN A 8 10.51 -2.44 -14.28
CA ASN A 8 10.39 -1.05 -13.85
C ASN A 8 11.65 -0.66 -13.07
N ASN A 9 12.58 -0.05 -13.79
CA ASN A 9 13.84 0.37 -13.19
C ASN A 9 14.53 1.37 -14.12
N GLU A 10 14.55 2.63 -13.67
CA GLU A 10 15.17 3.68 -14.45
C GLU A 10 15.56 4.85 -13.54
N LEU A 11 16.86 5.13 -13.52
CA LEU A 11 17.37 6.22 -12.71
C LEU A 11 16.70 6.17 -11.32
N THR A 12 17.10 5.16 -10.55
CA THR A 12 16.56 5.00 -9.22
C THR A 12 16.95 6.17 -8.33
N GLN A 13 15.96 6.68 -7.60
CA GLN A 13 16.19 7.80 -6.70
C GLN A 13 15.16 7.81 -5.58
N PHE A 14 13.90 7.59 -5.98
CA PHE A 14 12.81 7.58 -5.01
C PHE A 14 11.63 6.77 -5.55
N LEU A 15 11.95 5.72 -6.29
CA LEU A 15 10.93 4.86 -6.86
C LEU A 15 10.05 4.29 -5.75
N PRO A 16 8.86 3.79 -6.16
CA PRO A 16 7.92 3.21 -5.20
C PRO A 16 8.39 1.84 -4.72
N ARG A 17 7.58 1.23 -3.86
CA ARG A 17 7.90 -0.08 -3.33
C ARG A 17 6.63 -0.93 -3.22
N ILE A 18 6.83 -2.24 -3.20
CA ILE A 18 5.72 -3.16 -3.10
C ILE A 18 5.72 -3.80 -1.70
N VAL A 19 4.70 -3.43 -0.93
CA VAL A 19 4.56 -3.94 0.42
C VAL A 19 3.52 -5.06 0.43
N THR A 20 4.01 -6.28 0.35
CA THR A 20 3.13 -7.44 0.36
C THR A 20 2.87 -7.92 1.79
N LEU A 21 1.62 -8.26 2.04
CA LEU A 21 1.23 -8.73 3.36
C LEU A 21 0.97 -10.24 3.31
N LYS A 22 0.96 -10.85 4.48
CA LYS A 22 0.72 -12.28 4.59
C LYS A 22 -0.67 -12.53 5.16
N LYS A 23 -1.24 -11.47 5.71
CA LYS A 23 -2.57 -11.56 6.29
C LYS A 23 -3.44 -12.48 5.44
N PRO A 24 -4.11 -13.44 6.12
CA PRO A 24 -4.98 -14.39 5.44
C PRO A 24 -6.29 -13.73 5.03
N PRO A 25 -6.97 -14.38 4.06
CA PRO A 25 -8.24 -13.86 3.56
C PRO A 25 -9.37 -14.11 4.56
N GLY A 26 -9.16 -13.61 5.77
CA GLY A 26 -10.14 -13.78 6.83
C GLY A 26 -9.53 -13.44 8.20
N ALA A 27 -8.73 -12.38 8.20
CA ALA A 27 -8.09 -11.94 9.43
C ALA A 27 -8.03 -10.41 9.46
N GLN A 28 -7.69 -9.88 10.62
CA GLN A 28 -7.59 -8.44 10.78
C GLN A 28 -6.48 -7.88 9.89
N LEU A 29 -6.88 -6.97 9.02
CA LEU A 29 -5.93 -6.35 8.10
C LEU A 29 -4.65 -6.01 8.86
N GLY A 30 -4.82 -5.31 9.97
CA GLY A 30 -3.69 -4.91 10.80
C GLY A 30 -3.38 -3.42 10.62
N PHE A 31 -4.21 -2.77 9.81
CA PHE A 31 -4.03 -1.35 9.54
C PHE A 31 -5.33 -0.72 9.05
N ASN A 32 -5.40 0.59 9.18
CA ASN A 32 -6.58 1.33 8.75
C ASN A 32 -6.24 2.13 7.49
N ILE A 33 -7.26 2.35 6.67
CA ILE A 33 -7.08 3.10 5.44
C ILE A 33 -7.96 4.35 5.48
N ARG A 34 -7.41 5.44 4.93
CA ARG A 34 -8.14 6.70 4.90
C ARG A 34 -7.79 7.48 3.62
N GLY A 35 -8.45 8.61 3.47
CA GLY A 35 -8.22 9.46 2.31
C GLY A 35 -9.48 9.55 1.44
N GLY A 36 -9.26 9.84 0.17
CA GLY A 36 -10.37 9.95 -0.77
C GLY A 36 -10.98 11.36 -0.72
N LYS A 37 -12.13 11.43 -0.08
CA LYS A 37 -12.83 12.71 0.05
C LYS A 37 -13.50 13.06 -1.29
N ALA A 38 -14.35 14.06 -1.23
CA ALA A 38 -15.07 14.50 -2.42
C ALA A 38 -14.06 14.72 -3.56
N SER A 39 -13.12 15.62 -3.30
CA SER A 39 -12.11 15.94 -4.29
C SER A 39 -11.65 14.66 -5.00
N GLN A 40 -10.76 13.93 -4.32
CA GLN A 40 -10.24 12.70 -4.87
C GLN A 40 -9.12 12.16 -3.98
N LEU A 41 -8.11 13.01 -3.78
CA LEU A 41 -6.97 12.63 -2.95
C LEU A 41 -6.56 11.20 -3.28
N GLY A 42 -6.05 10.51 -2.27
CA GLY A 42 -5.62 9.14 -2.43
C GLY A 42 -5.75 8.36 -1.11
N ILE A 43 -5.41 7.07 -1.18
CA ILE A 43 -5.48 6.22 -0.02
C ILE A 43 -4.14 6.25 0.71
N PHE A 44 -4.21 6.41 2.03
CA PHE A 44 -3.01 6.45 2.85
C PHE A 44 -3.14 5.53 4.06
N ILE A 45 -2.00 5.19 4.62
CA ILE A 45 -1.97 4.32 5.79
C ILE A 45 -2.48 5.09 7.01
N SER A 46 -3.79 5.11 7.15
CA SER A 46 -4.42 5.81 8.25
C SER A 46 -3.74 5.43 9.57
N LYS A 47 -3.81 4.14 9.89
CA LYS A 47 -3.20 3.63 11.10
C LYS A 47 -2.68 2.22 10.86
N VAL A 48 -1.74 1.80 11.71
CA VAL A 48 -1.16 0.48 11.59
C VAL A 48 -1.12 -0.17 12.98
N ILE A 49 -1.60 -1.41 13.03
CA ILE A 49 -1.62 -2.15 14.27
C ILE A 49 -0.19 -2.44 14.72
N PRO A 50 0.11 -2.06 15.98
CA PRO A 50 1.43 -2.28 16.54
C PRO A 50 1.65 -3.75 16.89
N ASP A 51 1.45 -4.60 15.89
CA ASP A 51 1.62 -6.03 16.09
C ASP A 51 0.93 -6.78 14.94
N SER A 52 1.13 -6.26 13.74
CA SER A 52 0.54 -6.87 12.56
C SER A 52 1.62 -7.16 11.52
N ASP A 53 1.17 -7.63 10.37
CA ASP A 53 2.10 -7.96 9.29
C ASP A 53 2.56 -6.67 8.62
N ALA A 54 1.65 -5.70 8.54
CA ALA A 54 1.95 -4.42 7.93
C ALA A 54 3.00 -3.70 8.77
N HIS A 55 2.86 -3.84 10.08
CA HIS A 55 3.78 -3.19 11.01
C HIS A 55 5.21 -3.63 10.69
N ARG A 56 5.34 -4.91 10.35
CA ARG A 56 6.64 -5.48 10.03
C ARG A 56 6.98 -5.20 8.55
N ALA A 57 5.98 -5.41 7.71
CA ALA A 57 6.17 -5.19 6.29
C ALA A 57 6.99 -3.91 6.06
N GLY A 58 6.75 -2.93 6.93
CA GLY A 58 7.45 -1.67 6.84
C GLY A 58 6.47 -0.52 6.55
N LEU A 59 5.31 -0.61 7.17
CA LEU A 59 4.28 0.41 6.99
C LEU A 59 4.41 1.45 8.10
N GLN A 60 4.17 2.69 7.73
CA GLN A 60 4.24 3.79 8.69
C GLN A 60 3.18 4.85 8.38
N GLU A 61 2.56 5.35 9.43
CA GLU A 61 1.53 6.36 9.28
C GLU A 61 2.04 7.50 8.39
N GLY A 62 1.56 7.50 7.16
CA GLY A 62 1.95 8.53 6.20
C GLY A 62 2.06 7.94 4.79
N ASP A 63 2.60 6.75 4.72
CA ASP A 63 2.78 6.07 3.45
C ASP A 63 1.47 6.14 2.65
N GLN A 64 1.61 6.38 1.36
CA GLN A 64 0.45 6.48 0.49
C GLN A 64 0.32 5.20 -0.36
N VAL A 65 -0.92 4.77 -0.51
CA VAL A 65 -1.20 3.57 -1.29
C VAL A 65 -1.60 3.97 -2.71
N LEU A 66 -0.65 3.78 -3.62
CA LEU A 66 -0.90 4.12 -5.02
C LEU A 66 -1.90 3.14 -5.62
N ALA A 67 -1.50 1.88 -5.65
CA ALA A 67 -2.36 0.83 -6.19
C ALA A 67 -2.36 -0.36 -5.23
N VAL A 68 -3.41 -1.16 -5.34
CA VAL A 68 -3.55 -2.33 -4.49
C VAL A 68 -4.02 -3.52 -5.34
N ASN A 69 -3.11 -4.47 -5.53
CA ASN A 69 -3.43 -5.65 -6.31
C ASN A 69 -3.51 -5.27 -7.80
N ASP A 70 -2.67 -4.31 -8.17
CA ASP A 70 -2.64 -3.85 -9.55
C ASP A 70 -3.90 -3.04 -9.84
N VAL A 71 -4.50 -2.52 -8.77
CA VAL A 71 -5.70 -1.72 -8.91
C VAL A 71 -5.39 -0.27 -8.55
N ASP A 72 -5.92 0.63 -9.34
CA ASP A 72 -5.72 2.05 -9.12
C ASP A 72 -6.49 2.48 -7.86
N PHE A 73 -5.72 2.89 -6.86
CA PHE A 73 -6.32 3.33 -5.60
C PHE A 73 -6.34 4.85 -5.51
N GLN A 74 -5.54 5.48 -6.37
CA GLN A 74 -5.46 6.93 -6.39
C GLN A 74 -6.85 7.54 -6.25
N ASP A 75 -7.85 6.79 -6.70
CA ASP A 75 -9.22 7.25 -6.63
C ASP A 75 -10.14 6.04 -6.39
N ILE A 76 -10.19 5.63 -5.14
CA ILE A 76 -11.03 4.49 -4.76
C ILE A 76 -11.77 4.82 -3.47
N GLU A 77 -12.91 4.18 -3.30
CA GLU A 77 -13.73 4.39 -2.11
C GLU A 77 -13.10 3.69 -0.91
N HIS A 78 -13.19 4.37 0.23
CA HIS A 78 -12.64 3.82 1.46
C HIS A 78 -13.05 2.36 1.61
N SER A 79 -14.35 2.16 1.81
CA SER A 79 -14.89 0.82 1.97
C SER A 79 -14.32 -0.09 0.89
N LYS A 80 -14.36 0.40 -0.34
CA LYS A 80 -13.86 -0.36 -1.47
C LYS A 80 -12.42 -0.81 -1.19
N ALA A 81 -11.61 0.15 -0.75
CA ALA A 81 -10.22 -0.13 -0.44
C ALA A 81 -10.15 -1.18 0.69
N VAL A 82 -11.00 -0.97 1.69
CA VAL A 82 -11.04 -1.88 2.82
C VAL A 82 -11.40 -3.29 2.33
N GLU A 83 -12.45 -3.34 1.52
CA GLU A 83 -12.91 -4.61 0.98
C GLU A 83 -11.82 -5.24 0.12
N ILE A 84 -11.42 -4.51 -0.91
CA ILE A 84 -10.39 -4.99 -1.82
C ILE A 84 -9.28 -5.65 -1.01
N LEU A 85 -8.61 -4.85 -0.18
CA LEU A 85 -7.54 -5.36 0.64
C LEU A 85 -7.95 -6.68 1.27
N LYS A 86 -9.14 -6.68 1.85
CA LYS A 86 -9.67 -7.89 2.48
C LYS A 86 -9.80 -8.99 1.44
N THR A 87 -10.76 -8.83 0.54
CA THR A 87 -10.99 -9.80 -0.50
C THR A 87 -9.67 -10.31 -1.06
N ALA A 88 -8.92 -9.40 -1.67
CA ALA A 88 -7.64 -9.73 -2.25
C ALA A 88 -6.90 -10.69 -1.31
N ARG A 89 -6.96 -11.96 -1.65
CA ARG A 89 -6.30 -12.98 -0.85
C ARG A 89 -4.95 -12.47 -0.35
N GLU A 90 -4.15 -11.98 -1.29
CA GLU A 90 -2.84 -11.46 -0.97
C GLU A 90 -2.76 -9.96 -1.28
N ILE A 91 -2.33 -9.21 -0.28
CA ILE A 91 -2.20 -7.77 -0.43
C ILE A 91 -0.87 -7.44 -1.10
N SER A 92 -0.95 -6.66 -2.17
CA SER A 92 0.23 -6.27 -2.91
C SER A 92 0.04 -4.87 -3.49
N MET A 93 0.11 -3.88 -2.61
CA MET A 93 -0.04 -2.49 -3.03
C MET A 93 1.32 -1.82 -3.21
N ARG A 94 1.30 -0.73 -3.95
CA ARG A 94 2.52 0.02 -4.21
C ARG A 94 2.50 1.36 -3.46
N VAL A 95 3.41 1.47 -2.50
CA VAL A 95 3.50 2.68 -1.71
C VAL A 95 4.77 3.45 -2.10
N ARG A 96 4.78 4.72 -1.74
CA ARG A 96 5.92 5.58 -2.05
C ARG A 96 6.09 6.64 -0.97
N PHE A 97 7.34 6.89 -0.61
CA PHE A 97 7.65 7.88 0.39
C PHE A 97 7.23 9.28 -0.06
N PHE A 98 6.15 9.76 0.53
CA PHE A 98 5.64 11.08 0.20
C PHE A 98 5.84 12.06 1.36
N SER A 99 7.10 12.33 1.64
CA SER A 99 7.45 13.24 2.71
C SER A 99 6.73 12.84 4.00
N GLY A 100 7.42 12.06 4.81
CA GLY A 100 6.86 11.60 6.07
C GLY A 100 7.24 12.53 7.22
N PRO A 101 7.40 11.93 8.42
CA PRO A 101 7.76 12.69 9.60
C PRO A 101 9.24 13.09 9.57
N SER A 102 9.50 14.30 10.03
CA SER A 102 10.87 14.81 10.05
C SER A 102 11.49 14.72 8.66
N SER A 103 11.03 15.61 7.79
CA SER A 103 11.53 15.65 6.43
C SER A 103 11.69 17.10 5.97
N GLY A 104 12.75 17.32 5.19
CA GLY A 104 13.03 18.65 4.68
C GLY A 104 14.46 19.07 5.01
N GLY A 1 3.09 5.10 -26.20
CA GLY A 1 3.73 3.79 -26.12
C GLY A 1 5.10 3.89 -25.45
N SER A 2 5.87 2.83 -25.59
CA SER A 2 7.21 2.79 -25.00
C SER A 2 8.21 2.26 -26.03
N SER A 3 9.49 2.42 -25.70
CA SER A 3 10.55 1.97 -26.57
C SER A 3 10.35 0.49 -26.91
N GLY A 4 10.72 0.14 -28.13
CA GLY A 4 10.59 -1.24 -28.58
C GLY A 4 11.96 -1.93 -28.63
N SER A 5 12.53 -2.13 -27.46
CA SER A 5 13.83 -2.78 -27.36
C SER A 5 13.85 -3.72 -26.16
N SER A 6 14.85 -4.59 -26.15
CA SER A 6 15.00 -5.55 -25.08
C SER A 6 14.95 -4.83 -23.72
N GLY A 7 14.16 -5.39 -22.82
CA GLY A 7 14.01 -4.81 -21.49
C GLY A 7 15.09 -5.33 -20.55
N ASN A 8 16.02 -4.44 -20.21
CA ASN A 8 17.11 -4.79 -19.31
C ASN A 8 18.06 -3.61 -19.18
N ASN A 9 18.04 -3.01 -18.00
CA ASN A 9 18.89 -1.87 -17.72
C ASN A 9 18.77 -1.48 -16.25
N GLU A 10 17.54 -1.18 -15.85
CA GLU A 10 17.26 -0.81 -14.47
C GLU A 10 17.88 0.56 -14.17
N LEU A 11 17.04 1.47 -13.70
CA LEU A 11 17.48 2.81 -13.37
C LEU A 11 16.74 3.30 -12.13
N THR A 12 17.16 2.81 -10.98
CA THR A 12 16.54 3.19 -9.72
C THR A 12 16.92 4.63 -9.36
N GLN A 13 15.95 5.33 -8.78
CA GLN A 13 16.16 6.71 -8.39
C GLN A 13 15.21 7.08 -7.25
N PHE A 14 13.95 6.72 -7.43
CA PHE A 14 12.94 7.01 -6.43
C PHE A 14 11.70 6.14 -6.63
N LEU A 15 11.92 4.98 -7.23
CA LEU A 15 10.84 4.05 -7.49
C LEU A 15 10.16 3.69 -6.17
N PRO A 16 8.87 3.30 -6.27
CA PRO A 16 8.09 2.92 -5.10
C PRO A 16 8.50 1.54 -4.59
N ARG A 17 7.65 0.97 -3.75
CA ARG A 17 7.91 -0.34 -3.19
C ARG A 17 6.61 -1.15 -3.10
N ILE A 18 6.77 -2.46 -3.03
CA ILE A 18 5.62 -3.35 -2.95
C ILE A 18 5.56 -3.96 -1.55
N VAL A 19 4.58 -3.50 -0.78
CA VAL A 19 4.39 -4.00 0.57
C VAL A 19 3.36 -5.13 0.57
N THR A 20 3.86 -6.35 0.52
CA THR A 20 3.00 -7.51 0.51
C THR A 20 2.67 -7.95 1.94
N LEU A 21 1.40 -8.27 2.15
CA LEU A 21 0.95 -8.70 3.47
C LEU A 21 0.73 -10.21 3.45
N LYS A 22 0.52 -10.77 4.64
CA LYS A 22 0.30 -12.19 4.78
C LYS A 22 -1.12 -12.44 5.28
N LYS A 23 -1.75 -11.36 5.73
CA LYS A 23 -3.11 -11.43 6.24
C LYS A 23 -3.92 -12.41 5.37
N PRO A 24 -4.59 -13.36 6.07
CA PRO A 24 -5.40 -14.35 5.39
C PRO A 24 -6.72 -13.74 4.89
N PRO A 25 -7.31 -14.41 3.86
CA PRO A 25 -8.56 -13.94 3.29
C PRO A 25 -9.74 -14.24 4.21
N GLY A 26 -9.64 -13.72 5.43
CA GLY A 26 -10.68 -13.92 6.42
C GLY A 26 -10.18 -13.56 7.82
N ALA A 27 -9.44 -12.48 7.89
CA ALA A 27 -8.89 -12.02 9.16
C ALA A 27 -8.70 -10.50 9.09
N GLN A 28 -8.31 -9.94 10.24
CA GLN A 28 -8.08 -8.50 10.33
C GLN A 28 -6.90 -8.10 9.44
N LEU A 29 -6.97 -6.88 8.93
CA LEU A 29 -5.92 -6.36 8.08
C LEU A 29 -4.66 -6.11 8.92
N GLY A 30 -4.75 -5.07 9.75
CA GLY A 30 -3.64 -4.71 10.61
C GLY A 30 -3.31 -3.21 10.49
N PHE A 31 -4.05 -2.55 9.61
CA PHE A 31 -3.86 -1.13 9.39
C PHE A 31 -5.18 -0.44 9.04
N ASN A 32 -5.18 0.88 9.18
CA ASN A 32 -6.37 1.66 8.88
C ASN A 32 -6.11 2.51 7.65
N ILE A 33 -7.08 2.50 6.73
CA ILE A 33 -6.98 3.27 5.51
C ILE A 33 -7.84 4.52 5.63
N ARG A 34 -7.41 5.56 4.93
CA ARG A 34 -8.13 6.83 4.95
C ARG A 34 -7.82 7.63 3.68
N GLY A 35 -8.52 8.75 3.54
CA GLY A 35 -8.33 9.61 2.39
C GLY A 35 -9.36 9.32 1.30
N GLY A 36 -9.10 9.86 0.11
CA GLY A 36 -9.99 9.66 -1.00
C GLY A 36 -10.61 10.98 -1.46
N LYS A 37 -11.85 10.90 -1.90
CA LYS A 37 -12.57 12.08 -2.37
C LYS A 37 -11.84 12.66 -3.58
N ALA A 38 -12.51 13.60 -4.23
CA ALA A 38 -11.96 14.24 -5.41
C ALA A 38 -11.41 15.62 -5.02
N SER A 39 -10.11 15.65 -4.75
CA SER A 39 -9.46 16.90 -4.36
C SER A 39 -7.97 16.65 -4.11
N GLN A 40 -7.35 15.95 -5.04
CA GLN A 40 -5.94 15.65 -4.93
C GLN A 40 -5.66 14.84 -3.66
N LEU A 41 -6.28 13.67 -3.60
CA LEU A 41 -6.12 12.79 -2.45
C LEU A 41 -5.97 11.35 -2.92
N GLY A 42 -6.12 10.43 -1.98
CA GLY A 42 -6.01 9.02 -2.29
C GLY A 42 -6.09 8.17 -1.02
N ILE A 43 -5.52 6.97 -1.10
CA ILE A 43 -5.54 6.06 0.03
C ILE A 43 -4.20 6.18 0.77
N PHE A 44 -4.32 6.31 2.09
CA PHE A 44 -3.14 6.44 2.93
C PHE A 44 -3.25 5.55 4.17
N ILE A 45 -2.11 5.11 4.66
CA ILE A 45 -2.06 4.26 5.83
C ILE A 45 -2.48 5.06 7.06
N SER A 46 -3.78 5.28 7.17
CA SER A 46 -4.31 6.04 8.28
C SER A 46 -3.56 5.67 9.58
N LYS A 47 -3.66 4.40 9.93
CA LYS A 47 -3.00 3.91 11.13
C LYS A 47 -2.52 2.48 10.90
N VAL A 48 -1.58 2.06 11.73
CA VAL A 48 -1.03 0.72 11.62
C VAL A 48 -1.10 0.04 12.99
N ILE A 49 -1.55 -1.22 12.97
CA ILE A 49 -1.67 -1.99 14.20
C ILE A 49 -0.27 -2.24 14.77
N PRO A 50 -0.12 -1.90 16.07
CA PRO A 50 1.15 -2.09 16.75
C PRO A 50 1.38 -3.56 17.08
N ASP A 51 1.32 -4.38 16.05
CA ASP A 51 1.52 -5.81 16.22
C ASP A 51 0.82 -6.56 15.08
N SER A 52 1.03 -6.07 13.87
CA SER A 52 0.43 -6.67 12.70
C SER A 52 1.48 -6.82 11.59
N ASP A 53 1.07 -7.50 10.52
CA ASP A 53 1.96 -7.72 9.40
C ASP A 53 2.34 -6.37 8.78
N ALA A 54 1.41 -5.43 8.87
CA ALA A 54 1.63 -4.10 8.34
C ALA A 54 2.73 -3.40 9.14
N HIS A 55 2.81 -3.77 10.41
CA HIS A 55 3.81 -3.19 11.29
C HIS A 55 5.17 -3.84 11.02
N ARG A 56 5.13 -5.14 10.73
CA ARG A 56 6.35 -5.87 10.45
C ARG A 56 6.72 -5.74 8.97
N ALA A 57 5.76 -5.29 8.19
CA ALA A 57 5.97 -5.12 6.76
C ALA A 57 6.67 -3.77 6.52
N GLY A 58 6.82 -3.02 7.60
CA GLY A 58 7.46 -1.71 7.50
C GLY A 58 6.41 -0.61 7.30
N LEU A 59 5.17 -1.03 7.12
CA LEU A 59 4.09 -0.09 6.92
C LEU A 59 4.12 0.96 8.03
N GLN A 60 3.83 2.20 7.64
CA GLN A 60 3.81 3.30 8.58
C GLN A 60 2.79 4.36 8.15
N GLU A 61 2.60 5.34 9.02
CA GLU A 61 1.65 6.41 8.76
C GLU A 61 2.24 7.38 7.72
N GLY A 62 1.57 7.46 6.58
CA GLY A 62 2.01 8.35 5.52
C GLY A 62 2.21 7.58 4.21
N ASP A 63 2.54 6.31 4.36
CA ASP A 63 2.76 5.45 3.21
C ASP A 63 1.53 5.51 2.30
N GLN A 64 1.63 6.35 1.27
CA GLN A 64 0.55 6.49 0.32
C GLN A 64 0.41 5.24 -0.54
N VAL A 65 -0.82 4.76 -0.65
CA VAL A 65 -1.10 3.58 -1.43
C VAL A 65 -1.36 3.98 -2.89
N LEU A 66 -0.33 3.85 -3.70
CA LEU A 66 -0.43 4.20 -5.12
C LEU A 66 -1.50 3.33 -5.78
N ALA A 67 -1.23 2.03 -5.79
CA ALA A 67 -2.15 1.08 -6.38
C ALA A 67 -2.18 -0.20 -5.54
N VAL A 68 -3.26 -0.94 -5.69
CA VAL A 68 -3.43 -2.18 -4.95
C VAL A 68 -3.97 -3.26 -5.88
N ASN A 69 -3.35 -4.43 -5.80
CA ASN A 69 -3.76 -5.56 -6.63
C ASN A 69 -4.06 -5.05 -8.04
N ASP A 70 -3.24 -4.13 -8.50
CA ASP A 70 -3.41 -3.56 -9.83
C ASP A 70 -4.40 -2.39 -9.75
N VAL A 71 -5.48 -2.63 -9.04
CA VAL A 71 -6.51 -1.61 -8.89
C VAL A 71 -5.87 -0.34 -8.30
N ASP A 72 -6.03 0.75 -9.04
CA ASP A 72 -5.48 2.02 -8.61
C ASP A 72 -6.29 2.54 -7.42
N PHE A 73 -5.57 3.12 -6.46
CA PHE A 73 -6.21 3.66 -5.27
C PHE A 73 -6.15 5.19 -5.27
N GLN A 74 -5.61 5.73 -6.34
CA GLN A 74 -5.49 7.17 -6.48
C GLN A 74 -6.84 7.84 -6.22
N ASP A 75 -7.89 7.05 -6.37
CA ASP A 75 -9.25 7.56 -6.17
C ASP A 75 -10.21 6.37 -6.05
N ILE A 76 -10.24 5.79 -4.87
CA ILE A 76 -11.11 4.66 -4.61
C ILE A 76 -11.83 4.86 -3.28
N GLU A 77 -12.94 4.15 -3.13
CA GLU A 77 -13.72 4.24 -1.91
C GLU A 77 -12.99 3.56 -0.75
N HIS A 78 -13.17 4.11 0.44
CA HIS A 78 -12.53 3.58 1.62
C HIS A 78 -12.94 2.12 1.81
N SER A 79 -14.25 1.90 1.76
CA SER A 79 -14.79 0.56 1.92
C SER A 79 -14.14 -0.39 0.91
N LYS A 80 -14.14 0.04 -0.34
CA LYS A 80 -13.56 -0.77 -1.40
C LYS A 80 -12.10 -1.09 -1.06
N ALA A 81 -11.38 -0.06 -0.69
CA ALA A 81 -9.98 -0.22 -0.33
C ALA A 81 -9.86 -1.28 0.77
N VAL A 82 -10.82 -1.25 1.67
CA VAL A 82 -10.84 -2.20 2.78
C VAL A 82 -11.24 -3.59 2.25
N GLU A 83 -12.23 -3.58 1.36
CA GLU A 83 -12.71 -4.82 0.78
C GLU A 83 -11.63 -5.45 -0.10
N ILE A 84 -11.24 -4.71 -1.13
CA ILE A 84 -10.22 -5.18 -2.05
C ILE A 84 -9.12 -5.89 -1.27
N LEU A 85 -8.54 -5.15 -0.33
CA LEU A 85 -7.47 -5.69 0.51
C LEU A 85 -7.89 -7.07 1.02
N LYS A 86 -9.04 -7.10 1.68
CA LYS A 86 -9.55 -8.34 2.24
C LYS A 86 -9.76 -9.35 1.10
N THR A 87 -10.74 -9.05 0.26
CA THR A 87 -11.05 -9.93 -0.86
C THR A 87 -9.76 -10.48 -1.47
N ALA A 88 -8.89 -9.56 -1.85
CA ALA A 88 -7.62 -9.94 -2.45
C ALA A 88 -6.88 -10.89 -1.50
N ARG A 89 -6.97 -12.18 -1.81
CA ARG A 89 -6.32 -13.19 -1.00
C ARG A 89 -4.95 -12.68 -0.53
N GLU A 90 -4.20 -12.14 -1.46
CA GLU A 90 -2.87 -11.61 -1.15
C GLU A 90 -2.81 -10.12 -1.43
N ILE A 91 -2.41 -9.37 -0.42
CA ILE A 91 -2.30 -7.92 -0.55
C ILE A 91 -0.95 -7.57 -1.19
N SER A 92 -1.02 -6.84 -2.29
CA SER A 92 0.19 -6.44 -2.98
C SER A 92 0.02 -5.02 -3.54
N MET A 93 0.13 -4.05 -2.64
CA MET A 93 -0.02 -2.65 -3.02
C MET A 93 1.35 -1.99 -3.20
N ARG A 94 1.34 -0.85 -3.89
CA ARG A 94 2.57 -0.12 -4.13
C ARG A 94 2.55 1.21 -3.38
N VAL A 95 3.46 1.33 -2.43
CA VAL A 95 3.57 2.54 -1.64
C VAL A 95 4.85 3.30 -2.01
N ARG A 96 4.88 4.57 -1.64
CA ARG A 96 6.04 5.40 -1.93
C ARG A 96 6.27 6.41 -0.79
N PHE A 97 7.51 6.46 -0.33
CA PHE A 97 7.86 7.37 0.75
C PHE A 97 7.20 8.73 0.55
N PHE A 98 6.09 8.92 1.24
CA PHE A 98 5.36 10.18 1.16
C PHE A 98 5.81 11.15 2.25
N SER A 99 7.09 11.50 2.20
CA SER A 99 7.66 12.41 3.17
C SER A 99 9.13 12.66 2.86
N GLY A 100 9.54 13.91 3.02
CA GLY A 100 10.91 14.29 2.76
C GLY A 100 11.70 14.43 4.06
N PRO A 101 13.03 14.65 3.91
CA PRO A 101 13.90 14.80 5.06
C PRO A 101 13.72 16.19 5.70
N SER A 102 13.93 16.23 7.01
CA SER A 102 13.79 17.47 7.75
C SER A 102 14.88 17.57 8.82
N SER A 103 14.89 16.58 9.70
CA SER A 103 15.86 16.55 10.78
C SER A 103 17.22 16.08 10.23
N GLY A 104 18.07 17.05 9.94
CA GLY A 104 19.39 16.74 9.42
C GLY A 104 19.84 17.81 8.41
N GLY A 1 4.96 -17.00 -31.56
CA GLY A 1 4.57 -17.23 -30.18
C GLY A 1 5.27 -16.24 -29.25
N SER A 2 4.87 -16.31 -27.98
CA SER A 2 5.44 -15.41 -26.98
C SER A 2 5.24 -16.01 -25.58
N SER A 3 6.01 -15.51 -24.64
CA SER A 3 5.93 -15.97 -23.26
C SER A 3 6.19 -14.81 -22.30
N GLY A 4 5.92 -15.07 -21.03
CA GLY A 4 6.12 -14.07 -20.00
C GLY A 4 7.58 -14.02 -19.55
N SER A 5 8.08 -12.80 -19.40
CA SER A 5 9.46 -12.61 -18.98
C SER A 5 9.67 -11.16 -18.54
N SER A 6 10.79 -10.93 -17.87
CA SER A 6 11.12 -9.61 -17.39
C SER A 6 12.52 -9.21 -17.87
N GLY A 7 12.65 -7.93 -18.22
CA GLY A 7 13.92 -7.41 -18.69
C GLY A 7 13.73 -6.45 -19.87
N ASN A 8 13.33 -5.23 -19.53
CA ASN A 8 13.11 -4.22 -20.54
C ASN A 8 13.25 -2.83 -19.92
N ASN A 9 12.51 -2.64 -18.82
CA ASN A 9 12.55 -1.37 -18.12
C ASN A 9 13.93 -1.17 -17.49
N GLU A 10 14.26 0.10 -17.25
CA GLU A 10 15.55 0.43 -16.67
C GLU A 10 15.57 1.90 -16.24
N LEU A 11 14.53 2.27 -15.50
CA LEU A 11 14.42 3.64 -15.01
C LEU A 11 14.51 3.65 -13.48
N THR A 12 15.55 2.98 -12.99
CA THR A 12 15.76 2.90 -11.55
C THR A 12 16.34 4.21 -11.03
N GLN A 13 15.54 4.89 -10.22
CA GLN A 13 15.97 6.16 -9.64
C GLN A 13 15.28 6.39 -8.29
N PHE A 14 13.98 6.17 -8.28
CA PHE A 14 13.20 6.35 -7.07
C PHE A 14 11.88 5.56 -7.14
N LEU A 15 11.95 4.42 -7.82
CA LEU A 15 10.78 3.58 -7.97
C LEU A 15 10.17 3.31 -6.60
N PRO A 16 8.86 2.94 -6.62
CA PRO A 16 8.14 2.65 -5.38
C PRO A 16 8.56 1.29 -4.81
N ARG A 17 7.73 0.80 -3.91
CA ARG A 17 7.99 -0.49 -3.28
C ARG A 17 6.70 -1.29 -3.16
N ILE A 18 6.86 -2.61 -3.04
CA ILE A 18 5.72 -3.50 -2.92
C ILE A 18 5.72 -4.12 -1.51
N VAL A 19 4.72 -3.74 -0.73
CA VAL A 19 4.60 -4.25 0.62
C VAL A 19 3.50 -5.32 0.67
N THR A 20 3.92 -6.56 0.55
CA THR A 20 2.97 -7.67 0.58
C THR A 20 2.56 -7.99 2.01
N LEU A 21 1.26 -8.20 2.18
CA LEU A 21 0.72 -8.50 3.49
C LEU A 21 0.00 -9.86 3.44
N LYS A 22 -0.08 -10.50 4.59
CA LYS A 22 -0.73 -11.79 4.69
C LYS A 22 -2.23 -11.59 5.00
N LYS A 23 -2.49 -11.13 6.21
CA LYS A 23 -3.86 -10.89 6.63
C LYS A 23 -4.65 -12.21 6.58
N PRO A 24 -5.28 -12.54 7.74
CA PRO A 24 -6.06 -13.77 7.84
C PRO A 24 -7.39 -13.62 7.11
N PRO A 25 -8.03 -14.80 6.83
CA PRO A 25 -9.31 -14.80 6.13
C PRO A 25 -10.44 -14.38 7.07
N GLY A 26 -10.73 -13.08 7.05
CA GLY A 26 -11.78 -12.54 7.89
C GLY A 26 -11.19 -11.69 9.02
N ALA A 27 -10.19 -10.90 8.67
CA ALA A 27 -9.53 -10.04 9.64
C ALA A 27 -9.95 -8.59 9.38
N GLN A 28 -9.66 -7.75 10.37
CA GLN A 28 -10.00 -6.34 10.27
C GLN A 28 -8.80 -5.53 9.75
N LEU A 29 -7.95 -6.24 9.01
CA LEU A 29 -6.77 -5.61 8.45
C LEU A 29 -5.83 -5.19 9.58
N GLY A 30 -4.54 -5.38 9.34
CA GLY A 30 -3.53 -5.02 10.33
C GLY A 30 -3.24 -3.51 10.30
N PHE A 31 -4.04 -2.81 9.52
CA PHE A 31 -3.88 -1.37 9.40
C PHE A 31 -5.21 -0.69 9.06
N ASN A 32 -5.17 0.63 9.02
CA ASN A 32 -6.37 1.40 8.71
C ASN A 32 -6.12 2.22 7.44
N ILE A 33 -7.23 2.57 6.78
CA ILE A 33 -7.14 3.35 5.56
C ILE A 33 -8.07 4.55 5.67
N ARG A 34 -7.57 5.70 5.21
CA ARG A 34 -8.34 6.92 5.25
C ARG A 34 -8.16 7.71 3.95
N GLY A 35 -8.86 8.83 3.87
CA GLY A 35 -8.79 9.68 2.70
C GLY A 35 -9.42 8.99 1.49
N GLY A 36 -9.98 9.81 0.61
CA GLY A 36 -10.63 9.29 -0.59
C GLY A 36 -12.02 9.91 -0.77
N LYS A 37 -12.42 10.02 -2.03
CA LYS A 37 -13.72 10.58 -2.35
C LYS A 37 -14.00 11.77 -1.43
N ALA A 38 -13.54 12.94 -1.88
CA ALA A 38 -13.72 14.15 -1.11
C ALA A 38 -13.15 15.34 -1.89
N SER A 39 -11.83 15.30 -2.06
CA SER A 39 -11.15 16.36 -2.78
C SER A 39 -9.86 15.81 -3.41
N GLN A 40 -10.03 15.17 -4.56
CA GLN A 40 -8.90 14.59 -5.27
C GLN A 40 -7.93 13.92 -4.29
N LEU A 41 -8.52 13.30 -3.28
CA LEU A 41 -7.73 12.62 -2.27
C LEU A 41 -7.60 11.13 -2.63
N GLY A 42 -6.57 10.51 -2.09
CA GLY A 42 -6.33 9.10 -2.35
C GLY A 42 -6.41 8.27 -1.06
N ILE A 43 -5.71 7.16 -1.06
CA ILE A 43 -5.69 6.28 0.10
C ILE A 43 -4.34 6.40 0.80
N PHE A 44 -4.40 6.36 2.13
CA PHE A 44 -3.19 6.46 2.93
C PHE A 44 -3.28 5.58 4.18
N ILE A 45 -2.12 5.18 4.67
CA ILE A 45 -2.06 4.34 5.85
C ILE A 45 -2.45 5.15 7.07
N SER A 46 -3.76 5.34 7.23
CA SER A 46 -4.27 6.10 8.36
C SER A 46 -3.60 5.65 9.65
N LYS A 47 -3.70 4.36 9.91
CA LYS A 47 -3.10 3.79 11.11
C LYS A 47 -2.62 2.37 10.81
N VAL A 48 -1.72 1.89 11.66
CA VAL A 48 -1.19 0.54 11.49
C VAL A 48 -1.20 -0.16 12.85
N ILE A 49 -1.62 -1.43 12.82
CA ILE A 49 -1.67 -2.22 14.02
C ILE A 49 -0.26 -2.46 14.55
N PRO A 50 -0.04 -2.07 15.84
CA PRO A 50 1.26 -2.23 16.46
C PRO A 50 1.51 -3.69 16.83
N ASP A 51 1.39 -4.56 15.82
CA ASP A 51 1.60 -5.98 16.03
C ASP A 51 0.94 -6.76 14.90
N SER A 52 1.15 -6.27 13.68
CA SER A 52 0.59 -6.91 12.50
C SER A 52 1.69 -7.17 11.47
N ASP A 53 1.25 -7.59 10.29
CA ASP A 53 2.19 -7.89 9.22
C ASP A 53 2.67 -6.58 8.59
N ALA A 54 1.77 -5.63 8.52
CA ALA A 54 2.08 -4.32 7.95
C ALA A 54 3.15 -3.64 8.82
N HIS A 55 2.95 -3.74 10.13
CA HIS A 55 3.87 -3.13 11.08
C HIS A 55 5.28 -3.65 10.82
N ARG A 56 5.34 -4.91 10.38
CA ARG A 56 6.62 -5.54 10.10
C ARG A 56 7.02 -5.28 8.64
N ALA A 57 6.04 -5.41 7.76
CA ALA A 57 6.27 -5.19 6.35
C ALA A 57 7.08 -3.90 6.15
N GLY A 58 6.90 -2.98 7.08
CA GLY A 58 7.61 -1.71 7.02
C GLY A 58 6.64 -0.56 6.74
N LEU A 59 5.42 -0.71 7.21
CA LEU A 59 4.40 0.30 7.02
C LEU A 59 4.50 1.34 8.14
N GLN A 60 4.27 2.59 7.77
CA GLN A 60 4.33 3.68 8.71
C GLN A 60 3.31 4.76 8.36
N GLU A 61 2.68 5.31 9.39
CA GLU A 61 1.68 6.34 9.20
C GLU A 61 2.21 7.43 8.27
N GLY A 62 1.72 7.41 7.04
CA GLY A 62 2.15 8.39 6.06
C GLY A 62 2.25 7.76 4.67
N ASP A 63 2.60 6.49 4.65
CA ASP A 63 2.73 5.75 3.40
C ASP A 63 1.41 5.82 2.63
N GLN A 64 1.53 6.10 1.35
CA GLN A 64 0.36 6.19 0.49
C GLN A 64 0.28 4.97 -0.43
N VAL A 65 -0.93 4.46 -0.57
CA VAL A 65 -1.17 3.30 -1.42
C VAL A 65 -1.44 3.77 -2.85
N LEU A 66 -0.48 3.47 -3.73
CA LEU A 66 -0.61 3.85 -5.12
C LEU A 66 -1.59 2.92 -5.82
N ALA A 67 -1.25 1.65 -5.84
CA ALA A 67 -2.09 0.64 -6.47
C ALA A 67 -1.91 -0.70 -5.75
N VAL A 68 -2.96 -1.50 -5.77
CA VAL A 68 -2.93 -2.80 -5.13
C VAL A 68 -3.53 -3.85 -6.08
N ASN A 69 -2.81 -4.95 -6.24
CA ASN A 69 -3.27 -6.02 -7.11
C ASN A 69 -3.70 -5.43 -8.45
N ASP A 70 -3.05 -4.33 -8.81
CA ASP A 70 -3.36 -3.67 -10.07
C ASP A 70 -4.63 -2.84 -9.90
N VAL A 71 -4.80 -2.29 -8.71
CA VAL A 71 -5.96 -1.48 -8.41
C VAL A 71 -5.54 -0.01 -8.29
N ASP A 72 -6.49 0.87 -8.55
CA ASP A 72 -6.24 2.29 -8.48
C ASP A 72 -6.88 2.86 -7.20
N PHE A 73 -6.05 3.08 -6.20
CA PHE A 73 -6.53 3.61 -4.93
C PHE A 73 -6.56 5.14 -4.96
N GLN A 74 -5.72 5.71 -5.81
CA GLN A 74 -5.65 7.15 -5.95
C GLN A 74 -7.05 7.76 -5.86
N ASP A 75 -8.00 7.05 -6.45
CA ASP A 75 -9.38 7.50 -6.45
C ASP A 75 -10.31 6.31 -6.24
N ILE A 76 -10.32 5.81 -5.02
CA ILE A 76 -11.17 4.67 -4.68
C ILE A 76 -11.96 4.98 -3.41
N GLU A 77 -13.01 4.21 -3.21
CA GLU A 77 -13.86 4.39 -2.03
C GLU A 77 -13.30 3.60 -0.84
N HIS A 78 -13.19 4.29 0.28
CA HIS A 78 -12.67 3.68 1.49
C HIS A 78 -13.21 2.26 1.60
N SER A 79 -14.52 2.13 1.47
CA SER A 79 -15.17 0.84 1.56
C SER A 79 -14.55 -0.13 0.55
N LYS A 80 -14.37 0.37 -0.66
CA LYS A 80 -13.79 -0.45 -1.73
C LYS A 80 -12.34 -0.78 -1.36
N ALA A 81 -11.62 0.24 -0.91
CA ALA A 81 -10.24 0.06 -0.52
C ALA A 81 -10.13 -1.07 0.49
N VAL A 82 -11.00 -1.00 1.49
CA VAL A 82 -11.02 -2.01 2.54
C VAL A 82 -11.40 -3.36 1.93
N GLU A 83 -12.20 -3.29 0.88
CA GLU A 83 -12.65 -4.49 0.21
C GLU A 83 -11.50 -5.14 -0.55
N ILE A 84 -10.96 -4.39 -1.52
CA ILE A 84 -9.86 -4.87 -2.32
C ILE A 84 -8.87 -5.64 -1.43
N LEU A 85 -8.54 -5.02 -0.30
CA LEU A 85 -7.62 -5.64 0.64
C LEU A 85 -8.22 -6.94 1.16
N LYS A 86 -9.28 -6.80 1.94
CA LYS A 86 -9.95 -7.97 2.50
C LYS A 86 -10.06 -9.05 1.44
N THR A 87 -10.91 -8.78 0.45
CA THR A 87 -11.11 -9.73 -0.64
C THR A 87 -9.79 -10.41 -1.00
N ALA A 88 -8.91 -9.64 -1.63
CA ALA A 88 -7.61 -10.16 -2.04
C ALA A 88 -6.90 -10.73 -0.82
N ARG A 89 -6.60 -12.02 -0.89
CA ARG A 89 -5.92 -12.70 0.19
C ARG A 89 -4.59 -12.00 0.50
N GLU A 90 -3.83 -11.75 -0.54
CA GLU A 90 -2.54 -11.09 -0.40
C GLU A 90 -2.62 -9.66 -0.93
N ILE A 91 -2.29 -8.72 -0.06
CA ILE A 91 -2.33 -7.31 -0.42
C ILE A 91 -0.94 -6.90 -0.93
N SER A 92 -0.87 -6.72 -2.24
CA SER A 92 0.39 -6.32 -2.88
C SER A 92 0.25 -4.91 -3.46
N MET A 93 0.20 -3.94 -2.55
CA MET A 93 0.07 -2.55 -2.96
C MET A 93 1.45 -1.90 -3.13
N ARG A 94 1.47 -0.83 -3.92
CA ARG A 94 2.71 -0.12 -4.17
C ARG A 94 2.71 1.22 -3.44
N VAL A 95 3.49 1.28 -2.38
CA VAL A 95 3.59 2.50 -1.58
C VAL A 95 4.84 3.28 -2.00
N ARG A 96 4.82 4.56 -1.71
CA ARG A 96 5.93 5.43 -2.04
C ARG A 96 5.98 6.62 -1.09
N PHE A 97 7.20 6.92 -0.63
CA PHE A 97 7.40 8.03 0.29
C PHE A 97 6.98 9.35 -0.35
N PHE A 98 5.78 9.79 0.00
CA PHE A 98 5.25 11.03 -0.53
C PHE A 98 5.32 12.15 0.52
N SER A 99 6.54 12.54 0.85
CA SER A 99 6.75 13.58 1.83
C SER A 99 5.76 13.43 2.99
N GLY A 100 6.18 12.66 3.99
CA GLY A 100 5.35 12.43 5.15
C GLY A 100 6.20 12.35 6.42
N PRO A 101 5.52 12.65 7.57
CA PRO A 101 6.21 12.62 8.86
C PRO A 101 6.43 11.18 9.32
N SER A 102 7.26 11.05 10.35
CA SER A 102 7.56 9.74 10.89
C SER A 102 7.37 9.75 12.41
N SER A 103 6.14 9.48 12.81
CA SER A 103 5.80 9.45 14.24
C SER A 103 6.58 8.34 14.93
N GLY A 104 6.81 8.54 16.22
CA GLY A 104 7.54 7.57 17.01
C GLY A 104 7.17 6.13 16.61
#